data_3B8K
# 
_entry.id   3B8K 
# 
_audit_conform.dict_name       mmcif_pdbx.dic 
_audit_conform.dict_version    5.387 
_audit_conform.dict_location   http://mmcif.pdb.org/dictionaries/ascii/mmcif_pdbx.dic 
# 
loop_
_database_2.database_id 
_database_2.database_code 
_database_2.pdbx_database_accession 
_database_2.pdbx_DOI 
PDB   3B8K         pdb_00003b8k 10.2210/pdb3b8k/pdb 
RCSB  RCSB045213   ?            ?                   
WWPDB D_1000045213 ?            ?                   
# 
loop_
_pdbx_audit_revision_history.ordinal 
_pdbx_audit_revision_history.data_content_type 
_pdbx_audit_revision_history.major_revision 
_pdbx_audit_revision_history.minor_revision 
_pdbx_audit_revision_history.revision_date 
1 'Structure model' 1 0 2008-01-22 
2 'Structure model' 1 1 2011-07-13 
3 'Structure model' 1 2 2018-07-18 
4 'Structure model' 1 3 2024-02-21 
# 
_pdbx_audit_revision_details.ordinal             1 
_pdbx_audit_revision_details.revision_ordinal    1 
_pdbx_audit_revision_details.data_content_type   'Structure model' 
_pdbx_audit_revision_details.provider            repository 
_pdbx_audit_revision_details.type                'Initial release' 
_pdbx_audit_revision_details.description         ? 
_pdbx_audit_revision_details.details             ? 
# 
loop_
_pdbx_audit_revision_group.ordinal 
_pdbx_audit_revision_group.revision_ordinal 
_pdbx_audit_revision_group.data_content_type 
_pdbx_audit_revision_group.group 
1 2 'Structure model' 'Version format compliance' 
2 3 'Structure model' 'Data collection'           
3 4 'Structure model' 'Data collection'           
4 4 'Structure model' 'Database references'       
5 4 'Structure model' 'Refinement description'    
# 
loop_
_pdbx_audit_revision_category.ordinal 
_pdbx_audit_revision_category.revision_ordinal 
_pdbx_audit_revision_category.data_content_type 
_pdbx_audit_revision_category.category 
1 3 'Structure model' em_image_scans                
2 3 'Structure model' em_software                   
3 4 'Structure model' chem_comp_atom                
4 4 'Structure model' chem_comp_bond                
5 4 'Structure model' database_2                    
6 4 'Structure model' em_3d_fitting_list            
7 4 'Structure model' pdbx_initial_refinement_model 
# 
loop_
_pdbx_audit_revision_item.ordinal 
_pdbx_audit_revision_item.revision_ordinal 
_pdbx_audit_revision_item.data_content_type 
_pdbx_audit_revision_item.item 
1 3 'Structure model' '_em_software.image_processing_id'                
2 4 'Structure model' '_database_2.pdbx_DOI'                            
3 4 'Structure model' '_database_2.pdbx_database_accession'             
4 4 'Structure model' '_em_3d_fitting_list.accession_code'              
5 4 'Structure model' '_em_3d_fitting_list.initial_refinement_model_id' 
6 4 'Structure model' '_em_3d_fitting_list.source_name'                 
7 4 'Structure model' '_em_3d_fitting_list.type'                        
# 
_pdbx_database_status.entry_id                        3B8K 
_pdbx_database_status.status_code                     REL 
_pdbx_database_status.deposit_site                    RCSB 
_pdbx_database_status.process_site                    RCSB 
_pdbx_database_status.recvd_initial_deposition_date   2007-11-01 
_pdbx_database_status.SG_entry                        N 
_pdbx_database_status.status_code_sf                  ? 
_pdbx_database_status.status_code_mr                  ? 
_pdbx_database_status.pdb_format_compatible           Y 
_pdbx_database_status.status_code_cs                  ? 
_pdbx_database_status.methods_development_category    ? 
_pdbx_database_status.status_code_nmr_data            ? 
# 
loop_
_pdbx_database_related.db_name 
_pdbx_database_related.db_id 
_pdbx_database_related.details 
_pdbx_database_related.content_type 
PDB  1EAA     'ATOMIC STRUCTURE OF THE CUBIC CORE OF THE PYRUVATE DEHYDROGENASE MULTIENZYME COMPLEX' unspecified            
EMDB EMD-1448 .                                                                                      'associated EM volume' 
# 
loop_
_audit_author.name 
_audit_author.pdbx_ordinal 
'Yu, X.'       1 
'Hiromasa, Y.' 2 
'Tsen, H.'     3 
'Stoops, J.K.' 4 
'Roche, T.E.'  5 
'Zhou, Z.H.'   6 
# 
_citation.id                        primary 
_citation.title                     
'Structures of the human pyruvate dehydrogenase complex cores: a highly conserved catalytic center with flexible N-terminal domains' 
_citation.journal_abbrev            Structure 
_citation.journal_volume            16 
_citation.page_first                104 
_citation.page_last                 114 
_citation.year                      2008 
_citation.journal_id_ASTM           STRUE6 
_citation.country                   UK 
_citation.journal_id_ISSN           0969-2126 
_citation.journal_id_CSD            2005 
_citation.book_publisher            ? 
_citation.pdbx_database_id_PubMed   18184588 
_citation.pdbx_database_id_DOI      10.1016/j.str.2007.10.024 
# 
loop_
_citation_author.citation_id 
_citation_author.name 
_citation_author.ordinal 
_citation_author.identifier_ORCID 
primary 'Yu, X.'       1 ? 
primary 'Hiromasa, Y.' 2 ? 
primary 'Tsen, H.'     3 ? 
primary 'Stoops, J.K.' 4 ? 
primary 'Roche, T.E.'  5 ? 
primary 'Zhou, Z.H.'   6 ? 
# 
_entity.id                         1 
_entity.type                       polymer 
_entity.src_method                 man 
_entity.pdbx_description           'Dihydrolipoyllysine-residue acetyltransferase' 
_entity.formula_weight             25938.164 
_entity.pdbx_number_of_molecules   1 
_entity.pdbx_ec                    2.3.1.12 
_entity.pdbx_mutation              ? 
_entity.pdbx_fragment              'C-TERMINAL CATALYTIC DOMAIN' 
_entity.details                    'component of pyruvate dehydrogenase complex, mitochondrial' 
# 
_entity_name_com.entity_id   1 
_entity_name_com.name        
;Pyruvate dehydrogenase complex E2 subunit; PDCE2; E2; Dihydrolipoamide S- acetyltransferase component of pyruvate dehydrogenase complex; PDC-E2; 70 kDa mitochondrial autoantigen of primary biliary cirrhosis; PBC; M2 antigen complex 70 kDa subunit
;
# 
_entity_name_sys.entity_id   1 
_entity_name_sys.name        E.C.2.3.1.12 
# 
_entity_poly.entity_id                      1 
_entity_poly.type                           'polypeptide(L)' 
_entity_poly.nstd_linkage                   no 
_entity_poly.nstd_monomer                   no 
_entity_poly.pdbx_seq_one_letter_code       
;GPGMAPVPTGVFTDIPISNIRRVIAQRLMQSKQTIPHYYLSIDVNMGEVLLVRKELNKILEGRSKISVNDFIIKASALAC
LKVPEANSSWMDTVIRQNHVVDVSVAVSTPAGLITPIVFNAHIKGVETIANDVVSLATKAREGKLQPHEFQGGTFTISNL
GMFGIKNFSAIINPPQACILAIGASEDKLVPADNEKGFDVASMMSVTLSCDHRVVDGAVGAQWLAEFRKYLEKPITMLL
;
_entity_poly.pdbx_seq_one_letter_code_can   
;GPGMAPVPTGVFTDIPISNIRRVIAQRLMQSKQTIPHYYLSIDVNMGEVLLVRKELNKILEGRSKISVNDFIIKASALAC
LKVPEANSSWMDTVIRQNHVVDVSVAVSTPAGLITPIVFNAHIKGVETIANDVVSLATKAREGKLQPHEFQGGTFTISNL
GMFGIKNFSAIINPPQACILAIGASEDKLVPADNEKGFDVASMMSVTLSCDHRVVDGAVGAQWLAEFRKYLEKPITMLL
;
_entity_poly.pdbx_strand_id                 A 
_entity_poly.pdbx_target_identifier         ? 
# 
loop_
_entity_poly_seq.entity_id 
_entity_poly_seq.num 
_entity_poly_seq.mon_id 
_entity_poly_seq.hetero 
1 1   GLY n 
1 2   PRO n 
1 3   GLY n 
1 4   MET n 
1 5   ALA n 
1 6   PRO n 
1 7   VAL n 
1 8   PRO n 
1 9   THR n 
1 10  GLY n 
1 11  VAL n 
1 12  PHE n 
1 13  THR n 
1 14  ASP n 
1 15  ILE n 
1 16  PRO n 
1 17  ILE n 
1 18  SER n 
1 19  ASN n 
1 20  ILE n 
1 21  ARG n 
1 22  ARG n 
1 23  VAL n 
1 24  ILE n 
1 25  ALA n 
1 26  GLN n 
1 27  ARG n 
1 28  LEU n 
1 29  MET n 
1 30  GLN n 
1 31  SER n 
1 32  LYS n 
1 33  GLN n 
1 34  THR n 
1 35  ILE n 
1 36  PRO n 
1 37  HIS n 
1 38  TYR n 
1 39  TYR n 
1 40  LEU n 
1 41  SER n 
1 42  ILE n 
1 43  ASP n 
1 44  VAL n 
1 45  ASN n 
1 46  MET n 
1 47  GLY n 
1 48  GLU n 
1 49  VAL n 
1 50  LEU n 
1 51  LEU n 
1 52  VAL n 
1 53  ARG n 
1 54  LYS n 
1 55  GLU n 
1 56  LEU n 
1 57  ASN n 
1 58  LYS n 
1 59  ILE n 
1 60  LEU n 
1 61  GLU n 
1 62  GLY n 
1 63  ARG n 
1 64  SER n 
1 65  LYS n 
1 66  ILE n 
1 67  SER n 
1 68  VAL n 
1 69  ASN n 
1 70  ASP n 
1 71  PHE n 
1 72  ILE n 
1 73  ILE n 
1 74  LYS n 
1 75  ALA n 
1 76  SER n 
1 77  ALA n 
1 78  LEU n 
1 79  ALA n 
1 80  CYS n 
1 81  LEU n 
1 82  LYS n 
1 83  VAL n 
1 84  PRO n 
1 85  GLU n 
1 86  ALA n 
1 87  ASN n 
1 88  SER n 
1 89  SER n 
1 90  TRP n 
1 91  MET n 
1 92  ASP n 
1 93  THR n 
1 94  VAL n 
1 95  ILE n 
1 96  ARG n 
1 97  GLN n 
1 98  ASN n 
1 99  HIS n 
1 100 VAL n 
1 101 VAL n 
1 102 ASP n 
1 103 VAL n 
1 104 SER n 
1 105 VAL n 
1 106 ALA n 
1 107 VAL n 
1 108 SER n 
1 109 THR n 
1 110 PRO n 
1 111 ALA n 
1 112 GLY n 
1 113 LEU n 
1 114 ILE n 
1 115 THR n 
1 116 PRO n 
1 117 ILE n 
1 118 VAL n 
1 119 PHE n 
1 120 ASN n 
1 121 ALA n 
1 122 HIS n 
1 123 ILE n 
1 124 LYS n 
1 125 GLY n 
1 126 VAL n 
1 127 GLU n 
1 128 THR n 
1 129 ILE n 
1 130 ALA n 
1 131 ASN n 
1 132 ASP n 
1 133 VAL n 
1 134 VAL n 
1 135 SER n 
1 136 LEU n 
1 137 ALA n 
1 138 THR n 
1 139 LYS n 
1 140 ALA n 
1 141 ARG n 
1 142 GLU n 
1 143 GLY n 
1 144 LYS n 
1 145 LEU n 
1 146 GLN n 
1 147 PRO n 
1 148 HIS n 
1 149 GLU n 
1 150 PHE n 
1 151 GLN n 
1 152 GLY n 
1 153 GLY n 
1 154 THR n 
1 155 PHE n 
1 156 THR n 
1 157 ILE n 
1 158 SER n 
1 159 ASN n 
1 160 LEU n 
1 161 GLY n 
1 162 MET n 
1 163 PHE n 
1 164 GLY n 
1 165 ILE n 
1 166 LYS n 
1 167 ASN n 
1 168 PHE n 
1 169 SER n 
1 170 ALA n 
1 171 ILE n 
1 172 ILE n 
1 173 ASN n 
1 174 PRO n 
1 175 PRO n 
1 176 GLN n 
1 177 ALA n 
1 178 CYS n 
1 179 ILE n 
1 180 LEU n 
1 181 ALA n 
1 182 ILE n 
1 183 GLY n 
1 184 ALA n 
1 185 SER n 
1 186 GLU n 
1 187 ASP n 
1 188 LYS n 
1 189 LEU n 
1 190 VAL n 
1 191 PRO n 
1 192 ALA n 
1 193 ASP n 
1 194 ASN n 
1 195 GLU n 
1 196 LYS n 
1 197 GLY n 
1 198 PHE n 
1 199 ASP n 
1 200 VAL n 
1 201 ALA n 
1 202 SER n 
1 203 MET n 
1 204 MET n 
1 205 SER n 
1 206 VAL n 
1 207 THR n 
1 208 LEU n 
1 209 SER n 
1 210 CYS n 
1 211 ASP n 
1 212 HIS n 
1 213 ARG n 
1 214 VAL n 
1 215 VAL n 
1 216 ASP n 
1 217 GLY n 
1 218 ALA n 
1 219 VAL n 
1 220 GLY n 
1 221 ALA n 
1 222 GLN n 
1 223 TRP n 
1 224 LEU n 
1 225 ALA n 
1 226 GLU n 
1 227 PHE n 
1 228 ARG n 
1 229 LYS n 
1 230 TYR n 
1 231 LEU n 
1 232 GLU n 
1 233 LYS n 
1 234 PRO n 
1 235 ILE n 
1 236 THR n 
1 237 MET n 
1 238 LEU n 
1 239 LEU n 
# 
_entity_src_gen.entity_id                          1 
_entity_src_gen.pdbx_src_id                        1 
_entity_src_gen.pdbx_alt_source_flag               sample 
_entity_src_gen.pdbx_seq_type                      ? 
_entity_src_gen.pdbx_beg_seq_num                   ? 
_entity_src_gen.pdbx_end_seq_num                   ? 
_entity_src_gen.gene_src_common_name               human 
_entity_src_gen.gene_src_genus                     Homo 
_entity_src_gen.pdbx_gene_src_gene                 'DLAT, DLTA' 
_entity_src_gen.gene_src_species                   ? 
_entity_src_gen.gene_src_strain                    ? 
_entity_src_gen.gene_src_tissue                    ? 
_entity_src_gen.gene_src_tissue_fraction           ? 
_entity_src_gen.gene_src_details                   ? 
_entity_src_gen.pdbx_gene_src_fragment             ? 
_entity_src_gen.pdbx_gene_src_scientific_name      'Homo sapiens' 
_entity_src_gen.pdbx_gene_src_ncbi_taxonomy_id     9606 
_entity_src_gen.pdbx_gene_src_variant              ? 
_entity_src_gen.pdbx_gene_src_cell_line            ? 
_entity_src_gen.pdbx_gene_src_atcc                 ? 
_entity_src_gen.pdbx_gene_src_organ                ? 
_entity_src_gen.pdbx_gene_src_organelle            ? 
_entity_src_gen.pdbx_gene_src_cell                 ? 
_entity_src_gen.pdbx_gene_src_cellular_location    ? 
_entity_src_gen.host_org_common_name               ? 
_entity_src_gen.pdbx_host_org_scientific_name      'Escherichia coli BL21(DE3)' 
_entity_src_gen.pdbx_host_org_ncbi_taxonomy_id     469008 
_entity_src_gen.host_org_genus                     Escherichia 
_entity_src_gen.pdbx_host_org_gene                 ? 
_entity_src_gen.pdbx_host_org_organ                ? 
_entity_src_gen.host_org_species                   'Escherichia coli' 
_entity_src_gen.pdbx_host_org_tissue               ? 
_entity_src_gen.pdbx_host_org_tissue_fraction      ? 
_entity_src_gen.pdbx_host_org_strain               'BL21(DE3)' 
_entity_src_gen.pdbx_host_org_variant              ? 
_entity_src_gen.pdbx_host_org_cell_line            ? 
_entity_src_gen.pdbx_host_org_atcc                 ? 
_entity_src_gen.pdbx_host_org_culture_collection   ? 
_entity_src_gen.pdbx_host_org_cell                 ? 
_entity_src_gen.pdbx_host_org_organelle            ? 
_entity_src_gen.pdbx_host_org_cellular_location    ? 
_entity_src_gen.pdbx_host_org_vector_type          PLASMID 
_entity_src_gen.pdbx_host_org_vector               ? 
_entity_src_gen.host_org_details                   ? 
_entity_src_gen.expression_system_id               ? 
_entity_src_gen.plasmid_name                       ? 
_entity_src_gen.plasmid_details                    ? 
_entity_src_gen.pdbx_description                   ? 
# 
loop_
_chem_comp.id 
_chem_comp.type 
_chem_comp.mon_nstd_flag 
_chem_comp.name 
_chem_comp.pdbx_synonyms 
_chem_comp.formula 
_chem_comp.formula_weight 
ALA 'L-peptide linking' y ALANINE         ? 'C3 H7 N O2'     89.093  
ARG 'L-peptide linking' y ARGININE        ? 'C6 H15 N4 O2 1' 175.209 
ASN 'L-peptide linking' y ASPARAGINE      ? 'C4 H8 N2 O3'    132.118 
ASP 'L-peptide linking' y 'ASPARTIC ACID' ? 'C4 H7 N O4'     133.103 
CYS 'L-peptide linking' y CYSTEINE        ? 'C3 H7 N O2 S'   121.158 
GLN 'L-peptide linking' y GLUTAMINE       ? 'C5 H10 N2 O3'   146.144 
GLU 'L-peptide linking' y 'GLUTAMIC ACID' ? 'C5 H9 N O4'     147.129 
GLY 'peptide linking'   y GLYCINE         ? 'C2 H5 N O2'     75.067  
HIS 'L-peptide linking' y HISTIDINE       ? 'C6 H10 N3 O2 1' 156.162 
ILE 'L-peptide linking' y ISOLEUCINE      ? 'C6 H13 N O2'    131.173 
LEU 'L-peptide linking' y LEUCINE         ? 'C6 H13 N O2'    131.173 
LYS 'L-peptide linking' y LYSINE          ? 'C6 H15 N2 O2 1' 147.195 
MET 'L-peptide linking' y METHIONINE      ? 'C5 H11 N O2 S'  149.211 
PHE 'L-peptide linking' y PHENYLALANINE   ? 'C9 H11 N O2'    165.189 
PRO 'L-peptide linking' y PROLINE         ? 'C5 H9 N O2'     115.130 
SER 'L-peptide linking' y SERINE          ? 'C3 H7 N O3'     105.093 
THR 'L-peptide linking' y THREONINE       ? 'C4 H9 N O3'     119.119 
TRP 'L-peptide linking' y TRYPTOPHAN      ? 'C11 H12 N2 O2'  204.225 
TYR 'L-peptide linking' y TYROSINE        ? 'C9 H11 N O3'    181.189 
VAL 'L-peptide linking' y VALINE          ? 'C5 H11 N O2'    117.146 
# 
loop_
_pdbx_poly_seq_scheme.asym_id 
_pdbx_poly_seq_scheme.entity_id 
_pdbx_poly_seq_scheme.seq_id 
_pdbx_poly_seq_scheme.mon_id 
_pdbx_poly_seq_scheme.ndb_seq_num 
_pdbx_poly_seq_scheme.pdb_seq_num 
_pdbx_poly_seq_scheme.auth_seq_num 
_pdbx_poly_seq_scheme.pdb_mon_id 
_pdbx_poly_seq_scheme.auth_mon_id 
_pdbx_poly_seq_scheme.pdb_strand_id 
_pdbx_poly_seq_scheme.pdb_ins_code 
_pdbx_poly_seq_scheme.hetero 
A 1 1   GLY 1   323 323 GLY GLY A . n 
A 1 2   PRO 2   324 324 PRO PRO A . n 
A 1 3   GLY 3   325 325 GLY GLY A . n 
A 1 4   MET 4   326 326 MET MET A . n 
A 1 5   ALA 5   327 327 ALA ALA A . n 
A 1 6   PRO 6   328 328 PRO PRO A . n 
A 1 7   VAL 7   329 329 VAL VAL A . n 
A 1 8   PRO 8   330 330 PRO PRO A . n 
A 1 9   THR 9   331 331 THR THR A . n 
A 1 10  GLY 10  332 332 GLY GLY A . n 
A 1 11  VAL 11  333 333 VAL VAL A . n 
A 1 12  PHE 12  334 334 PHE PHE A . n 
A 1 13  THR 13  335 335 THR THR A . n 
A 1 14  ASP 14  336 336 ASP ASP A . n 
A 1 15  ILE 15  337 337 ILE ILE A . n 
A 1 16  PRO 16  338 338 PRO PRO A . n 
A 1 17  ILE 17  339 339 ILE ILE A . n 
A 1 18  SER 18  340 340 SER SER A . n 
A 1 19  ASN 19  341 341 ASN ASN A . n 
A 1 20  ILE 20  342 342 ILE ILE A . n 
A 1 21  ARG 21  343 343 ARG ARG A . n 
A 1 22  ARG 22  344 344 ARG ARG A . n 
A 1 23  VAL 23  345 345 VAL VAL A . n 
A 1 24  ILE 24  346 346 ILE ILE A . n 
A 1 25  ALA 25  347 347 ALA ALA A . n 
A 1 26  GLN 26  348 348 GLN GLN A . n 
A 1 27  ARG 27  349 349 ARG ARG A . n 
A 1 28  LEU 28  350 350 LEU LEU A . n 
A 1 29  MET 29  351 351 MET MET A . n 
A 1 30  GLN 30  352 352 GLN GLN A . n 
A 1 31  SER 31  353 353 SER SER A . n 
A 1 32  LYS 32  354 354 LYS LYS A . n 
A 1 33  GLN 33  355 355 GLN GLN A . n 
A 1 34  THR 34  356 356 THR THR A . n 
A 1 35  ILE 35  357 357 ILE ILE A . n 
A 1 36  PRO 36  358 358 PRO PRO A . n 
A 1 37  HIS 37  359 359 HIS HIS A . n 
A 1 38  TYR 38  360 360 TYR TYR A . n 
A 1 39  TYR 39  361 361 TYR TYR A . n 
A 1 40  LEU 40  362 362 LEU LEU A . n 
A 1 41  SER 41  363 363 SER SER A . n 
A 1 42  ILE 42  364 364 ILE ILE A . n 
A 1 43  ASP 43  365 365 ASP ASP A . n 
A 1 44  VAL 44  366 366 VAL VAL A . n 
A 1 45  ASN 45  367 367 ASN ASN A . n 
A 1 46  MET 46  368 368 MET MET A . n 
A 1 47  GLY 47  369 369 GLY GLY A . n 
A 1 48  GLU 48  370 370 GLU GLU A . n 
A 1 49  VAL 49  371 371 VAL VAL A . n 
A 1 50  LEU 50  372 372 LEU LEU A . n 
A 1 51  LEU 51  373 373 LEU LEU A . n 
A 1 52  VAL 52  374 374 VAL VAL A . n 
A 1 53  ARG 53  375 375 ARG ARG A . n 
A 1 54  LYS 54  376 376 LYS LYS A . n 
A 1 55  GLU 55  377 377 GLU GLU A . n 
A 1 56  LEU 56  378 378 LEU LEU A . n 
A 1 57  ASN 57  379 379 ASN ASN A . n 
A 1 58  LYS 58  380 380 LYS LYS A . n 
A 1 59  ILE 59  381 381 ILE ILE A . n 
A 1 60  LEU 60  382 382 LEU LEU A . n 
A 1 61  GLU 61  383 383 GLU GLU A . n 
A 1 62  GLY 62  384 384 GLY GLY A . n 
A 1 63  ARG 63  385 385 ARG ARG A . n 
A 1 64  SER 64  386 386 SER SER A . n 
A 1 65  LYS 65  387 387 LYS LYS A . n 
A 1 66  ILE 66  388 388 ILE ILE A . n 
A 1 67  SER 67  389 389 SER SER A . n 
A 1 68  VAL 68  390 390 VAL VAL A . n 
A 1 69  ASN 69  391 391 ASN ASN A . n 
A 1 70  ASP 70  392 392 ASP ASP A . n 
A 1 71  PHE 71  393 393 PHE PHE A . n 
A 1 72  ILE 72  394 394 ILE ILE A . n 
A 1 73  ILE 73  395 395 ILE ILE A . n 
A 1 74  LYS 74  396 396 LYS LYS A . n 
A 1 75  ALA 75  397 397 ALA ALA A . n 
A 1 76  SER 76  398 398 SER SER A . n 
A 1 77  ALA 77  399 399 ALA ALA A . n 
A 1 78  LEU 78  400 400 LEU LEU A . n 
A 1 79  ALA 79  401 401 ALA ALA A . n 
A 1 80  CYS 80  402 402 CYS CYS A . n 
A 1 81  LEU 81  403 403 LEU LEU A . n 
A 1 82  LYS 82  404 404 LYS LYS A . n 
A 1 83  VAL 83  405 405 VAL VAL A . n 
A 1 84  PRO 84  406 406 PRO PRO A . n 
A 1 85  GLU 85  407 407 GLU GLU A . n 
A 1 86  ALA 86  408 408 ALA ALA A . n 
A 1 87  ASN 87  409 409 ASN ASN A . n 
A 1 88  SER 88  410 410 SER SER A . n 
A 1 89  SER 89  411 411 SER SER A . n 
A 1 90  TRP 90  412 412 TRP TRP A . n 
A 1 91  MET 91  413 413 MET MET A . n 
A 1 92  ASP 92  414 414 ASP ASP A . n 
A 1 93  THR 93  415 415 THR THR A . n 
A 1 94  VAL 94  416 416 VAL VAL A . n 
A 1 95  ILE 95  417 417 ILE ILE A . n 
A 1 96  ARG 96  418 418 ARG ARG A . n 
A 1 97  GLN 97  419 419 GLN GLN A . n 
A 1 98  ASN 98  420 420 ASN ASN A . n 
A 1 99  HIS 99  421 421 HIS HIS A . n 
A 1 100 VAL 100 422 422 VAL VAL A . n 
A 1 101 VAL 101 423 423 VAL VAL A . n 
A 1 102 ASP 102 424 424 ASP ASP A . n 
A 1 103 VAL 103 425 425 VAL VAL A . n 
A 1 104 SER 104 426 426 SER SER A . n 
A 1 105 VAL 105 427 427 VAL VAL A . n 
A 1 106 ALA 106 428 428 ALA ALA A . n 
A 1 107 VAL 107 429 429 VAL VAL A . n 
A 1 108 SER 108 430 430 SER SER A . n 
A 1 109 THR 109 431 431 THR THR A . n 
A 1 110 PRO 110 432 432 PRO PRO A . n 
A 1 111 ALA 111 433 433 ALA ALA A . n 
A 1 112 GLY 112 434 434 GLY GLY A . n 
A 1 113 LEU 113 435 435 LEU LEU A . n 
A 1 114 ILE 114 436 436 ILE ILE A . n 
A 1 115 THR 115 437 437 THR THR A . n 
A 1 116 PRO 116 438 438 PRO PRO A . n 
A 1 117 ILE 117 439 439 ILE ILE A . n 
A 1 118 VAL 118 440 440 VAL VAL A . n 
A 1 119 PHE 119 441 441 PHE PHE A . n 
A 1 120 ASN 120 442 442 ASN ASN A . n 
A 1 121 ALA 121 443 443 ALA ALA A . n 
A 1 122 HIS 122 444 444 HIS HIS A . n 
A 1 123 ILE 123 445 445 ILE ILE A . n 
A 1 124 LYS 124 446 446 LYS LYS A . n 
A 1 125 GLY 125 447 447 GLY GLY A . n 
A 1 126 VAL 126 448 448 VAL VAL A . n 
A 1 127 GLU 127 449 449 GLU GLU A . n 
A 1 128 THR 128 450 450 THR THR A . n 
A 1 129 ILE 129 451 451 ILE ILE A . n 
A 1 130 ALA 130 452 452 ALA ALA A . n 
A 1 131 ASN 131 453 453 ASN ASN A . n 
A 1 132 ASP 132 454 454 ASP ASP A . n 
A 1 133 VAL 133 455 455 VAL VAL A . n 
A 1 134 VAL 134 456 456 VAL VAL A . n 
A 1 135 SER 135 457 457 SER SER A . n 
A 1 136 LEU 136 458 458 LEU LEU A . n 
A 1 137 ALA 137 459 459 ALA ALA A . n 
A 1 138 THR 138 460 460 THR THR A . n 
A 1 139 LYS 139 461 461 LYS LYS A . n 
A 1 140 ALA 140 462 462 ALA ALA A . n 
A 1 141 ARG 141 463 463 ARG ARG A . n 
A 1 142 GLU 142 464 464 GLU GLU A . n 
A 1 143 GLY 143 465 465 GLY GLY A . n 
A 1 144 LYS 144 466 466 LYS LYS A . n 
A 1 145 LEU 145 467 467 LEU LEU A . n 
A 1 146 GLN 146 468 468 GLN GLN A . n 
A 1 147 PRO 147 469 469 PRO PRO A . n 
A 1 148 HIS 148 470 470 HIS HIS A . n 
A 1 149 GLU 149 471 471 GLU GLU A . n 
A 1 150 PHE 150 472 472 PHE PHE A . n 
A 1 151 GLN 151 473 473 GLN GLN A . n 
A 1 152 GLY 152 474 474 GLY GLY A . n 
A 1 153 GLY 153 475 475 GLY GLY A . n 
A 1 154 THR 154 476 476 THR THR A . n 
A 1 155 PHE 155 477 477 PHE PHE A . n 
A 1 156 THR 156 478 478 THR THR A . n 
A 1 157 ILE 157 479 479 ILE ILE A . n 
A 1 158 SER 158 480 480 SER SER A . n 
A 1 159 ASN 159 481 481 ASN ASN A . n 
A 1 160 LEU 160 482 482 LEU LEU A . n 
A 1 161 GLY 161 483 483 GLY GLY A . n 
A 1 162 MET 162 484 484 MET MET A . n 
A 1 163 PHE 163 485 485 PHE PHE A . n 
A 1 164 GLY 164 486 486 GLY GLY A . n 
A 1 165 ILE 165 487 487 ILE ILE A . n 
A 1 166 LYS 166 488 488 LYS LYS A . n 
A 1 167 ASN 167 489 489 ASN ASN A . n 
A 1 168 PHE 168 490 490 PHE PHE A . n 
A 1 169 SER 169 491 491 SER SER A . n 
A 1 170 ALA 170 492 492 ALA ALA A . n 
A 1 171 ILE 171 493 493 ILE ILE A . n 
A 1 172 ILE 172 494 494 ILE ILE A . n 
A 1 173 ASN 173 495 495 ASN ASN A . n 
A 1 174 PRO 174 496 496 PRO PRO A . n 
A 1 175 PRO 175 497 497 PRO PRO A . n 
A 1 176 GLN 176 498 498 GLN GLN A . n 
A 1 177 ALA 177 499 499 ALA ALA A . n 
A 1 178 CYS 178 500 500 CYS CYS A . n 
A 1 179 ILE 179 501 501 ILE ILE A . n 
A 1 180 LEU 180 502 502 LEU LEU A . n 
A 1 181 ALA 181 503 503 ALA ALA A . n 
A 1 182 ILE 182 504 504 ILE ILE A . n 
A 1 183 GLY 183 505 505 GLY GLY A . n 
A 1 184 ALA 184 506 506 ALA ALA A . n 
A 1 185 SER 185 507 507 SER SER A . n 
A 1 186 GLU 186 508 508 GLU GLU A . n 
A 1 187 ASP 187 509 509 ASP ASP A . n 
A 1 188 LYS 188 510 510 LYS LYS A . n 
A 1 189 LEU 189 511 511 LEU LEU A . n 
A 1 190 VAL 190 512 512 VAL VAL A . n 
A 1 191 PRO 191 513 513 PRO PRO A . n 
A 1 192 ALA 192 514 514 ALA ALA A . n 
A 1 193 ASP 193 515 515 ASP ASP A . n 
A 1 194 ASN 194 516 516 ASN ASN A . n 
A 1 195 GLU 195 517 517 GLU GLU A . n 
A 1 196 LYS 196 518 518 LYS LYS A . n 
A 1 197 GLY 197 519 519 GLY GLY A . n 
A 1 198 PHE 198 520 520 PHE PHE A . n 
A 1 199 ASP 199 521 521 ASP ASP A . n 
A 1 200 VAL 200 522 522 VAL VAL A . n 
A 1 201 ALA 201 523 523 ALA ALA A . n 
A 1 202 SER 202 524 524 SER SER A . n 
A 1 203 MET 203 525 525 MET MET A . n 
A 1 204 MET 204 526 526 MET MET A . n 
A 1 205 SER 205 527 527 SER SER A . n 
A 1 206 VAL 206 528 528 VAL VAL A . n 
A 1 207 THR 207 529 529 THR THR A . n 
A 1 208 LEU 208 530 530 LEU LEU A . n 
A 1 209 SER 209 531 531 SER SER A . n 
A 1 210 CYS 210 532 532 CYS CYS A . n 
A 1 211 ASP 211 533 533 ASP ASP A . n 
A 1 212 HIS 212 534 534 HIS HIS A . n 
A 1 213 ARG 213 535 535 ARG ARG A . n 
A 1 214 VAL 214 536 536 VAL VAL A . n 
A 1 215 VAL 215 537 537 VAL VAL A . n 
A 1 216 ASP 216 538 538 ASP ASP A . n 
A 1 217 GLY 217 539 539 GLY GLY A . n 
A 1 218 ALA 218 540 540 ALA ALA A . n 
A 1 219 VAL 219 541 541 VAL VAL A . n 
A 1 220 GLY 220 542 542 GLY GLY A . n 
A 1 221 ALA 221 543 543 ALA ALA A . n 
A 1 222 GLN 222 544 544 GLN GLN A . n 
A 1 223 TRP 223 545 545 TRP TRP A . n 
A 1 224 LEU 224 546 546 LEU LEU A . n 
A 1 225 ALA 225 547 547 ALA ALA A . n 
A 1 226 GLU 226 548 548 GLU GLU A . n 
A 1 227 PHE 227 549 549 PHE PHE A . n 
A 1 228 ARG 228 550 550 ARG ARG A . n 
A 1 229 LYS 229 551 551 LYS LYS A . n 
A 1 230 TYR 230 552 552 TYR TYR A . n 
A 1 231 LEU 231 553 553 LEU LEU A . n 
A 1 232 GLU 232 554 554 GLU GLU A . n 
A 1 233 LYS 233 555 555 LYS LYS A . n 
A 1 234 PRO 234 556 556 PRO PRO A . n 
A 1 235 ILE 235 557 557 ILE ILE A . n 
A 1 236 THR 236 558 558 THR THR A . n 
A 1 237 MET 237 559 559 MET MET A . n 
A 1 238 LEU 238 560 560 LEU LEU A . n 
A 1 239 LEU 239 561 561 LEU LEU A . n 
# 
_exptl.entry_id          3B8K 
_exptl.method            'ELECTRON MICROSCOPY' 
_exptl.crystals_number   ? 
# 
_refine_hist.pdbx_refine_id                   'ELECTRON MICROSCOPY' 
_refine_hist.cycle_id                         LAST 
_refine_hist.pdbx_number_atoms_protein        1818 
_refine_hist.pdbx_number_atoms_nucleic_acid   0 
_refine_hist.pdbx_number_atoms_ligand         0 
_refine_hist.number_atoms_solvent             0 
_refine_hist.number_atoms_total               1818 
_refine_hist.d_res_high                       . 
_refine_hist.d_res_low                        . 
# 
_struct.entry_id                  3B8K 
_struct.title                     'Structure of the Truncated Human Dihydrolipoyl Acetyltransferase (E2)' 
_struct.pdbx_model_details        ? 
_struct.pdbx_CASP_flag            N 
_struct.pdbx_model_type_details   ? 
# 
_struct_keywords.entry_id        3B8K 
_struct_keywords.pdbx_keywords   TRANSFERASE 
_struct_keywords.text            'central beta-sheet surrounded by five alpha-helices, TRANSFERASE' 
# 
_struct_asym.id                            A 
_struct_asym.pdbx_blank_PDB_chainid_flag   N 
_struct_asym.pdbx_modified                 N 
_struct_asym.entity_id                     1 
_struct_asym.details                       ? 
# 
_struct_ref.id                         1 
_struct_ref.entity_id                  1 
_struct_ref.db_name                    UNP 
_struct_ref.db_code                    ODP2_HUMAN 
_struct_ref.pdbx_db_accession          P10515 
_struct_ref.pdbx_align_begin           376 
_struct_ref.pdbx_seq_one_letter_code   
;GPGMAPVPTGVFTDIPISNIRRVIAQRLMQSKQTIPHYYLSIDVNMGEVLLVRKELNKILEGRSKISVNDFIIKASALAC
LKVPEANSSWMDTVIRQNHVVDVSVAVSTPAGLITPIVFNAHIKGVETIANDVVSLATKAREGKLQPHEFQGGTFTISNL
GMFGIKNFSAIINPPQACILAIGASEDKLVPADNEKGFDVASMMSVTLSCDHRVVDGAVGAQWLAEFRKYLEKPITMLL
;
_struct_ref.pdbx_db_isoform            ? 
# 
_struct_ref_seq.align_id                      1 
_struct_ref_seq.ref_id                        1 
_struct_ref_seq.pdbx_PDB_id_code              3B8K 
_struct_ref_seq.pdbx_strand_id                A 
_struct_ref_seq.seq_align_beg                 1 
_struct_ref_seq.pdbx_seq_align_beg_ins_code   ? 
_struct_ref_seq.seq_align_end                 239 
_struct_ref_seq.pdbx_seq_align_end_ins_code   ? 
_struct_ref_seq.pdbx_db_accession             P10515 
_struct_ref_seq.db_align_beg                  376 
_struct_ref_seq.pdbx_db_align_beg_ins_code    ? 
_struct_ref_seq.db_align_end                  614 
_struct_ref_seq.pdbx_db_align_end_ins_code    ? 
_struct_ref_seq.pdbx_auth_seq_align_beg       323 
_struct_ref_seq.pdbx_auth_seq_align_end       561 
# 
_pdbx_struct_assembly.id                   1 
_pdbx_struct_assembly.details              author_defined_assembly 
_pdbx_struct_assembly.method_details       ? 
_pdbx_struct_assembly.oligomeric_details   monomeric 
_pdbx_struct_assembly.oligomeric_count     1 
# 
_pdbx_struct_assembly_gen.assembly_id       1 
_pdbx_struct_assembly_gen.oper_expression   1 
_pdbx_struct_assembly_gen.asym_id_list      A 
# 
_pdbx_struct_oper_list.id                   1 
_pdbx_struct_oper_list.type                 'identity operation' 
_pdbx_struct_oper_list.name                 1_555 
_pdbx_struct_oper_list.symmetry_operation   x,y,z 
_pdbx_struct_oper_list.matrix[1][1]         1.0000000000 
_pdbx_struct_oper_list.matrix[1][2]         0.0000000000 
_pdbx_struct_oper_list.matrix[1][3]         0.0000000000 
_pdbx_struct_oper_list.vector[1]            0.0000000000 
_pdbx_struct_oper_list.matrix[2][1]         0.0000000000 
_pdbx_struct_oper_list.matrix[2][2]         1.0000000000 
_pdbx_struct_oper_list.matrix[2][3]         0.0000000000 
_pdbx_struct_oper_list.vector[2]            0.0000000000 
_pdbx_struct_oper_list.matrix[3][1]         0.0000000000 
_pdbx_struct_oper_list.matrix[3][2]         0.0000000000 
_pdbx_struct_oper_list.matrix[3][3]         1.0000000000 
_pdbx_struct_oper_list.vector[3]            0.0000000000 
# 
loop_
_struct_conf.conf_type_id 
_struct_conf.id 
_struct_conf.pdbx_PDB_helix_id 
_struct_conf.beg_label_comp_id 
_struct_conf.beg_label_asym_id 
_struct_conf.beg_label_seq_id 
_struct_conf.pdbx_beg_PDB_ins_code 
_struct_conf.end_label_comp_id 
_struct_conf.end_label_asym_id 
_struct_conf.end_label_seq_id 
_struct_conf.pdbx_end_PDB_ins_code 
_struct_conf.beg_auth_comp_id 
_struct_conf.beg_auth_asym_id 
_struct_conf.beg_auth_seq_id 
_struct_conf.end_auth_comp_id 
_struct_conf.end_auth_asym_id 
_struct_conf.end_auth_seq_id 
_struct_conf.pdbx_PDB_helix_class 
_struct_conf.details 
_struct_conf.pdbx_PDB_helix_length 
HELX_P HELX_P1 1 ILE A 20  ? ILE A 35  ? ILE A 342 ILE A 357 1 ? 16 
HELX_P HELX_P2 2 GLU A 48  ? LEU A 56  ? GLU A 370 LEU A 378 1 ? 9  
HELX_P HELX_P3 3 LEU A 56  ? GLU A 61  ? LEU A 378 GLU A 383 1 ? 6  
HELX_P HELX_P4 4 SER A 67  ? VAL A 83  ? SER A 389 VAL A 405 1 ? 17 
HELX_P HELX_P5 5 GLY A 125 ? GLU A 142 ? GLY A 447 GLU A 464 1 ? 18 
HELX_P HELX_P6 6 GLN A 146 ? GLN A 151 ? GLN A 468 GLN A 473 5 ? 6  
HELX_P HELX_P7 7 ASP A 216 ? LYS A 233 ? ASP A 538 LYS A 555 1 ? 18 
HELX_P HELX_P8 8 PRO A 234 ? LEU A 239 ? PRO A 556 LEU A 561 1 ? 6  
# 
_struct_conf_type.id          HELX_P 
_struct_conf_type.criteria    ? 
_struct_conf_type.reference   ? 
# 
loop_
_struct_mon_prot_cis.pdbx_id 
_struct_mon_prot_cis.label_comp_id 
_struct_mon_prot_cis.label_seq_id 
_struct_mon_prot_cis.label_asym_id 
_struct_mon_prot_cis.label_alt_id 
_struct_mon_prot_cis.pdbx_PDB_ins_code 
_struct_mon_prot_cis.auth_comp_id 
_struct_mon_prot_cis.auth_seq_id 
_struct_mon_prot_cis.auth_asym_id 
_struct_mon_prot_cis.pdbx_label_comp_id_2 
_struct_mon_prot_cis.pdbx_label_seq_id_2 
_struct_mon_prot_cis.pdbx_label_asym_id_2 
_struct_mon_prot_cis.pdbx_PDB_ins_code_2 
_struct_mon_prot_cis.pdbx_auth_comp_id_2 
_struct_mon_prot_cis.pdbx_auth_seq_id_2 
_struct_mon_prot_cis.pdbx_auth_asym_id_2 
_struct_mon_prot_cis.pdbx_PDB_model_num 
_struct_mon_prot_cis.pdbx_omega_angle 
1 THR 13  A . ? THR 335 A ASP 14  A ? ASP 336 A 1 2.34   
2 VAL 94  A . ? VAL 416 A ILE 95  A ? ILE 417 A 1 -3.83  
3 ILE 95  A . ? ILE 417 A ARG 96  A ? ARG 418 A 1 3.40   
4 ASP 199 A . ? ASP 521 A VAL 200 A ? VAL 522 A 1 -10.13 
5 VAL 200 A . ? VAL 522 A ALA 201 A ? ALA 523 A 1 -5.48  
# 
loop_
_struct_sheet.id 
_struct_sheet.type 
_struct_sheet.number_strands 
_struct_sheet.details 
A ? 2 ? 
B ? 4 ? 
C ? 2 ? 
# 
loop_
_struct_sheet_order.sheet_id 
_struct_sheet_order.range_id_1 
_struct_sheet_order.range_id_2 
_struct_sheet_order.offset 
_struct_sheet_order.sense 
A 1 2 ? anti-parallel 
B 1 2 ? anti-parallel 
B 2 3 ? parallel      
B 3 4 ? parallel      
C 1 2 ? anti-parallel 
# 
loop_
_struct_sheet_range.sheet_id 
_struct_sheet_range.id 
_struct_sheet_range.beg_label_comp_id 
_struct_sheet_range.beg_label_asym_id 
_struct_sheet_range.beg_label_seq_id 
_struct_sheet_range.pdbx_beg_PDB_ins_code 
_struct_sheet_range.end_label_comp_id 
_struct_sheet_range.end_label_asym_id 
_struct_sheet_range.end_label_seq_id 
_struct_sheet_range.pdbx_end_PDB_ins_code 
_struct_sheet_range.beg_auth_comp_id 
_struct_sheet_range.beg_auth_asym_id 
_struct_sheet_range.beg_auth_seq_id 
_struct_sheet_range.end_auth_comp_id 
_struct_sheet_range.end_auth_asym_id 
_struct_sheet_range.end_auth_seq_id 
A 1 LEU A 40  ? VAL A 44  ? LEU A 362 VAL A 366 
A 2 MET A 204 ? LEU A 208 ? MET A 526 LEU A 530 
B 1 ILE A 117 ? VAL A 118 ? ILE A 439 VAL A 440 
B 2 VAL A 103 ? VAL A 105 ? VAL A 425 VAL A 427 
B 3 PHE A 155 ? ASN A 159 ? PHE A 477 ASN A 481 
B 4 ALA A 181 ? ILE A 182 ? ALA A 503 ILE A 504 
C 1 VAL A 107 ? SER A 108 ? VAL A 429 SER A 430 
C 2 LEU A 113 ? ILE A 114 ? LEU A 435 ILE A 436 
# 
loop_
_pdbx_struct_sheet_hbond.sheet_id 
_pdbx_struct_sheet_hbond.range_id_1 
_pdbx_struct_sheet_hbond.range_id_2 
_pdbx_struct_sheet_hbond.range_1_label_atom_id 
_pdbx_struct_sheet_hbond.range_1_label_comp_id 
_pdbx_struct_sheet_hbond.range_1_label_asym_id 
_pdbx_struct_sheet_hbond.range_1_label_seq_id 
_pdbx_struct_sheet_hbond.range_1_PDB_ins_code 
_pdbx_struct_sheet_hbond.range_1_auth_atom_id 
_pdbx_struct_sheet_hbond.range_1_auth_comp_id 
_pdbx_struct_sheet_hbond.range_1_auth_asym_id 
_pdbx_struct_sheet_hbond.range_1_auth_seq_id 
_pdbx_struct_sheet_hbond.range_2_label_atom_id 
_pdbx_struct_sheet_hbond.range_2_label_comp_id 
_pdbx_struct_sheet_hbond.range_2_label_asym_id 
_pdbx_struct_sheet_hbond.range_2_label_seq_id 
_pdbx_struct_sheet_hbond.range_2_PDB_ins_code 
_pdbx_struct_sheet_hbond.range_2_auth_atom_id 
_pdbx_struct_sheet_hbond.range_2_auth_comp_id 
_pdbx_struct_sheet_hbond.range_2_auth_asym_id 
_pdbx_struct_sheet_hbond.range_2_auth_seq_id 
A 1 2 N ILE A 42  ? N ILE A 364 O VAL A 206 ? O VAL A 528 
B 1 2 O VAL A 118 ? O VAL A 440 N VAL A 103 ? N VAL A 425 
B 2 3 N SER A 104 ? N SER A 426 O ILE A 157 ? O ILE A 479 
B 3 4 N SER A 158 ? N SER A 480 O ILE A 182 ? O ILE A 504 
C 1 2 N VAL A 107 ? N VAL A 429 O ILE A 114 ? O ILE A 436 
# 
_pdbx_validate_rmsd_bond.id                        1 
_pdbx_validate_rmsd_bond.PDB_model_num             1 
_pdbx_validate_rmsd_bond.auth_atom_id_1            NE2 
_pdbx_validate_rmsd_bond.auth_asym_id_1            A 
_pdbx_validate_rmsd_bond.auth_comp_id_1            HIS 
_pdbx_validate_rmsd_bond.auth_seq_id_1             359 
_pdbx_validate_rmsd_bond.PDB_ins_code_1            ? 
_pdbx_validate_rmsd_bond.label_alt_id_1            ? 
_pdbx_validate_rmsd_bond.auth_atom_id_2            CD2 
_pdbx_validate_rmsd_bond.auth_asym_id_2            A 
_pdbx_validate_rmsd_bond.auth_comp_id_2            HIS 
_pdbx_validate_rmsd_bond.auth_seq_id_2             359 
_pdbx_validate_rmsd_bond.PDB_ins_code_2            ? 
_pdbx_validate_rmsd_bond.label_alt_id_2            ? 
_pdbx_validate_rmsd_bond.bond_value                1.307 
_pdbx_validate_rmsd_bond.bond_target_value         1.373 
_pdbx_validate_rmsd_bond.bond_deviation            -0.066 
_pdbx_validate_rmsd_bond.bond_standard_deviation   0.011 
_pdbx_validate_rmsd_bond.linker_flag               N 
# 
loop_
_pdbx_validate_rmsd_angle.id 
_pdbx_validate_rmsd_angle.PDB_model_num 
_pdbx_validate_rmsd_angle.auth_atom_id_1 
_pdbx_validate_rmsd_angle.auth_asym_id_1 
_pdbx_validate_rmsd_angle.auth_comp_id_1 
_pdbx_validate_rmsd_angle.auth_seq_id_1 
_pdbx_validate_rmsd_angle.PDB_ins_code_1 
_pdbx_validate_rmsd_angle.label_alt_id_1 
_pdbx_validate_rmsd_angle.auth_atom_id_2 
_pdbx_validate_rmsd_angle.auth_asym_id_2 
_pdbx_validate_rmsd_angle.auth_comp_id_2 
_pdbx_validate_rmsd_angle.auth_seq_id_2 
_pdbx_validate_rmsd_angle.PDB_ins_code_2 
_pdbx_validate_rmsd_angle.label_alt_id_2 
_pdbx_validate_rmsd_angle.auth_atom_id_3 
_pdbx_validate_rmsd_angle.auth_asym_id_3 
_pdbx_validate_rmsd_angle.auth_comp_id_3 
_pdbx_validate_rmsd_angle.auth_seq_id_3 
_pdbx_validate_rmsd_angle.PDB_ins_code_3 
_pdbx_validate_rmsd_angle.label_alt_id_3 
_pdbx_validate_rmsd_angle.angle_value 
_pdbx_validate_rmsd_angle.angle_target_value 
_pdbx_validate_rmsd_angle.angle_deviation 
_pdbx_validate_rmsd_angle.angle_standard_deviation 
_pdbx_validate_rmsd_angle.linker_flag 
1  1 CB  A PHE 334 ? ? CG  A PHE 334 ? ? CD2 A PHE 334 ? ? 125.98 120.80 5.18   0.70 N 
2  1 CB  A ASP 336 ? ? CG  A ASP 336 ? ? OD2 A ASP 336 ? ? 109.46 118.30 -8.84  0.90 N 
3  1 CB  A ILE 337 ? ? CG1 A ILE 337 ? ? CD1 A ILE 337 ? ? 133.26 113.90 19.36  2.80 N 
4  1 N   A SER 340 ? ? CA  A SER 340 ? ? CB  A SER 340 ? ? 121.11 110.50 10.61  1.50 N 
5  1 CB  A ILE 342 ? ? CG1 A ILE 342 ? ? CD1 A ILE 342 ? ? 138.02 113.90 24.12  2.80 N 
6  1 CG  A ARG 349 ? ? CD  A ARG 349 ? ? NE  A ARG 349 ? ? 127.84 111.80 16.04  2.10 N 
7  1 NE  A ARG 349 ? ? CZ  A ARG 349 ? ? NH2 A ARG 349 ? ? 115.04 120.30 -5.26  0.50 N 
8  1 ND1 A HIS 359 ? ? CE1 A HIS 359 ? ? NE2 A HIS 359 ? ? 99.44  108.50 -9.06  1.10 N 
9  1 CE1 A HIS 359 ? ? NE2 A HIS 359 ? ? CD2 A HIS 359 ? ? 115.77 109.00 6.77   0.70 N 
10 1 CB  A TYR 361 ? ? CG  A TYR 361 ? ? CD2 A TYR 361 ? ? 124.71 121.00 3.71   0.60 N 
11 1 CG1 A VAL 366 ? ? CB  A VAL 366 ? ? CG2 A VAL 366 ? ? 139.85 110.90 28.95  1.60 N 
12 1 CA  A VAL 366 ? ? CB  A VAL 366 ? ? CG2 A VAL 366 ? ? 94.21  110.90 -16.69 1.50 N 
13 1 CB  A LEU 382 ? ? CG  A LEU 382 ? ? CD1 A LEU 382 ? ? 99.25  111.00 -11.75 1.70 N 
14 1 CB  A ASP 392 ? ? CG  A ASP 392 ? ? OD1 A ASP 392 ? ? 111.54 118.30 -6.76  0.90 N 
15 1 CG1 A VAL 422 ? ? CB  A VAL 422 ? ? CG2 A VAL 422 ? ? 100.39 110.90 -10.51 1.60 N 
16 1 CA  A VAL 422 ? ? CB  A VAL 422 ? ? CG2 A VAL 422 ? ? 120.28 110.90 9.38   1.50 N 
17 1 CB  A PHE 477 ? ? CG  A PHE 477 ? ? CD2 A PHE 477 ? ? 113.46 120.80 -7.34  0.70 N 
18 1 O   A ILE 487 ? ? C   A ILE 487 ? ? N   A LYS 488 ? ? 112.74 122.70 -9.96  1.60 Y 
19 1 CB  A ALA 506 ? ? CA  A ALA 506 ? ? C   A ALA 506 ? ? 100.20 110.10 -9.90  1.50 N 
20 1 N   A ALA 506 ? ? CA  A ALA 506 ? ? CB  A ALA 506 ? ? 118.92 110.10 8.82   1.40 N 
21 1 CA  A ALA 506 ? ? C   A ALA 506 ? ? O   A ALA 506 ? ? 99.92  120.10 -20.18 2.10 N 
22 1 CB  A LEU 511 ? ? CG  A LEU 511 ? ? CD2 A LEU 511 ? ? 122.01 111.00 11.01  1.70 N 
23 1 CG1 A VAL 512 ? ? CB  A VAL 512 ? ? CG2 A VAL 512 ? ? 90.92  110.90 -19.98 1.60 N 
24 1 CA  A VAL 512 ? ? CB  A VAL 512 ? ? CG2 A VAL 512 ? ? 79.40  110.90 -31.50 1.50 N 
25 1 CA  A PRO 513 ? ? N   A PRO 513 ? ? CD  A PRO 513 ? ? 100.62 111.70 -11.08 1.40 N 
26 1 CB  A ASP 521 ? ? CG  A ASP 521 ? ? OD1 A ASP 521 ? ? 127.68 118.30 9.38   0.90 N 
27 1 CB  A ASP 521 ? ? CG  A ASP 521 ? ? OD2 A ASP 521 ? ? 112.16 118.30 -6.14  0.90 N 
28 1 CG1 A VAL 522 ? ? CB  A VAL 522 ? ? CG2 A VAL 522 ? ? 92.86  110.90 -18.04 1.60 N 
29 1 CA  A VAL 522 ? ? CB  A VAL 522 ? ? CG2 A VAL 522 ? ? 131.72 110.90 20.82  1.50 N 
30 1 CB  A ALA 523 ? ? CA  A ALA 523 ? ? C   A ALA 523 ? ? 101.01 110.10 -9.09  1.50 N 
31 1 N   A ALA 523 ? ? CA  A ALA 523 ? ? CB  A ALA 523 ? ? 128.26 110.10 18.16  1.40 N 
32 1 O   A ALA 523 ? ? C   A ALA 523 ? ? N   A SER 524 ? ? 133.44 122.70 10.74  1.60 Y 
33 1 CG  A MET 525 ? ? SD  A MET 525 ? ? CE  A MET 525 ? ? 119.97 100.20 19.77  1.60 N 
34 1 N   A SER 527 ? ? CA  A SER 527 ? ? CB  A SER 527 ? ? 126.41 110.50 15.91  1.50 N 
35 1 CA  A SER 527 ? ? CB  A SER 527 ? ? OG  A SER 527 ? ? 138.17 111.20 26.97  2.70 N 
36 1 CA  A VAL 537 ? ? C   A VAL 537 ? ? O   A VAL 537 ? ? 103.99 120.10 -16.11 2.10 N 
37 1 CB  A LEU 546 ? ? CG  A LEU 546 ? ? CD1 A LEU 546 ? ? 97.03  111.00 -13.97 1.70 N 
38 1 CB  A LEU 553 ? ? CA  A LEU 553 ? ? C   A LEU 553 ? ? 123.25 110.20 13.05  1.90 N 
39 1 CB  A LEU 553 ? ? CG  A LEU 553 ? ? CD2 A LEU 553 ? ? 124.08 111.00 13.08  1.70 N 
# 
loop_
_pdbx_validate_torsion.id 
_pdbx_validate_torsion.PDB_model_num 
_pdbx_validate_torsion.auth_comp_id 
_pdbx_validate_torsion.auth_asym_id 
_pdbx_validate_torsion.auth_seq_id 
_pdbx_validate_torsion.PDB_ins_code 
_pdbx_validate_torsion.label_alt_id 
_pdbx_validate_torsion.phi 
_pdbx_validate_torsion.psi 
1  1 PRO A 330 ? ? -59.20  -85.58  
2  1 ASP A 336 ? ? 169.25  89.00   
3  1 ILE A 337 ? ? 61.93   176.37  
4  1 PRO A 338 ? ? -57.20  89.52   
5  1 ILE A 339 ? ? 101.74  -150.22 
6  1 SER A 340 ? ? 63.61   60.33   
7  1 ILE A 342 ? ? -161.52 -143.31 
8  1 HIS A 359 ? ? -127.02 -164.73 
9  1 TYR A 360 ? ? -179.64 95.32   
10 1 TYR A 361 ? ? -45.19  152.26  
11 1 LYS A 387 ? ? 62.97   90.70   
12 1 ILE A 388 ? ? -49.99  104.55  
13 1 GLU A 407 ? ? -15.60  151.54  
14 1 TRP A 412 ? ? 60.21   -87.20  
15 1 MET A 413 ? ? -65.00  -141.94 
16 1 ASP A 414 ? ? 135.43  151.86  
17 1 ARG A 418 ? ? 60.12   102.16  
18 1 ASN A 420 ? ? 25.55   -85.24  
19 1 HIS A 421 ? ? 152.57  87.27   
20 1 VAL A 422 ? ? 31.87   -148.22 
21 1 VAL A 423 ? ? -166.82 76.97   
22 1 ALA A 433 ? ? -59.84  -70.72  
23 1 PHE A 441 ? ? -8.62   -136.16 
24 1 ASN A 442 ? ? 85.63   110.62  
25 1 HIS A 444 ? ? 170.55  27.31   
26 1 LYS A 446 ? ? -168.93 89.60   
27 1 PHE A 472 ? ? 163.27  47.71   
28 1 GLN A 473 ? ? -53.49  -119.55 
29 1 PHE A 477 ? ? 175.10  139.91  
30 1 MET A 484 ? ? -55.23  25.73   
31 1 PHE A 485 ? ? -170.22 -102.41 
32 1 ASN A 489 ? ? 74.18   93.64   
33 1 SER A 491 ? ? -166.62 -155.44 
34 1 ALA A 492 ? ? 119.17  56.03   
35 1 ILE A 493 ? ? -43.84  162.55  
36 1 ILE A 494 ? ? -101.97 -100.41 
37 1 ILE A 501 ? ? -79.69  -72.17  
38 1 LEU A 502 ? ? 175.52  116.85  
39 1 ALA A 506 ? ? 155.27  -177.69 
40 1 SER A 507 ? ? 146.85  143.27  
41 1 LYS A 510 ? ? -62.60  2.24    
42 1 LEU A 511 ? ? -102.79 51.60   
43 1 ALA A 514 ? ? 153.92  -81.24  
44 1 VAL A 522 ? ? 91.43   173.11  
45 1 SER A 524 ? ? -18.70  -176.43 
46 1 MET A 525 ? ? 173.51  145.46  
47 1 CYS A 532 ? ? -171.33 134.33  
48 1 ASP A 538 ? ? 123.53  -154.64 
# 
loop_
_pdbx_validate_peptide_omega.id 
_pdbx_validate_peptide_omega.PDB_model_num 
_pdbx_validate_peptide_omega.auth_comp_id_1 
_pdbx_validate_peptide_omega.auth_asym_id_1 
_pdbx_validate_peptide_omega.auth_seq_id_1 
_pdbx_validate_peptide_omega.PDB_ins_code_1 
_pdbx_validate_peptide_omega.label_alt_id_1 
_pdbx_validate_peptide_omega.auth_comp_id_2 
_pdbx_validate_peptide_omega.auth_asym_id_2 
_pdbx_validate_peptide_omega.auth_seq_id_2 
_pdbx_validate_peptide_omega.PDB_ins_code_2 
_pdbx_validate_peptide_omega.label_alt_id_2 
_pdbx_validate_peptide_omega.omega 
1 1 ILE A 501 ? ? LEU A 502 ? ? -144.47 
2 1 LEU A 511 ? ? VAL A 512 ? ? 113.47  
# 
loop_
_pdbx_validate_planes.id 
_pdbx_validate_planes.PDB_model_num 
_pdbx_validate_planes.auth_comp_id 
_pdbx_validate_planes.auth_asym_id 
_pdbx_validate_planes.auth_seq_id 
_pdbx_validate_planes.PDB_ins_code 
_pdbx_validate_planes.label_alt_id 
_pdbx_validate_planes.rmsd 
_pdbx_validate_planes.type 
1 1 ARG A 349 ? ? 0.075 'SIDE CHAIN' 
2 1 HIS A 359 ? ? 0.155 'SIDE CHAIN' 
3 1 PHE A 477 ? ? 0.139 'SIDE CHAIN' 
# 
loop_
_pdbx_validate_main_chain_plane.id 
_pdbx_validate_main_chain_plane.PDB_model_num 
_pdbx_validate_main_chain_plane.auth_comp_id 
_pdbx_validate_main_chain_plane.auth_asym_id 
_pdbx_validate_main_chain_plane.auth_seq_id 
_pdbx_validate_main_chain_plane.PDB_ins_code 
_pdbx_validate_main_chain_plane.label_alt_id 
_pdbx_validate_main_chain_plane.improper_torsion_angle 
1 1 VAL A 333 ? ? 10.32  
2 1 SER A 340 ? ? -12.91 
3 1 ARG A 418 ? ? -15.29 
4 1 ALA A 506 ? ? 26.66  
5 1 ARG A 550 ? ? -10.78 
# 
_em_3d_fitting.id                1 
_em_3d_fitting.entry_id          3B8K 
_em_3d_fitting.ref_protocol      'RIGID BODY FIT' 
_em_3d_fitting.ref_space         REAL 
_em_3d_fitting.overall_b_value   30 
_em_3d_fitting.target_criteria   'best fit using the program CHIMERA' 
_em_3d_fitting.details           'REFINEMENT PROTOCOL--rigid body' 
_em_3d_fitting.method            ? 
# 
_em_3d_fitting_list.id                            1 
_em_3d_fitting_list.3d_fitting_id                 1 
_em_3d_fitting_list.pdb_entry_id                  1EAA 
_em_3d_fitting_list.pdb_chain_id                  ? 
_em_3d_fitting_list.details                       'Homology model based on PBD ID 1eaa' 
_em_3d_fitting_list.pdb_chain_residue_range       ? 
_em_3d_fitting_list.initial_refinement_model_id   1 
_em_3d_fitting_list.chain_id                      ? 
_em_3d_fitting_list.chain_residue_range           ? 
_em_3d_fitting_list.source_name                   PDB 
_em_3d_fitting_list.type                          'experimental model' 
_em_3d_fitting_list.accession_code                1EAA 
# 
_em_3d_reconstruction.entry_id                    3B8K 
_em_3d_reconstruction.id                          1 
_em_3d_reconstruction.symmetry_type               POINT 
_em_3d_reconstruction.num_particles               2432 
_em_3d_reconstruction.image_processing_id         1 
_em_3d_reconstruction.method                      'cross-common lines' 
_em_3d_reconstruction.nominal_pixel_size          2.17 
_em_3d_reconstruction.actual_pixel_size           2.17 
_em_3d_reconstruction.resolution                  8.8 
_em_3d_reconstruction.magnification_calibration   ? 
_em_3d_reconstruction.details                     
;Orientation determination and 3D reconstruction were performed using
the IMIRS software package on multiprocessor MS Windows XP computer
workstations. The orientations were first estimated from the particle
images in the far-from-focus micrographs and refined to about 30-
resolution. These orientation parameters were then further refined
using the particles in the close-to-focus micrographs.
;
_em_3d_reconstruction.resolution_method           ? 
_em_3d_reconstruction.num_class_averages          ? 
_em_3d_reconstruction.algorithm                   ? 
# 
_em_buffer.id            1 
_em_buffer.specimen_id   1 
_em_buffer.name          PBS 
_em_buffer.pH            7.2 
_em_buffer.details       PBS 
# 
_em_entity_assembly.id                   1 
_em_entity_assembly.name                 'human tE2' 
_em_entity_assembly.type                 COMPLEX 
_em_entity_assembly.parent_id            0 
_em_entity_assembly.synonym              ? 
_em_entity_assembly.details              
;Dodecahedron. Human tE2 was prepared from scE2, which contains a PreScission site in the third linker region. Treatment of scE2 with the PreScission 
protease (Amersham Biosciences) removed the N-terminal 319 amino acids. The resulting tE2 was purified by gel filtration with Sephacryl S-300HR. The 
assembly of the recombinant molecules into fully functional, pentagonal dodecahedral cores was confirmed by analytical ultracentrifugation
;
_em_entity_assembly.oligomeric_details   ? 
# 
_em_imaging.entry_id                        3B8K 
_em_imaging.id                              1 
_em_imaging.mode                            'BRIGHT FIELD' 
_em_imaging.date                            2003-10-01 
_em_imaging.illumination_mode               'FLOOD BEAM' 
_em_imaging.specimen_id                     1 
_em_imaging.temperature                     100 
_em_imaging.microscope_model                'JEOL 2010F' 
_em_imaging.nominal_defocus_min             600 
_em_imaging.nominal_defocus_max             2100 
_em_imaging.tilt_angle_min                  ? 
_em_imaging.tilt_angle_max                  ? 
_em_imaging.nominal_cs                      1.0 
_em_imaging.nominal_magnification           69250 
_em_imaging.calibrated_magnification        69250 
_em_imaging.electron_source                 'FIELD EMISSION GUN' 
_em_imaging.accelerating_voltage            200 
_em_imaging.details                         ? 
_em_imaging.specimen_holder_type            ? 
_em_imaging.specimen_holder_model           ? 
_em_imaging.citation_id                     ? 
_em_imaging.detector_distance               ? 
_em_imaging.recording_temperature_maximum   ? 
_em_imaging.recording_temperature_minimum   ? 
_em_imaging.astigmatism                     ? 
_em_imaging.electron_beam_tilt_params       ? 
# 
_em_sample_support.id               1 
_em_sample_support.specimen_id      1 
_em_sample_support.details          'This grid plus sample was kept at -170 deg C during imaging' 
_em_sample_support.film_material    ? 
_em_sample_support.grid_material    ? 
_em_sample_support.grid_mesh_size   ? 
_em_sample_support.grid_type        ? 
_em_sample_support.method           ? 
# 
_em_vitrification.entry_id              3B8K 
_em_vitrification.id                    1 
_em_vitrification.instrument            'HOMEMADE PLUNGER' 
_em_vitrification.cryogen_name          ETHANE 
_em_vitrification.details               'flash freezing in liquid ethane' 
_em_vitrification.citation_id           ? 
_em_vitrification.humidity              ? 
_em_vitrification.method                ? 
_em_vitrification.specimen_id           1 
_em_vitrification.temp                  ? 
_em_vitrification.time_resolved_state   ? 
# 
_em_experiment.reconstruction_method   'SINGLE PARTICLE' 
_em_experiment.entry_id                3B8K 
_em_experiment.id                      1 
_em_experiment.aggregation_state       PARTICLE 
_em_experiment.entity_assembly_id      1 
# 
_em_single_particle_entity.entry_id              3B8K 
_em_single_particle_entity.id                    1 
_em_single_particle_entity.point_symmetry        I 
_em_single_particle_entity.image_processing_id   1 
# 
loop_
_chem_comp_atom.comp_id 
_chem_comp_atom.atom_id 
_chem_comp_atom.type_symbol 
_chem_comp_atom.pdbx_aromatic_flag 
_chem_comp_atom.pdbx_stereo_config 
_chem_comp_atom.pdbx_ordinal 
ALA N    N N N 1   
ALA CA   C N S 2   
ALA C    C N N 3   
ALA O    O N N 4   
ALA CB   C N N 5   
ALA OXT  O N N 6   
ALA H    H N N 7   
ALA H2   H N N 8   
ALA HA   H N N 9   
ALA HB1  H N N 10  
ALA HB2  H N N 11  
ALA HB3  H N N 12  
ALA HXT  H N N 13  
ARG N    N N N 14  
ARG CA   C N S 15  
ARG C    C N N 16  
ARG O    O N N 17  
ARG CB   C N N 18  
ARG CG   C N N 19  
ARG CD   C N N 20  
ARG NE   N N N 21  
ARG CZ   C N N 22  
ARG NH1  N N N 23  
ARG NH2  N N N 24  
ARG OXT  O N N 25  
ARG H    H N N 26  
ARG H2   H N N 27  
ARG HA   H N N 28  
ARG HB2  H N N 29  
ARG HB3  H N N 30  
ARG HG2  H N N 31  
ARG HG3  H N N 32  
ARG HD2  H N N 33  
ARG HD3  H N N 34  
ARG HE   H N N 35  
ARG HH11 H N N 36  
ARG HH12 H N N 37  
ARG HH21 H N N 38  
ARG HH22 H N N 39  
ARG HXT  H N N 40  
ASN N    N N N 41  
ASN CA   C N S 42  
ASN C    C N N 43  
ASN O    O N N 44  
ASN CB   C N N 45  
ASN CG   C N N 46  
ASN OD1  O N N 47  
ASN ND2  N N N 48  
ASN OXT  O N N 49  
ASN H    H N N 50  
ASN H2   H N N 51  
ASN HA   H N N 52  
ASN HB2  H N N 53  
ASN HB3  H N N 54  
ASN HD21 H N N 55  
ASN HD22 H N N 56  
ASN HXT  H N N 57  
ASP N    N N N 58  
ASP CA   C N S 59  
ASP C    C N N 60  
ASP O    O N N 61  
ASP CB   C N N 62  
ASP CG   C N N 63  
ASP OD1  O N N 64  
ASP OD2  O N N 65  
ASP OXT  O N N 66  
ASP H    H N N 67  
ASP H2   H N N 68  
ASP HA   H N N 69  
ASP HB2  H N N 70  
ASP HB3  H N N 71  
ASP HD2  H N N 72  
ASP HXT  H N N 73  
CYS N    N N N 74  
CYS CA   C N R 75  
CYS C    C N N 76  
CYS O    O N N 77  
CYS CB   C N N 78  
CYS SG   S N N 79  
CYS OXT  O N N 80  
CYS H    H N N 81  
CYS H2   H N N 82  
CYS HA   H N N 83  
CYS HB2  H N N 84  
CYS HB3  H N N 85  
CYS HG   H N N 86  
CYS HXT  H N N 87  
GLN N    N N N 88  
GLN CA   C N S 89  
GLN C    C N N 90  
GLN O    O N N 91  
GLN CB   C N N 92  
GLN CG   C N N 93  
GLN CD   C N N 94  
GLN OE1  O N N 95  
GLN NE2  N N N 96  
GLN OXT  O N N 97  
GLN H    H N N 98  
GLN H2   H N N 99  
GLN HA   H N N 100 
GLN HB2  H N N 101 
GLN HB3  H N N 102 
GLN HG2  H N N 103 
GLN HG3  H N N 104 
GLN HE21 H N N 105 
GLN HE22 H N N 106 
GLN HXT  H N N 107 
GLU N    N N N 108 
GLU CA   C N S 109 
GLU C    C N N 110 
GLU O    O N N 111 
GLU CB   C N N 112 
GLU CG   C N N 113 
GLU CD   C N N 114 
GLU OE1  O N N 115 
GLU OE2  O N N 116 
GLU OXT  O N N 117 
GLU H    H N N 118 
GLU H2   H N N 119 
GLU HA   H N N 120 
GLU HB2  H N N 121 
GLU HB3  H N N 122 
GLU HG2  H N N 123 
GLU HG3  H N N 124 
GLU HE2  H N N 125 
GLU HXT  H N N 126 
GLY N    N N N 127 
GLY CA   C N N 128 
GLY C    C N N 129 
GLY O    O N N 130 
GLY OXT  O N N 131 
GLY H    H N N 132 
GLY H2   H N N 133 
GLY HA2  H N N 134 
GLY HA3  H N N 135 
GLY HXT  H N N 136 
HIS N    N N N 137 
HIS CA   C N S 138 
HIS C    C N N 139 
HIS O    O N N 140 
HIS CB   C N N 141 
HIS CG   C Y N 142 
HIS ND1  N Y N 143 
HIS CD2  C Y N 144 
HIS CE1  C Y N 145 
HIS NE2  N Y N 146 
HIS OXT  O N N 147 
HIS H    H N N 148 
HIS H2   H N N 149 
HIS HA   H N N 150 
HIS HB2  H N N 151 
HIS HB3  H N N 152 
HIS HD1  H N N 153 
HIS HD2  H N N 154 
HIS HE1  H N N 155 
HIS HE2  H N N 156 
HIS HXT  H N N 157 
ILE N    N N N 158 
ILE CA   C N S 159 
ILE C    C N N 160 
ILE O    O N N 161 
ILE CB   C N S 162 
ILE CG1  C N N 163 
ILE CG2  C N N 164 
ILE CD1  C N N 165 
ILE OXT  O N N 166 
ILE H    H N N 167 
ILE H2   H N N 168 
ILE HA   H N N 169 
ILE HB   H N N 170 
ILE HG12 H N N 171 
ILE HG13 H N N 172 
ILE HG21 H N N 173 
ILE HG22 H N N 174 
ILE HG23 H N N 175 
ILE HD11 H N N 176 
ILE HD12 H N N 177 
ILE HD13 H N N 178 
ILE HXT  H N N 179 
LEU N    N N N 180 
LEU CA   C N S 181 
LEU C    C N N 182 
LEU O    O N N 183 
LEU CB   C N N 184 
LEU CG   C N N 185 
LEU CD1  C N N 186 
LEU CD2  C N N 187 
LEU OXT  O N N 188 
LEU H    H N N 189 
LEU H2   H N N 190 
LEU HA   H N N 191 
LEU HB2  H N N 192 
LEU HB3  H N N 193 
LEU HG   H N N 194 
LEU HD11 H N N 195 
LEU HD12 H N N 196 
LEU HD13 H N N 197 
LEU HD21 H N N 198 
LEU HD22 H N N 199 
LEU HD23 H N N 200 
LEU HXT  H N N 201 
LYS N    N N N 202 
LYS CA   C N S 203 
LYS C    C N N 204 
LYS O    O N N 205 
LYS CB   C N N 206 
LYS CG   C N N 207 
LYS CD   C N N 208 
LYS CE   C N N 209 
LYS NZ   N N N 210 
LYS OXT  O N N 211 
LYS H    H N N 212 
LYS H2   H N N 213 
LYS HA   H N N 214 
LYS HB2  H N N 215 
LYS HB3  H N N 216 
LYS HG2  H N N 217 
LYS HG3  H N N 218 
LYS HD2  H N N 219 
LYS HD3  H N N 220 
LYS HE2  H N N 221 
LYS HE3  H N N 222 
LYS HZ1  H N N 223 
LYS HZ2  H N N 224 
LYS HZ3  H N N 225 
LYS HXT  H N N 226 
MET N    N N N 227 
MET CA   C N S 228 
MET C    C N N 229 
MET O    O N N 230 
MET CB   C N N 231 
MET CG   C N N 232 
MET SD   S N N 233 
MET CE   C N N 234 
MET OXT  O N N 235 
MET H    H N N 236 
MET H2   H N N 237 
MET HA   H N N 238 
MET HB2  H N N 239 
MET HB3  H N N 240 
MET HG2  H N N 241 
MET HG3  H N N 242 
MET HE1  H N N 243 
MET HE2  H N N 244 
MET HE3  H N N 245 
MET HXT  H N N 246 
PHE N    N N N 247 
PHE CA   C N S 248 
PHE C    C N N 249 
PHE O    O N N 250 
PHE CB   C N N 251 
PHE CG   C Y N 252 
PHE CD1  C Y N 253 
PHE CD2  C Y N 254 
PHE CE1  C Y N 255 
PHE CE2  C Y N 256 
PHE CZ   C Y N 257 
PHE OXT  O N N 258 
PHE H    H N N 259 
PHE H2   H N N 260 
PHE HA   H N N 261 
PHE HB2  H N N 262 
PHE HB3  H N N 263 
PHE HD1  H N N 264 
PHE HD2  H N N 265 
PHE HE1  H N N 266 
PHE HE2  H N N 267 
PHE HZ   H N N 268 
PHE HXT  H N N 269 
PRO N    N N N 270 
PRO CA   C N S 271 
PRO C    C N N 272 
PRO O    O N N 273 
PRO CB   C N N 274 
PRO CG   C N N 275 
PRO CD   C N N 276 
PRO OXT  O N N 277 
PRO H    H N N 278 
PRO HA   H N N 279 
PRO HB2  H N N 280 
PRO HB3  H N N 281 
PRO HG2  H N N 282 
PRO HG3  H N N 283 
PRO HD2  H N N 284 
PRO HD3  H N N 285 
PRO HXT  H N N 286 
SER N    N N N 287 
SER CA   C N S 288 
SER C    C N N 289 
SER O    O N N 290 
SER CB   C N N 291 
SER OG   O N N 292 
SER OXT  O N N 293 
SER H    H N N 294 
SER H2   H N N 295 
SER HA   H N N 296 
SER HB2  H N N 297 
SER HB3  H N N 298 
SER HG   H N N 299 
SER HXT  H N N 300 
THR N    N N N 301 
THR CA   C N S 302 
THR C    C N N 303 
THR O    O N N 304 
THR CB   C N R 305 
THR OG1  O N N 306 
THR CG2  C N N 307 
THR OXT  O N N 308 
THR H    H N N 309 
THR H2   H N N 310 
THR HA   H N N 311 
THR HB   H N N 312 
THR HG1  H N N 313 
THR HG21 H N N 314 
THR HG22 H N N 315 
THR HG23 H N N 316 
THR HXT  H N N 317 
TRP N    N N N 318 
TRP CA   C N S 319 
TRP C    C N N 320 
TRP O    O N N 321 
TRP CB   C N N 322 
TRP CG   C Y N 323 
TRP CD1  C Y N 324 
TRP CD2  C Y N 325 
TRP NE1  N Y N 326 
TRP CE2  C Y N 327 
TRP CE3  C Y N 328 
TRP CZ2  C Y N 329 
TRP CZ3  C Y N 330 
TRP CH2  C Y N 331 
TRP OXT  O N N 332 
TRP H    H N N 333 
TRP H2   H N N 334 
TRP HA   H N N 335 
TRP HB2  H N N 336 
TRP HB3  H N N 337 
TRP HD1  H N N 338 
TRP HE1  H N N 339 
TRP HE3  H N N 340 
TRP HZ2  H N N 341 
TRP HZ3  H N N 342 
TRP HH2  H N N 343 
TRP HXT  H N N 344 
TYR N    N N N 345 
TYR CA   C N S 346 
TYR C    C N N 347 
TYR O    O N N 348 
TYR CB   C N N 349 
TYR CG   C Y N 350 
TYR CD1  C Y N 351 
TYR CD2  C Y N 352 
TYR CE1  C Y N 353 
TYR CE2  C Y N 354 
TYR CZ   C Y N 355 
TYR OH   O N N 356 
TYR OXT  O N N 357 
TYR H    H N N 358 
TYR H2   H N N 359 
TYR HA   H N N 360 
TYR HB2  H N N 361 
TYR HB3  H N N 362 
TYR HD1  H N N 363 
TYR HD2  H N N 364 
TYR HE1  H N N 365 
TYR HE2  H N N 366 
TYR HH   H N N 367 
TYR HXT  H N N 368 
VAL N    N N N 369 
VAL CA   C N S 370 
VAL C    C N N 371 
VAL O    O N N 372 
VAL CB   C N N 373 
VAL CG1  C N N 374 
VAL CG2  C N N 375 
VAL OXT  O N N 376 
VAL H    H N N 377 
VAL H2   H N N 378 
VAL HA   H N N 379 
VAL HB   H N N 380 
VAL HG11 H N N 381 
VAL HG12 H N N 382 
VAL HG13 H N N 383 
VAL HG21 H N N 384 
VAL HG22 H N N 385 
VAL HG23 H N N 386 
VAL HXT  H N N 387 
# 
loop_
_chem_comp_bond.comp_id 
_chem_comp_bond.atom_id_1 
_chem_comp_bond.atom_id_2 
_chem_comp_bond.value_order 
_chem_comp_bond.pdbx_aromatic_flag 
_chem_comp_bond.pdbx_stereo_config 
_chem_comp_bond.pdbx_ordinal 
ALA N   CA   sing N N 1   
ALA N   H    sing N N 2   
ALA N   H2   sing N N 3   
ALA CA  C    sing N N 4   
ALA CA  CB   sing N N 5   
ALA CA  HA   sing N N 6   
ALA C   O    doub N N 7   
ALA C   OXT  sing N N 8   
ALA CB  HB1  sing N N 9   
ALA CB  HB2  sing N N 10  
ALA CB  HB3  sing N N 11  
ALA OXT HXT  sing N N 12  
ARG N   CA   sing N N 13  
ARG N   H    sing N N 14  
ARG N   H2   sing N N 15  
ARG CA  C    sing N N 16  
ARG CA  CB   sing N N 17  
ARG CA  HA   sing N N 18  
ARG C   O    doub N N 19  
ARG C   OXT  sing N N 20  
ARG CB  CG   sing N N 21  
ARG CB  HB2  sing N N 22  
ARG CB  HB3  sing N N 23  
ARG CG  CD   sing N N 24  
ARG CG  HG2  sing N N 25  
ARG CG  HG3  sing N N 26  
ARG CD  NE   sing N N 27  
ARG CD  HD2  sing N N 28  
ARG CD  HD3  sing N N 29  
ARG NE  CZ   sing N N 30  
ARG NE  HE   sing N N 31  
ARG CZ  NH1  sing N N 32  
ARG CZ  NH2  doub N N 33  
ARG NH1 HH11 sing N N 34  
ARG NH1 HH12 sing N N 35  
ARG NH2 HH21 sing N N 36  
ARG NH2 HH22 sing N N 37  
ARG OXT HXT  sing N N 38  
ASN N   CA   sing N N 39  
ASN N   H    sing N N 40  
ASN N   H2   sing N N 41  
ASN CA  C    sing N N 42  
ASN CA  CB   sing N N 43  
ASN CA  HA   sing N N 44  
ASN C   O    doub N N 45  
ASN C   OXT  sing N N 46  
ASN CB  CG   sing N N 47  
ASN CB  HB2  sing N N 48  
ASN CB  HB3  sing N N 49  
ASN CG  OD1  doub N N 50  
ASN CG  ND2  sing N N 51  
ASN ND2 HD21 sing N N 52  
ASN ND2 HD22 sing N N 53  
ASN OXT HXT  sing N N 54  
ASP N   CA   sing N N 55  
ASP N   H    sing N N 56  
ASP N   H2   sing N N 57  
ASP CA  C    sing N N 58  
ASP CA  CB   sing N N 59  
ASP CA  HA   sing N N 60  
ASP C   O    doub N N 61  
ASP C   OXT  sing N N 62  
ASP CB  CG   sing N N 63  
ASP CB  HB2  sing N N 64  
ASP CB  HB3  sing N N 65  
ASP CG  OD1  doub N N 66  
ASP CG  OD2  sing N N 67  
ASP OD2 HD2  sing N N 68  
ASP OXT HXT  sing N N 69  
CYS N   CA   sing N N 70  
CYS N   H    sing N N 71  
CYS N   H2   sing N N 72  
CYS CA  C    sing N N 73  
CYS CA  CB   sing N N 74  
CYS CA  HA   sing N N 75  
CYS C   O    doub N N 76  
CYS C   OXT  sing N N 77  
CYS CB  SG   sing N N 78  
CYS CB  HB2  sing N N 79  
CYS CB  HB3  sing N N 80  
CYS SG  HG   sing N N 81  
CYS OXT HXT  sing N N 82  
GLN N   CA   sing N N 83  
GLN N   H    sing N N 84  
GLN N   H2   sing N N 85  
GLN CA  C    sing N N 86  
GLN CA  CB   sing N N 87  
GLN CA  HA   sing N N 88  
GLN C   O    doub N N 89  
GLN C   OXT  sing N N 90  
GLN CB  CG   sing N N 91  
GLN CB  HB2  sing N N 92  
GLN CB  HB3  sing N N 93  
GLN CG  CD   sing N N 94  
GLN CG  HG2  sing N N 95  
GLN CG  HG3  sing N N 96  
GLN CD  OE1  doub N N 97  
GLN CD  NE2  sing N N 98  
GLN NE2 HE21 sing N N 99  
GLN NE2 HE22 sing N N 100 
GLN OXT HXT  sing N N 101 
GLU N   CA   sing N N 102 
GLU N   H    sing N N 103 
GLU N   H2   sing N N 104 
GLU CA  C    sing N N 105 
GLU CA  CB   sing N N 106 
GLU CA  HA   sing N N 107 
GLU C   O    doub N N 108 
GLU C   OXT  sing N N 109 
GLU CB  CG   sing N N 110 
GLU CB  HB2  sing N N 111 
GLU CB  HB3  sing N N 112 
GLU CG  CD   sing N N 113 
GLU CG  HG2  sing N N 114 
GLU CG  HG3  sing N N 115 
GLU CD  OE1  doub N N 116 
GLU CD  OE2  sing N N 117 
GLU OE2 HE2  sing N N 118 
GLU OXT HXT  sing N N 119 
GLY N   CA   sing N N 120 
GLY N   H    sing N N 121 
GLY N   H2   sing N N 122 
GLY CA  C    sing N N 123 
GLY CA  HA2  sing N N 124 
GLY CA  HA3  sing N N 125 
GLY C   O    doub N N 126 
GLY C   OXT  sing N N 127 
GLY OXT HXT  sing N N 128 
HIS N   CA   sing N N 129 
HIS N   H    sing N N 130 
HIS N   H2   sing N N 131 
HIS CA  C    sing N N 132 
HIS CA  CB   sing N N 133 
HIS CA  HA   sing N N 134 
HIS C   O    doub N N 135 
HIS C   OXT  sing N N 136 
HIS CB  CG   sing N N 137 
HIS CB  HB2  sing N N 138 
HIS CB  HB3  sing N N 139 
HIS CG  ND1  sing Y N 140 
HIS CG  CD2  doub Y N 141 
HIS ND1 CE1  doub Y N 142 
HIS ND1 HD1  sing N N 143 
HIS CD2 NE2  sing Y N 144 
HIS CD2 HD2  sing N N 145 
HIS CE1 NE2  sing Y N 146 
HIS CE1 HE1  sing N N 147 
HIS NE2 HE2  sing N N 148 
HIS OXT HXT  sing N N 149 
ILE N   CA   sing N N 150 
ILE N   H    sing N N 151 
ILE N   H2   sing N N 152 
ILE CA  C    sing N N 153 
ILE CA  CB   sing N N 154 
ILE CA  HA   sing N N 155 
ILE C   O    doub N N 156 
ILE C   OXT  sing N N 157 
ILE CB  CG1  sing N N 158 
ILE CB  CG2  sing N N 159 
ILE CB  HB   sing N N 160 
ILE CG1 CD1  sing N N 161 
ILE CG1 HG12 sing N N 162 
ILE CG1 HG13 sing N N 163 
ILE CG2 HG21 sing N N 164 
ILE CG2 HG22 sing N N 165 
ILE CG2 HG23 sing N N 166 
ILE CD1 HD11 sing N N 167 
ILE CD1 HD12 sing N N 168 
ILE CD1 HD13 sing N N 169 
ILE OXT HXT  sing N N 170 
LEU N   CA   sing N N 171 
LEU N   H    sing N N 172 
LEU N   H2   sing N N 173 
LEU CA  C    sing N N 174 
LEU CA  CB   sing N N 175 
LEU CA  HA   sing N N 176 
LEU C   O    doub N N 177 
LEU C   OXT  sing N N 178 
LEU CB  CG   sing N N 179 
LEU CB  HB2  sing N N 180 
LEU CB  HB3  sing N N 181 
LEU CG  CD1  sing N N 182 
LEU CG  CD2  sing N N 183 
LEU CG  HG   sing N N 184 
LEU CD1 HD11 sing N N 185 
LEU CD1 HD12 sing N N 186 
LEU CD1 HD13 sing N N 187 
LEU CD2 HD21 sing N N 188 
LEU CD2 HD22 sing N N 189 
LEU CD2 HD23 sing N N 190 
LEU OXT HXT  sing N N 191 
LYS N   CA   sing N N 192 
LYS N   H    sing N N 193 
LYS N   H2   sing N N 194 
LYS CA  C    sing N N 195 
LYS CA  CB   sing N N 196 
LYS CA  HA   sing N N 197 
LYS C   O    doub N N 198 
LYS C   OXT  sing N N 199 
LYS CB  CG   sing N N 200 
LYS CB  HB2  sing N N 201 
LYS CB  HB3  sing N N 202 
LYS CG  CD   sing N N 203 
LYS CG  HG2  sing N N 204 
LYS CG  HG3  sing N N 205 
LYS CD  CE   sing N N 206 
LYS CD  HD2  sing N N 207 
LYS CD  HD3  sing N N 208 
LYS CE  NZ   sing N N 209 
LYS CE  HE2  sing N N 210 
LYS CE  HE3  sing N N 211 
LYS NZ  HZ1  sing N N 212 
LYS NZ  HZ2  sing N N 213 
LYS NZ  HZ3  sing N N 214 
LYS OXT HXT  sing N N 215 
MET N   CA   sing N N 216 
MET N   H    sing N N 217 
MET N   H2   sing N N 218 
MET CA  C    sing N N 219 
MET CA  CB   sing N N 220 
MET CA  HA   sing N N 221 
MET C   O    doub N N 222 
MET C   OXT  sing N N 223 
MET CB  CG   sing N N 224 
MET CB  HB2  sing N N 225 
MET CB  HB3  sing N N 226 
MET CG  SD   sing N N 227 
MET CG  HG2  sing N N 228 
MET CG  HG3  sing N N 229 
MET SD  CE   sing N N 230 
MET CE  HE1  sing N N 231 
MET CE  HE2  sing N N 232 
MET CE  HE3  sing N N 233 
MET OXT HXT  sing N N 234 
PHE N   CA   sing N N 235 
PHE N   H    sing N N 236 
PHE N   H2   sing N N 237 
PHE CA  C    sing N N 238 
PHE CA  CB   sing N N 239 
PHE CA  HA   sing N N 240 
PHE C   O    doub N N 241 
PHE C   OXT  sing N N 242 
PHE CB  CG   sing N N 243 
PHE CB  HB2  sing N N 244 
PHE CB  HB3  sing N N 245 
PHE CG  CD1  doub Y N 246 
PHE CG  CD2  sing Y N 247 
PHE CD1 CE1  sing Y N 248 
PHE CD1 HD1  sing N N 249 
PHE CD2 CE2  doub Y N 250 
PHE CD2 HD2  sing N N 251 
PHE CE1 CZ   doub Y N 252 
PHE CE1 HE1  sing N N 253 
PHE CE2 CZ   sing Y N 254 
PHE CE2 HE2  sing N N 255 
PHE CZ  HZ   sing N N 256 
PHE OXT HXT  sing N N 257 
PRO N   CA   sing N N 258 
PRO N   CD   sing N N 259 
PRO N   H    sing N N 260 
PRO CA  C    sing N N 261 
PRO CA  CB   sing N N 262 
PRO CA  HA   sing N N 263 
PRO C   O    doub N N 264 
PRO C   OXT  sing N N 265 
PRO CB  CG   sing N N 266 
PRO CB  HB2  sing N N 267 
PRO CB  HB3  sing N N 268 
PRO CG  CD   sing N N 269 
PRO CG  HG2  sing N N 270 
PRO CG  HG3  sing N N 271 
PRO CD  HD2  sing N N 272 
PRO CD  HD3  sing N N 273 
PRO OXT HXT  sing N N 274 
SER N   CA   sing N N 275 
SER N   H    sing N N 276 
SER N   H2   sing N N 277 
SER CA  C    sing N N 278 
SER CA  CB   sing N N 279 
SER CA  HA   sing N N 280 
SER C   O    doub N N 281 
SER C   OXT  sing N N 282 
SER CB  OG   sing N N 283 
SER CB  HB2  sing N N 284 
SER CB  HB3  sing N N 285 
SER OG  HG   sing N N 286 
SER OXT HXT  sing N N 287 
THR N   CA   sing N N 288 
THR N   H    sing N N 289 
THR N   H2   sing N N 290 
THR CA  C    sing N N 291 
THR CA  CB   sing N N 292 
THR CA  HA   sing N N 293 
THR C   O    doub N N 294 
THR C   OXT  sing N N 295 
THR CB  OG1  sing N N 296 
THR CB  CG2  sing N N 297 
THR CB  HB   sing N N 298 
THR OG1 HG1  sing N N 299 
THR CG2 HG21 sing N N 300 
THR CG2 HG22 sing N N 301 
THR CG2 HG23 sing N N 302 
THR OXT HXT  sing N N 303 
TRP N   CA   sing N N 304 
TRP N   H    sing N N 305 
TRP N   H2   sing N N 306 
TRP CA  C    sing N N 307 
TRP CA  CB   sing N N 308 
TRP CA  HA   sing N N 309 
TRP C   O    doub N N 310 
TRP C   OXT  sing N N 311 
TRP CB  CG   sing N N 312 
TRP CB  HB2  sing N N 313 
TRP CB  HB3  sing N N 314 
TRP CG  CD1  doub Y N 315 
TRP CG  CD2  sing Y N 316 
TRP CD1 NE1  sing Y N 317 
TRP CD1 HD1  sing N N 318 
TRP CD2 CE2  doub Y N 319 
TRP CD2 CE3  sing Y N 320 
TRP NE1 CE2  sing Y N 321 
TRP NE1 HE1  sing N N 322 
TRP CE2 CZ2  sing Y N 323 
TRP CE3 CZ3  doub Y N 324 
TRP CE3 HE3  sing N N 325 
TRP CZ2 CH2  doub Y N 326 
TRP CZ2 HZ2  sing N N 327 
TRP CZ3 CH2  sing Y N 328 
TRP CZ3 HZ3  sing N N 329 
TRP CH2 HH2  sing N N 330 
TRP OXT HXT  sing N N 331 
TYR N   CA   sing N N 332 
TYR N   H    sing N N 333 
TYR N   H2   sing N N 334 
TYR CA  C    sing N N 335 
TYR CA  CB   sing N N 336 
TYR CA  HA   sing N N 337 
TYR C   O    doub N N 338 
TYR C   OXT  sing N N 339 
TYR CB  CG   sing N N 340 
TYR CB  HB2  sing N N 341 
TYR CB  HB3  sing N N 342 
TYR CG  CD1  doub Y N 343 
TYR CG  CD2  sing Y N 344 
TYR CD1 CE1  sing Y N 345 
TYR CD1 HD1  sing N N 346 
TYR CD2 CE2  doub Y N 347 
TYR CD2 HD2  sing N N 348 
TYR CE1 CZ   doub Y N 349 
TYR CE1 HE1  sing N N 350 
TYR CE2 CZ   sing Y N 351 
TYR CE2 HE2  sing N N 352 
TYR CZ  OH   sing N N 353 
TYR OH  HH   sing N N 354 
TYR OXT HXT  sing N N 355 
VAL N   CA   sing N N 356 
VAL N   H    sing N N 357 
VAL N   H2   sing N N 358 
VAL CA  C    sing N N 359 
VAL CA  CB   sing N N 360 
VAL CA  HA   sing N N 361 
VAL C   O    doub N N 362 
VAL C   OXT  sing N N 363 
VAL CB  CG1  sing N N 364 
VAL CB  CG2  sing N N 365 
VAL CB  HB   sing N N 366 
VAL CG1 HG11 sing N N 367 
VAL CG1 HG12 sing N N 368 
VAL CG1 HG13 sing N N 369 
VAL CG2 HG21 sing N N 370 
VAL CG2 HG22 sing N N 371 
VAL CG2 HG23 sing N N 372 
VAL OXT HXT  sing N N 373 
# 
_em_ctf_correction.id        1 
_em_ctf_correction.details   'CTF correction of each image' 
_em_ctf_correction.type      . 
# 
_em_image_processing.id                   1 
_em_image_processing.image_recording_id   1 
_em_image_processing.details              ? 
# 
_em_image_recording.details                       4kx4k 
_em_image_recording.id                            1 
_em_image_recording.avg_electron_dose_per_image   12 
_em_image_recording.film_or_detector_model        'GATAN ULTRASCAN 4000 (4k x 4k)' 
_em_image_recording.imaging_id                    1 
_em_image_recording.detector_mode                 ? 
_em_image_recording.average_exposure_time         ? 
_em_image_recording.num_diffraction_images        ? 
_em_image_recording.num_grids_imaged              ? 
_em_image_recording.num_real_images               ? 
# 
loop_
_em_software.id 
_em_software.name 
_em_software.version 
_em_software.category 
_em_software.details 
_em_software.image_processing_id 
1 'UCSF Chimera' ? 'MODEL FITTING' ? ? 
2 IMIRS          ? RECONSTRUCTION  ? 1 
# 
_em_specimen.experiment_id           1 
_em_specimen.id                      1 
_em_specimen.concentration           0.2 
_em_specimen.vitrification_applied   YES 
_em_specimen.staining_applied        NO 
_em_specimen.embedding_applied       NO 
_em_specimen.shadowing_applied       NO 
_em_specimen.details                 ? 
# 
_pdbx_initial_refinement_model.id               1 
_pdbx_initial_refinement_model.type             'experimental model' 
_pdbx_initial_refinement_model.source_name      PDB 
_pdbx_initial_refinement_model.accession_code   1EAA 
# 
_atom_sites.entry_id                    3B8K 
_atom_sites.fract_transf_matrix[1][1]   1.000000 
_atom_sites.fract_transf_matrix[1][2]   0.000000 
_atom_sites.fract_transf_matrix[1][3]   0.000000 
_atom_sites.fract_transf_matrix[2][1]   0.000000 
_atom_sites.fract_transf_matrix[2][2]   1.000000 
_atom_sites.fract_transf_matrix[2][3]   0.000000 
_atom_sites.fract_transf_matrix[3][1]   0.000000 
_atom_sites.fract_transf_matrix[3][2]   0.000000 
_atom_sites.fract_transf_matrix[3][3]   1.000000 
_atom_sites.fract_transf_vector[1]      0.00000 
_atom_sites.fract_transf_vector[2]      0.00000 
_atom_sites.fract_transf_vector[3]      0.00000 
# 
loop_
_atom_type.symbol 
C 
N 
O 
S 
# 
loop_
_atom_site.group_PDB 
_atom_site.id 
_atom_site.type_symbol 
_atom_site.label_atom_id 
_atom_site.label_alt_id 
_atom_site.label_comp_id 
_atom_site.label_asym_id 
_atom_site.label_entity_id 
_atom_site.label_seq_id 
_atom_site.pdbx_PDB_ins_code 
_atom_site.Cartn_x 
_atom_site.Cartn_y 
_atom_site.Cartn_z 
_atom_site.occupancy 
_atom_site.B_iso_or_equiv 
_atom_site.pdbx_formal_charge 
_atom_site.auth_seq_id 
_atom_site.auth_comp_id 
_atom_site.auth_asym_id 
_atom_site.auth_atom_id 
_atom_site.pdbx_PDB_model_num 
ATOM 1    N N   . GLY A 1 1   ? 2.967   -22.971 -24.294 1.00 30.00 ? 323 GLY A N   1 
ATOM 2    C CA  . GLY A 1 1   ? 1.803   -22.125 -24.631 1.00 30.00 ? 323 GLY A CA  1 
ATOM 3    C C   . GLY A 1 1   ? 2.224   -20.754 -25.201 1.00 30.00 ? 323 GLY A C   1 
ATOM 4    O O   . GLY A 1 1   ? 3.364   -20.588 -25.630 1.00 30.00 ? 323 GLY A O   1 
ATOM 5    N N   . PRO A 1 2   ? 1.254   -19.851 -25.331 1.00 30.00 ? 324 PRO A N   1 
ATOM 6    C CA  . PRO A 1 2   ? 1.272   -18.658 -26.175 1.00 30.00 ? 324 PRO A CA  1 
ATOM 7    C C   . PRO A 1 2   ? 2.092   -17.518 -25.591 1.00 30.00 ? 324 PRO A C   1 
ATOM 8    O O   . PRO A 1 2   ? 1.576   -16.770 -24.785 1.00 30.00 ? 324 PRO A O   1 
ATOM 9    C CB  . PRO A 1 2   ? -0.205  -18.260 -26.314 1.00 30.00 ? 324 PRO A CB  1 
ATOM 10   C CG  . PRO A 1 2   ? -0.829  -18.674 -24.998 1.00 30.00 ? 324 PRO A CG  1 
ATOM 11   C CD  . PRO A 1 2   ? -0.060  -19.957 -24.734 1.00 30.00 ? 324 PRO A CD  1 
ATOM 12   N N   . GLY A 1 3   ? 3.206   -17.210 -26.251 1.00 30.00 ? 325 GLY A N   1 
ATOM 13   C CA  . GLY A 1 3   ? 4.087   -16.068 -25.901 1.00 30.00 ? 325 GLY A CA  1 
ATOM 14   C C   . GLY A 1 3   ? 3.637   -15.204 -24.708 1.00 30.00 ? 325 GLY A C   1 
ATOM 15   O O   . GLY A 1 3   ? 3.972   -15.509 -23.571 1.00 30.00 ? 325 GLY A O   1 
ATOM 16   N N   . MET A 1 4   ? 2.786   -14.221 -24.992 1.00 30.00 ? 326 MET A N   1 
ATOM 17   C CA  . MET A 1 4   ? 2.194   -13.342 -23.963 1.00 30.00 ? 326 MET A CA  1 
ATOM 18   C C   . MET A 1 4   ? 0.717   -13.672 -23.756 1.00 30.00 ? 326 MET A C   1 
ATOM 19   O O   . MET A 1 4   ? 0.053   -14.164 -24.670 1.00 30.00 ? 326 MET A O   1 
ATOM 20   C CB  . MET A 1 4   ? 2.297   -11.884 -24.382 1.00 30.00 ? 326 MET A CB  1 
ATOM 21   C CG  . MET A 1 4   ? 1.524   -11.605 -25.677 1.00 30.00 ? 326 MET A CG  1 
ATOM 22   S SD  . MET A 1 4   ? 1.600   -9.856  -26.187 1.00 30.00 ? 326 MET A SD  1 
ATOM 23   C CE  . MET A 1 4   ? 3.360   -9.674  -26.392 1.00 30.00 ? 326 MET A CE  1 
ATOM 24   N N   . ALA A 1 5   ? 0.222   -13.376 -22.551 1.00 30.00 ? 327 ALA A N   1 
ATOM 25   C CA  . ALA A 1 5   ? -1.034  -13.996 -22.106 1.00 30.00 ? 327 ALA A CA  1 
ATOM 26   C C   . ALA A 1 5   ? -1.005  -15.506 -22.477 1.00 30.00 ? 327 ALA A C   1 
ATOM 27   O O   . ALA A 1 5   ? -1.837  -15.924 -23.280 1.00 30.00 ? 327 ALA A O   1 
ATOM 28   C CB  . ALA A 1 5   ? -2.201  -13.253 -22.773 1.00 30.00 ? 327 ALA A CB  1 
ATOM 29   N N   . PRO A 1 6   ? 0.028   -16.263 -22.027 1.00 30.00 ? 328 PRO A N   1 
ATOM 30   C CA  . PRO A 1 6   ? 0.192   -17.722 -22.149 1.00 30.00 ? 328 PRO A CA  1 
ATOM 31   C C   . PRO A 1 6   ? 0.023   -18.474 -20.841 1.00 30.00 ? 328 PRO A C   1 
ATOM 32   O O   . PRO A 1 6   ? 0.301   -18.041 -19.759 1.00 30.00 ? 328 PRO A O   1 
ATOM 33   C CB  . PRO A 1 6   ? 1.659   -17.993 -22.407 1.00 30.00 ? 328 PRO A CB  1 
ATOM 34   C CG  . PRO A 1 6   ? 2.369   -16.880 -21.699 1.00 30.00 ? 328 PRO A CG  1 
ATOM 35   C CD  . PRO A 1 6   ? 1.356   -15.752 -21.690 1.00 30.00 ? 328 PRO A CD  1 
ATOM 36   N N   . VAL A 1 7   ? -0.235  -19.732 -20.867 1.00 30.00 ? 329 VAL A N   1 
ATOM 37   C CA  . VAL A 1 7   ? -0.297  -20.549 -19.662 1.00 30.00 ? 329 VAL A CA  1 
ATOM 38   C C   . VAL A 1 7   ? 1.075   -21.183 -19.503 1.00 30.00 ? 329 VAL A C   1 
ATOM 39   O O   . VAL A 1 7   ? 1.604   -21.087 -18.509 1.00 30.00 ? 329 VAL A O   1 
ATOM 40   C CB  . VAL A 1 7   ? -1.350  -21.645 -19.777 1.00 30.00 ? 329 VAL A CB  1 
ATOM 41   C CG1 . VAL A 1 7   ? -0.919  -22.998 -20.363 1.00 30.00 ? 329 VAL A CG1 1 
ATOM 42   C CG2 . VAL A 1 7   ? -1.798  -21.998 -18.405 1.00 30.00 ? 329 VAL A CG2 1 
ATOM 43   N N   . PRO A 1 8   ? 1.868   -21.675 -20.397 1.00 30.00 ? 330 PRO A N   1 
ATOM 44   C CA  . PRO A 1 8   ? 3.124   -22.396 -20.091 1.00 30.00 ? 330 PRO A CA  1 
ATOM 45   C C   . PRO A 1 8   ? 4.120   -21.525 -19.288 1.00 30.00 ? 330 PRO A C   1 
ATOM 46   O O   . PRO A 1 8   ? 4.169   -21.590 -18.070 1.00 30.00 ? 330 PRO A O   1 
ATOM 47   C CB  . PRO A 1 8   ? 3.628   -22.627 -21.492 1.00 30.00 ? 330 PRO A CB  1 
ATOM 48   C CG  . PRO A 1 8   ? 3.291   -21.265 -22.106 1.00 30.00 ? 330 PRO A CG  1 
ATOM 49   C CD  . PRO A 1 8   ? 1.851   -21.217 -21.745 1.00 30.00 ? 330 PRO A CD  1 
ATOM 50   N N   . THR A 1 9   ? 4.916   -20.728 -19.997 1.00 30.00 ? 331 THR A N   1 
ATOM 51   C CA  . THR A 1 9   ? 5.862   -19.765 -19.455 1.00 30.00 ? 331 THR A CA  1 
ATOM 52   C C   . THR A 1 9   ? 5.099   -18.764 -18.596 1.00 30.00 ? 331 THR A C   1 
ATOM 53   O O   . THR A 1 9   ? 4.094   -18.225 -19.056 1.00 30.00 ? 331 THR A O   1 
ATOM 54   C CB  . THR A 1 9   ? 6.561   -19.055 -20.618 1.00 30.00 ? 331 THR A CB  1 
ATOM 55   O OG1 . THR A 1 9   ? 7.546   -18.219 -20.037 1.00 30.00 ? 331 THR A OG1 1 
ATOM 56   C CG2 . THR A 1 9   ? 5.637   -18.296 -21.585 1.00 30.00 ? 331 THR A CG2 1 
ATOM 57   N N   . GLY A 1 10  ? 5.500   -18.738 -17.323 1.00 30.00 ? 332 GLY A N   1 
ATOM 58   C CA  . GLY A 1 10  ? 5.026   -17.779 -16.312 1.00 30.00 ? 332 GLY A CA  1 
ATOM 59   C C   . GLY A 1 10  ? 5.418   -18.197 -14.921 1.00 30.00 ? 332 GLY A C   1 
ATOM 60   O O   . GLY A 1 10  ? 5.951   -19.281 -14.710 1.00 30.00 ? 332 GLY A O   1 
ATOM 61   N N   . VAL A 1 11  ? 5.307   -17.207 -14.060 1.00 30.00 ? 333 VAL A N   1 
ATOM 62   C CA  . VAL A 1 11  ? 5.771   -17.380 -12.669 1.00 30.00 ? 333 VAL A CA  1 
ATOM 63   C C   . VAL A 1 11  ? 4.607   -17.380 -11.669 1.00 30.00 ? 333 VAL A C   1 
ATOM 64   O O   . VAL A 1 11  ? 4.728   -16.995 -10.510 1.00 30.00 ? 333 VAL A O   1 
ATOM 65   C CB  . VAL A 1 11  ? 6.877   -16.340 -12.400 1.00 30.00 ? 333 VAL A CB  1 
ATOM 66   C CG1 . VAL A 1 11  ? 6.453   -14.904 -12.694 1.00 30.00 ? 333 VAL A CG1 1 
ATOM 67   C CG2 . VAL A 1 11  ? 7.494   -16.457 -11.002 1.00 30.00 ? 333 VAL A CG2 1 
ATOM 68   N N   . PHE A 1 12  ? 3.447   -17.411 -12.312 1.00 30.00 ? 334 PHE A N   1 
ATOM 69   C CA  . PHE A 1 12  ? 2.190   -17.290 -11.678 1.00 30.00 ? 334 PHE A CA  1 
ATOM 70   C C   . PHE A 1 12  ? 1.390   -18.577 -11.774 1.00 30.00 ? 334 PHE A C   1 
ATOM 71   O O   . PHE A 1 12  ? 1.120   -18.895 -12.901 1.00 30.00 ? 334 PHE A O   1 
ATOM 72   C CB  . PHE A 1 12  ? 1.478   -16.007 -12.156 1.00 30.00 ? 334 PHE A CB  1 
ATOM 73   C CG  . PHE A 1 12  ? 2.035   -14.680 -11.578 1.00 30.00 ? 334 PHE A CG  1 
ATOM 74   C CD1 . PHE A 1 12  ? 3.388   -14.478 -11.647 1.00 30.00 ? 334 PHE A CD1 1 
ATOM 75   C CD2 . PHE A 1 12  ? 1.282   -13.580 -11.185 1.00 30.00 ? 334 PHE A CD2 1 
ATOM 76   C CE1 . PHE A 1 12  ? 4.009   -13.287 -11.381 1.00 30.00 ? 334 PHE A CE1 1 
ATOM 77   C CE2 . PHE A 1 12  ? 1.878   -12.354 -10.913 1.00 30.00 ? 334 PHE A CE2 1 
ATOM 78   C CZ  . PHE A 1 12  ? 3.251   -12.208 -11.018 1.00 30.00 ? 334 PHE A CZ  1 
ATOM 79   N N   . THR A 1 13  ? 1.066   -19.272 -10.676 1.00 30.00 ? 335 THR A N   1 
ATOM 80   C CA  . THR A 1 13  ? 0.075   -20.374 -10.698 1.00 30.00 ? 335 THR A CA  1 
ATOM 81   C C   . THR A 1 13  ? -1.421  -20.186 -10.268 1.00 30.00 ? 335 THR A C   1 
ATOM 82   O O   . THR A 1 13  ? -2.262  -21.008 -10.625 1.00 30.00 ? 335 THR A O   1 
ATOM 83   C CB  . THR A 1 13  ? 0.738   -21.497 -9.922  1.00 30.00 ? 335 THR A CB  1 
ATOM 84   O OG1 . THR A 1 13  ? -0.058  -22.664 -10.049 1.00 30.00 ? 335 THR A OG1 1 
ATOM 85   C CG2 . THR A 1 13  ? 0.935   -21.156 -8.446  1.00 30.00 ? 335 THR A CG2 1 
ATOM 86   N N   . ASP A 1 14  ? -1.822  -19.219 -9.435  1.00 30.00 ? 336 ASP A N   1 
ATOM 87   C CA  . ASP A 1 14  ? -1.018  -18.157 -8.818  1.00 30.00 ? 336 ASP A CA  1 
ATOM 88   C C   . ASP A 1 14  ? -2.011  -17.209 -8.205  1.00 30.00 ? 336 ASP A C   1 
ATOM 89   O O   . ASP A 1 14  ? -2.247  -16.159 -8.740  1.00 30.00 ? 336 ASP A O   1 
ATOM 90   C CB  . ASP A 1 14  ? -0.455  -17.261 -9.889  1.00 30.00 ? 336 ASP A CB  1 
ATOM 91   C CG  . ASP A 1 14  ? 0.455   -16.235 -9.346  1.00 30.00 ? 336 ASP A CG  1 
ATOM 92   O OD1 . ASP A 1 14  ? 0.084   -15.068 -9.187  1.00 30.00 ? 336 ASP A OD1 1 
ATOM 93   O OD2 . ASP A 1 14  ? 1.573   -16.645 -9.368  1.00 30.00 ? 336 ASP A OD2 1 
ATOM 94   N N   . ILE A 1 15  ? -2.427  -17.381 -6.994  1.00 30.00 ? 337 ILE A N   1 
ATOM 95   C CA  . ILE A 1 15  ? -3.488  -16.520 -6.418  1.00 30.00 ? 337 ILE A CA  1 
ATOM 96   C C   . ILE A 1 15  ? -4.790  -16.679 -7.215  1.00 30.00 ? 337 ILE A C   1 
ATOM 97   O O   . ILE A 1 15  ? -4.752  -17.396 -8.208  1.00 30.00 ? 337 ILE A O   1 
ATOM 98   C CB  . ILE A 1 15  ? -3.038  -15.045 -6.254  1.00 30.00 ? 337 ILE A CB  1 
ATOM 99   C CG1 . ILE A 1 15  ? -3.033  -14.130 -7.501  1.00 30.00 ? 337 ILE A CG1 1 
ATOM 100  C CG2 . ILE A 1 15  ? -1.881  -15.090 -5.294  1.00 30.00 ? 337 ILE A CG2 1 
ATOM 101  C CD1 . ILE A 1 15  ? -2.393  -12.795 -7.803  1.00 30.00 ? 337 ILE A CD1 1 
ATOM 102  N N   . PRO A 1 16  ? -5.892  -16.033 -6.800  1.00 30.00 ? 338 PRO A N   1 
ATOM 103  C CA  . PRO A 1 16  ? -7.244  -16.344 -7.267  1.00 30.00 ? 338 PRO A CA  1 
ATOM 104  C C   . PRO A 1 16  ? -7.330  -16.228 -8.771  1.00 30.00 ? 338 PRO A C   1 
ATOM 105  O O   . PRO A 1 16  ? -7.913  -15.210 -9.121  1.00 30.00 ? 338 PRO A O   1 
ATOM 106  C CB  . PRO A 1 16  ? -8.121  -15.270 -6.582  1.00 30.00 ? 338 PRO A CB  1 
ATOM 107  C CG  . PRO A 1 16  ? -7.190  -14.073 -6.402  1.00 30.00 ? 338 PRO A CG  1 
ATOM 108  C CD  . PRO A 1 16  ? -5.969  -14.831 -5.943  1.00 30.00 ? 338 PRO A CD  1 
ATOM 109  N N   . ILE A 1 17  ? -7.051  -17.340 -9.481  1.00 30.00 ? 339 ILE A N   1 
ATOM 110  C CA  . ILE A 1 17  ? -6.905  -17.507 -10.944 1.00 30.00 ? 339 ILE A CA  1 
ATOM 111  C C   . ILE A 1 17  ? -5.421  -17.568 -11.284 1.00 30.00 ? 339 ILE A C   1 
ATOM 112  O O   . ILE A 1 17  ? -4.662  -18.199 -10.559 1.00 30.00 ? 339 ILE A O   1 
ATOM 113  C CB  . ILE A 1 17  ? -7.692  -16.431 -11.722 1.00 30.00 ? 339 ILE A CB  1 
ATOM 114  C CG1 . ILE A 1 17  ? -7.770  -16.571 -13.234 1.00 30.00 ? 339 ILE A CG1 1 
ATOM 115  C CG2 . ILE A 1 17  ? -7.082  -15.089 -11.539 1.00 30.00 ? 339 ILE A CG2 1 
ATOM 116  C CD1 . ILE A 1 17  ? -8.474  -17.876 -13.550 1.00 30.00 ? 339 ILE A CD1 1 
ATOM 117  N N   . SER A 1 18  ? -5.097  -17.113 -12.475 1.00 30.00 ? 340 SER A N   1 
ATOM 118  C CA  . SER A 1 18  ? -3.726  -16.965 -12.827 1.00 30.00 ? 340 SER A CA  1 
ATOM 119  C C   . SER A 1 18  ? -2.913  -18.241 -12.878 1.00 30.00 ? 340 SER A C   1 
ATOM 120  O O   . SER A 1 18  ? -1.733  -18.242 -12.527 1.00 30.00 ? 340 SER A O   1 
ATOM 121  C CB  . SER A 1 18  ? -2.878  -15.961 -12.170 1.00 30.00 ? 340 SER A CB  1 
ATOM 122  O OG  . SER A 1 18  ? -2.902  -16.469 -10.918 1.00 30.00 ? 340 SER A OG  1 
ATOM 123  N N   . ASN A 1 19  ? -3.402  -19.087 -13.772 1.00 30.00 ? 341 ASN A N   1 
ATOM 124  C CA  . ASN A 1 19  ? -2.655  -20.279 -14.141 1.00 30.00 ? 341 ASN A CA  1 
ATOM 125  C C   . ASN A 1 19  ? -1.200  -19.931 -14.424 1.00 30.00 ? 341 ASN A C   1 
ATOM 126  O O   . ASN A 1 19  ? -0.414  -20.535 -13.719 1.00 30.00 ? 341 ASN A O   1 
ATOM 127  C CB  . ASN A 1 19  ? -3.277  -20.987 -15.333 1.00 30.00 ? 341 ASN A CB  1 
ATOM 128  C CG  . ASN A 1 19  ? -2.624  -22.345 -15.553 1.00 30.00 ? 341 ASN A CG  1 
ATOM 129  O OD1 . ASN A 1 19  ? -1.442  -22.560 -15.362 1.00 30.00 ? 341 ASN A OD1 1 
ATOM 130  N ND2 . ASN A 1 19  ? -3.380  -23.237 -16.150 1.00 30.00 ? 341 ASN A ND2 1 
ATOM 131  N N   . ILE A 1 20  ? -0.912  -18.968 -15.317 1.00 30.00 ? 342 ILE A N   1 
ATOM 132  C CA  . ILE A 1 20  ? 0.430   -18.475 -15.680 1.00 30.00 ? 342 ILE A CA  1 
ATOM 133  C C   . ILE A 1 20  ? 0.467   -17.083 -16.383 1.00 30.00 ? 342 ILE A C   1 
ATOM 134  O O   . ILE A 1 20  ? -0.197  -16.122 -16.050 1.00 30.00 ? 342 ILE A O   1 
ATOM 135  C CB  . ILE A 1 20  ? 1.000   -19.594 -16.534 1.00 30.00 ? 342 ILE A CB  1 
ATOM 136  C CG1 . ILE A 1 20  ? 1.124   -20.960 -15.832 1.00 30.00 ? 342 ILE A CG1 1 
ATOM 137  C CG2 . ILE A 1 20  ? 2.444   -19.305 -16.783 1.00 30.00 ? 342 ILE A CG2 1 
ATOM 138  C CD1 . ILE A 1 20  ? 1.456   -22.414 -16.209 1.00 30.00 ? 342 ILE A CD1 1 
ATOM 139  N N   . ARG A 1 21  ? 1.333   -16.836 -17.340 1.00 30.00 ? 343 ARG A N   1 
ATOM 140  C CA  . ARG A 1 21  ? 1.445   -15.519 -17.967 1.00 30.00 ? 343 ARG A CA  1 
ATOM 141  C C   . ARG A 1 21  ? 0.159   -15.051 -18.677 1.00 30.00 ? 343 ARG A C   1 
ATOM 142  O O   . ARG A 1 21  ? -0.116  -13.876 -18.843 1.00 30.00 ? 343 ARG A O   1 
ATOM 143  C CB  . ARG A 1 21  ? 2.643   -15.453 -18.879 1.00 30.00 ? 343 ARG A CB  1 
ATOM 144  C CG  . ARG A 1 21  ? 4.002   -15.475 -18.235 1.00 30.00 ? 343 ARG A CG  1 
ATOM 145  C CD  . ARG A 1 21  ? 5.107   -15.454 -19.286 1.00 30.00 ? 343 ARG A CD  1 
ATOM 146  N NE  . ARG A 1 21  ? 6.397   -15.621 -18.598 1.00 30.00 ? 343 ARG A NE  1 
ATOM 147  C CZ  . ARG A 1 21  ? 7.594   -15.534 -19.180 1.00 30.00 ? 343 ARG A CZ  1 
ATOM 148  N NH1 . ARG A 1 21  ? 7.704   -15.316 -20.489 1.00 30.00 ? 343 ARG A NH1 1 
ATOM 149  N NH2 . ARG A 1 21  ? 8.698   -15.688 -18.455 1.00 30.00 ? 343 ARG A NH2 1 
ATOM 150  N N   . ARG A 1 22  ? -0.708  -16.002 -18.970 1.00 30.00 ? 344 ARG A N   1 
ATOM 151  C CA  . ARG A 1 22  ? -1.947  -15.913 -19.753 1.00 30.00 ? 344 ARG A CA  1 
ATOM 152  C C   . ARG A 1 22  ? -2.927  -15.241 -18.868 1.00 30.00 ? 344 ARG A C   1 
ATOM 153  O O   . ARG A 1 22  ? -3.317  -14.101 -19.038 1.00 30.00 ? 344 ARG A O   1 
ATOM 154  C CB  . ARG A 1 22  ? -2.547  -17.296 -20.097 1.00 30.00 ? 344 ARG A CB  1 
ATOM 155  C CG  . ARG A 1 22  ? -3.244  -17.378 -21.454 1.00 30.00 ? 344 ARG A CG  1 
ATOM 156  C CD  . ARG A 1 22  ? -3.541  -18.757 -22.029 1.00 30.00 ? 344 ARG A CD  1 
ATOM 157  N NE  . ARG A 1 22  ? -2.411  -19.687 -21.978 1.00 30.00 ? 344 ARG A NE  1 
ATOM 158  C CZ  . ARG A 1 22  ? -2.196  -20.706 -22.801 1.00 30.00 ? 344 ARG A CZ  1 
ATOM 159  N NH1 . ARG A 1 22  ? -2.963  -20.874 -23.853 1.00 30.00 ? 344 ARG A NH1 1 
ATOM 160  N NH2 . ARG A 1 22  ? -1.135  -21.491 -22.690 1.00 30.00 ? 344 ARG A NH2 1 
ATOM 161  N N   . VAL A 1 23  ? -3.118  -15.963 -17.812 1.00 30.00 ? 345 VAL A N   1 
ATOM 162  C CA  . VAL A 1 23  ? -4.041  -15.571 -16.755 1.00 30.00 ? 345 VAL A CA  1 
ATOM 163  C C   . VAL A 1 23  ? -3.608  -14.270 -16.074 1.00 30.00 ? 345 VAL A C   1 
ATOM 164  O O   . VAL A 1 23  ? -4.450  -13.424 -15.921 1.00 30.00 ? 345 VAL A O   1 
ATOM 165  C CB  . VAL A 1 23  ? -4.063  -16.691 -15.764 1.00 30.00 ? 345 VAL A CB  1 
ATOM 166  C CG1 . VAL A 1 23  ? -4.563  -18.013 -16.330 1.00 30.00 ? 345 VAL A CG1 1 
ATOM 167  C CG2 . VAL A 1 23  ? -2.615  -16.855 -15.446 1.00 30.00 ? 345 VAL A CG2 1 
ATOM 168  N N   . ILE A 1 24  ? -2.317  -14.036 -15.849 1.00 30.00 ? 346 ILE A N   1 
ATOM 169  C CA  . ILE A 1 24  ? -1.843  -12.800 -15.207 1.00 30.00 ? 346 ILE A CA  1 
ATOM 170  C C   . ILE A 1 24  ? -2.168  -11.614 -16.110 1.00 30.00 ? 346 ILE A C   1 
ATOM 171  O O   . ILE A 1 24  ? -2.634  -10.591 -15.637 1.00 30.00 ? 346 ILE A O   1 
ATOM 172  C CB  . ILE A 1 24  ? -0.339  -12.837 -14.932 1.00 30.00 ? 346 ILE A CB  1 
ATOM 173  C CG1 . ILE A 1 24  ? 0.489   -12.935 -16.207 1.00 30.00 ? 346 ILE A CG1 1 
ATOM 174  C CG2 . ILE A 1 24  ? -0.043  -14.028 -14.056 1.00 30.00 ? 346 ILE A CG2 1 
ATOM 175  C CD1 . ILE A 1 24  ? 2.005   -12.906 -16.027 1.00 30.00 ? 346 ILE A CD1 1 
ATOM 176  N N   . ALA A 1 25  ? -2.024  -11.844 -17.411 1.00 30.00 ? 347 ALA A N   1 
ATOM 177  C CA  . ALA A 1 25  ? -2.279  -10.819 -18.428 1.00 30.00 ? 347 ALA A CA  1 
ATOM 178  C C   . ALA A 1 25  ? -3.779  -10.548 -18.556 1.00 30.00 ? 347 ALA A C   1 
ATOM 179  O O   . ALA A 1 25  ? -4.206  -9.396  -18.561 1.00 30.00 ? 347 ALA A O   1 
ATOM 180  C CB  . ALA A 1 25  ? -1.724  -11.282 -19.770 1.00 30.00 ? 347 ALA A CB  1 
ATOM 181  N N   . GLN A 1 26  ? -4.561  -11.626 -18.548 1.00 30.00 ? 348 GLN A N   1 
ATOM 182  C CA  . GLN A 1 26  ? -6.024  -11.538 -18.677 1.00 30.00 ? 348 GLN A CA  1 
ATOM 183  C C   . GLN A 1 26  ? -6.638  -10.871 -17.440 1.00 30.00 ? 348 GLN A C   1 
ATOM 184  O O   . GLN A 1 26  ? -7.586  -10.096 -17.541 1.00 30.00 ? 348 GLN A O   1 
ATOM 185  C CB  . GLN A 1 26  ? -6.603  -12.938 -18.860 1.00 30.00 ? 348 GLN A CB  1 
ATOM 186  C CG  . GLN A 1 26  ? -8.100  -12.874 -19.176 1.00 30.00 ? 348 GLN A CG  1 
ATOM 187  C CD  . GLN A 1 26  ? -8.697  -14.266 -19.356 1.00 30.00 ? 348 GLN A CD  1 
ATOM 188  O OE1 . GLN A 1 26  ? -8.353  -15.224 -18.677 1.00 30.00 ? 348 GLN A OE1 1 
ATOM 189  N NE2 . GLN A 1 26  ? -9.620  -14.362 -20.294 1.00 30.00 ? 348 GLN A NE2 1 
ATOM 190  N N   . ARG A 1 27  ? -6.038  -11.152 -16.292 1.00 30.00 ? 349 ARG A N   1 
ATOM 191  C CA  . ARG A 1 27  ? -6.512  -10.616 -15.006 1.00 30.00 ? 349 ARG A CA  1 
ATOM 192  C C   . ARG A 1 27  ? -6.213  -9.130  -14.875 1.00 30.00 ? 349 ARG A C   1 
ATOM 193  O O   . ARG A 1 27  ? -7.071  -8.351  -14.479 1.00 30.00 ? 349 ARG A O   1 
ATOM 194  C CB  . ARG A 1 27  ? -5.814  -11.311 -13.866 1.00 30.00 ? 349 ARG A CB  1 
ATOM 195  C CG  . ARG A 1 27  ? -6.177  -12.766 -13.929 1.00 30.00 ? 349 ARG A CG  1 
ATOM 196  C CD  . ARG A 1 27  ? -5.224  -13.418 -12.974 1.00 30.00 ? 349 ARG A CD  1 
ATOM 197  N NE  . ARG A 1 27  ? -3.821  -13.212 -12.865 1.00 30.00 ? 349 ARG A NE  1 
ATOM 198  C CZ  . ARG A 1 27  ? -3.156  -13.224 -11.707 1.00 30.00 ? 349 ARG A CZ  1 
ATOM 199  N NH1 . ARG A 1 27  ? -3.714  -13.598 -10.545 1.00 30.00 ? 349 ARG A NH1 1 
ATOM 200  N NH2 . ARG A 1 27  ? -1.845  -13.300 -11.817 1.00 30.00 ? 349 ARG A NH2 1 
ATOM 201  N N   . LEU A 1 28  ? -5.011  -8.755  -15.304 1.00 30.00 ? 350 LEU A N   1 
ATOM 202  C CA  . LEU A 1 28  ? -4.586  -7.347  -15.299 1.00 30.00 ? 350 LEU A CA  1 
ATOM 203  C C   . LEU A 1 28  ? -5.403  -6.511  -16.281 1.00 30.00 ? 350 LEU A C   1 
ATOM 204  O O   . LEU A 1 28  ? -5.700  -5.343  -16.028 1.00 30.00 ? 350 LEU A O   1 
ATOM 205  C CB  . LEU A 1 28  ? -3.100  -7.247  -15.650 1.00 30.00 ? 350 LEU A CB  1 
ATOM 206  C CG  . LEU A 1 28  ? -2.226  -7.994  -14.638 1.00 30.00 ? 350 LEU A CG  1 
ATOM 207  C CD1 . LEU A 1 28  ? -0.753  -7.910  -15.042 1.00 30.00 ? 350 LEU A CD1 1 
ATOM 208  C CD2 . LEU A 1 28  ? -2.439  -7.504  -13.204 1.00 30.00 ? 350 LEU A CD2 1 
ATOM 209  N N   . MET A 1 29  ? -5.811  -7.173  -17.359 1.00 30.00 ? 351 MET A N   1 
ATOM 210  C CA  . MET A 1 29  ? -6.655  -6.562  -18.392 1.00 30.00 ? 351 MET A CA  1 
ATOM 211  C C   . MET A 1 29  ? -7.992  -6.113  -17.795 1.00 30.00 ? 351 MET A C   1 
ATOM 212  O O   . MET A 1 29  ? -8.506  -5.068  -18.165 1.00 30.00 ? 351 MET A O   1 
ATOM 213  C CB  . MET A 1 29  ? -6.920  -7.575  -19.507 1.00 30.00 ? 351 MET A CB  1 
ATOM 214  C CG  . MET A 1 29  ? -7.724  -6.957  -20.657 1.00 30.00 ? 351 MET A CG  1 
ATOM 215  S SD  . MET A 1 29  ? -6.892  -5.526  -21.439 1.00 30.00 ? 351 MET A SD  1 
ATOM 216  C CE  . MET A 1 29  ? -5.423  -6.326  -22.052 1.00 30.00 ? 351 MET A CE  1 
ATOM 217  N N   . GLN A 1 30  ? -8.483  -6.888  -16.835 1.00 30.00 ? 352 GLN A N   1 
ATOM 218  C CA  . GLN A 1 30  ? -9.760  -6.604  -16.166 1.00 30.00 ? 352 GLN A CA  1 
ATOM 219  C C   . GLN A 1 30  ? -9.687  -5.295  -15.376 1.00 30.00 ? 352 GLN A C   1 
ATOM 220  O O   . GLN A 1 30  ? -10.579 -4.461  -15.450 1.00 30.00 ? 352 GLN A O   1 
ATOM 221  C CB  . GLN A 1 30  ? -10.080 -7.755  -15.218 1.00 30.00 ? 352 GLN A CB  1 
ATOM 222  C CG  . GLN A 1 30  ? -11.455 -7.583  -14.568 1.00 30.00 ? 352 GLN A CG  1 
ATOM 223  C CD  . GLN A 1 30  ? -11.742 -8.710  -13.581 1.00 30.00 ? 352 GLN A CD  1 
ATOM 224  O OE1 . GLN A 1 30  ? -10.887 -9.186  -12.844 1.00 30.00 ? 352 GLN A OE1 1 
ATOM 225  N NE2 . GLN A 1 30  ? -12.993 -9.131  -13.560 1.00 30.00 ? 352 GLN A NE2 1 
ATOM 226  N N   . SER A 1 31  ? -8.558  -5.097  -14.727 1.00 30.00 ? 353 SER A N   1 
ATOM 227  C CA  . SER A 1 31  ? -8.342  -3.934  -13.871 1.00 30.00 ? 353 SER A CA  1 
ATOM 228  C C   . SER A 1 31  ? -8.118  -2.667  -14.693 1.00 30.00 ? 353 SER A C   1 
ATOM 229  O O   . SER A 1 31  ? -8.789  -1.662  -14.508 1.00 30.00 ? 353 SER A O   1 
ATOM 230  C CB  . SER A 1 31  ? -7.063  -4.254  -13.149 1.00 30.00 ? 353 SER A CB  1 
ATOM 231  O OG  . SER A 1 31  ? -7.155  -5.414  -12.326 1.00 30.00 ? 353 SER A OG  1 
ATOM 232  N N   . LYS A 1 32  ? -7.254  -2.779  -15.694 1.00 30.00 ? 354 LYS A N   1 
ATOM 233  C CA  . LYS A 1 32  ? -6.887  -1.658  -16.576 1.00 30.00 ? 354 LYS A CA  1 
ATOM 234  C C   . LYS A 1 32  ? -8.050  -1.222  -17.482 1.00 30.00 ? 354 LYS A C   1 
ATOM 235  O O   . LYS A 1 32  ? -8.137  -0.062  -17.876 1.00 30.00 ? 354 LYS A O   1 
ATOM 236  C CB  . LYS A 1 32  ? -5.688  -2.087  -17.422 1.00 30.00 ? 354 LYS A CB  1 
ATOM 237  C CG  . LYS A 1 32  ? -5.184  -0.945  -18.305 1.00 30.00 ? 354 LYS A CG  1 
ATOM 238  C CD  . LYS A 1 32  ? -3.994  -1.387  -19.152 1.00 30.00 ? 354 LYS A CD  1 
ATOM 239  C CE  . LYS A 1 32  ? -3.476  -0.232  -20.011 1.00 30.00 ? 354 LYS A CE  1 
ATOM 240  N NZ  . LYS A 1 32  ? -3.027  0.894   -19.180 1.00 30.00 ? 354 LYS A NZ  1 
ATOM 241  N N   . GLN A 1 33  ? -8.929  -2.171  -17.784 1.00 30.00 ? 355 GLN A N   1 
ATOM 242  C CA  . GLN A 1 33  ? -10.015 -1.950  -18.754 1.00 30.00 ? 355 GLN A CA  1 
ATOM 243  C C   . GLN A 1 33  ? -11.259 -1.315  -18.124 1.00 30.00 ? 355 GLN A C   1 
ATOM 244  O O   . GLN A 1 33  ? -12.048 -0.665  -18.805 1.00 30.00 ? 355 GLN A O   1 
ATOM 245  C CB  . GLN A 1 33  ? -10.389 -3.276  -19.411 1.00 30.00 ? 355 GLN A CB  1 
ATOM 246  C CG  . GLN A 1 33  ? -11.391 -3.094  -20.546 1.00 30.00 ? 355 GLN A CG  1 
ATOM 247  C CD  . GLN A 1 33  ? -11.746 -4.423  -21.198 1.00 30.00 ? 355 GLN A CD  1 
ATOM 248  O OE1 . GLN A 1 33  ? -11.848 -5.469  -20.572 1.00 30.00 ? 355 GLN A OE1 1 
ATOM 249  N NE2 . GLN A 1 33  ? -11.954 -4.357  -22.497 1.00 30.00 ? 355 GLN A NE2 1 
ATOM 250  N N   . THR A 1 34  ? -11.412 -1.522  -16.826 1.00 30.00 ? 356 THR A N   1 
ATOM 251  C CA  . THR A 1 34  ? -12.608 -1.058  -16.098 1.00 30.00 ? 356 THR A CA  1 
ATOM 252  C C   . THR A 1 34  ? -12.273 0.128   -15.188 1.00 30.00 ? 356 THR A C   1 
ATOM 253  O O   . THR A 1 34  ? -13.151 0.739   -14.588 1.00 30.00 ? 356 THR A O   1 
ATOM 254  C CB  . THR A 1 34  ? -13.175 -2.204  -15.255 1.00 30.00 ? 356 THR A CB  1 
ATOM 255  O OG1 . THR A 1 34  ? -12.214 -2.581  -14.265 1.00 30.00 ? 356 THR A OG1 1 
ATOM 256  C CG2 . THR A 1 34  ? -13.574 -3.405  -16.125 1.00 30.00 ? 356 THR A CG2 1 
ATOM 257  N N   . ILE A 1 35  ? -10.975 0.395   -15.066 1.00 30.00 ? 357 ILE A N   1 
ATOM 258  C CA  . ILE A 1 35  ? -10.436 1.304   -14.052 1.00 30.00 ? 357 ILE A CA  1 
ATOM 259  C C   . ILE A 1 35  ? -9.533  2.361   -14.720 1.00 30.00 ? 357 ILE A C   1 
ATOM 260  O O   . ILE A 1 35  ? -8.313  2.197   -14.812 1.00 30.00 ? 357 ILE A O   1 
ATOM 261  C CB  . ILE A 1 35  ? -9.780  0.374   -13.031 1.00 30.00 ? 357 ILE A CB  1 
ATOM 262  C CG1 . ILE A 1 35  ? -10.844 -0.405  -12.266 1.00 30.00 ? 357 ILE A CG1 1 
ATOM 263  C CG2 . ILE A 1 35  ? -8.805  0.988   -12.072 1.00 30.00 ? 357 ILE A CG2 1 
ATOM 264  C CD1 . ILE A 1 35  ? -10.280 -1.514  -11.381 1.00 30.00 ? 357 ILE A CD1 1 
ATOM 265  N N   . PRO A 1 36  ? -10.141 3.492   -15.088 1.00 30.00 ? 358 PRO A N   1 
ATOM 266  C CA  . PRO A 1 36  ? -9.469  4.664   -15.705 1.00 30.00 ? 358 PRO A CA  1 
ATOM 267  C C   . PRO A 1 36  ? -8.785  5.611   -14.708 1.00 30.00 ? 358 PRO A C   1 
ATOM 268  O O   . PRO A 1 36  ? -9.451  6.240   -13.879 1.00 30.00 ? 358 PRO A O   1 
ATOM 269  C CB  . PRO A 1 36  ? -10.580 5.419   -16.410 1.00 30.00 ? 358 PRO A CB  1 
ATOM 270  C CG  . PRO A 1 36  ? -11.756 5.124   -15.511 1.00 30.00 ? 358 PRO A CG  1 
ATOM 271  C CD  . PRO A 1 36  ? -11.594 3.704   -15.003 1.00 30.00 ? 358 PRO A CD  1 
ATOM 272  N N   . HIS A 1 37  ? -7.456  5.491   -14.631 1.00 30.00 ? 359 HIS A N   1 
ATOM 273  C CA  . HIS A 1 37  ? -6.707  6.128   -13.519 1.00 30.00 ? 359 HIS A CA  1 
ATOM 274  C C   . HIS A 1 37  ? -5.576  7.002   -14.024 1.00 30.00 ? 359 HIS A C   1 
ATOM 275  O O   . HIS A 1 37  ? -5.517  7.314   -15.210 1.00 30.00 ? 359 HIS A O   1 
ATOM 276  C CB  . HIS A 1 37  ? -6.115  5.068   -12.588 1.00 30.00 ? 359 HIS A CB  1 
ATOM 277  C CG  . HIS A 1 37  ? -7.217  4.211   -12.066 1.00 30.00 ? 359 HIS A CG  1 
ATOM 278  N ND1 . HIS A 1 37  ? -8.376  4.034   -12.658 1.00 30.00 ? 359 HIS A ND1 1 
ATOM 279  C CD2 . HIS A 1 37  ? -7.350  3.963   -10.824 1.00 30.00 ? 359 HIS A CD2 1 
ATOM 280  C CE1 . HIS A 1 37  ? -9.325  3.909   -11.847 1.00 30.00 ? 359 HIS A CE1 1 
ATOM 281  N NE2 . HIS A 1 37  ? -8.638  3.763   -10.729 1.00 30.00 ? 359 HIS A NE2 1 
ATOM 282  N N   . TYR A 1 38  ? -4.688  7.335   -13.092 1.00 30.00 ? 360 TYR A N   1 
ATOM 283  C CA  . TYR A 1 38  ? -3.505  8.164   -13.336 1.00 30.00 ? 360 TYR A CA  1 
ATOM 284  C C   . TYR A 1 38  ? -2.751  8.297   -12.017 1.00 30.00 ? 360 TYR A C   1 
ATOM 285  O O   . TYR A 1 38  ? -3.103  9.102   -11.155 1.00 30.00 ? 360 TYR A O   1 
ATOM 286  C CB  . TYR A 1 38  ? -3.922  9.550   -13.842 1.00 30.00 ? 360 TYR A CB  1 
ATOM 287  C CG  . TYR A 1 38  ? -2.685  10.385  -14.156 1.00 30.00 ? 360 TYR A CG  1 
ATOM 288  C CD1 . TYR A 1 38  ? -2.088  10.274  -15.400 1.00 30.00 ? 360 TYR A CD1 1 
ATOM 289  C CD2 . TYR A 1 38  ? -2.102  11.160  -13.164 1.00 30.00 ? 360 TYR A CD2 1 
ATOM 290  C CE1 . TYR A 1 38  ? -0.891  10.931  -15.650 1.00 30.00 ? 360 TYR A CE1 1 
ATOM 291  C CE2 . TYR A 1 38  ? -0.906  11.818  -13.409 1.00 30.00 ? 360 TYR A CE2 1 
ATOM 292  C CZ  . TYR A 1 38  ? -0.302  11.697  -14.655 1.00 30.00 ? 360 TYR A CZ  1 
ATOM 293  O OH  . TYR A 1 38  ? 0.875   12.328  -14.899 1.00 30.00 ? 360 TYR A OH  1 
ATOM 294  N N   . TYR A 1 39  ? -1.766  7.424   -11.855 1.00 30.00 ? 361 TYR A N   1 
ATOM 295  C CA  . TYR A 1 39  ? -0.926  7.409   -10.648 1.00 30.00 ? 361 TYR A CA  1 
ATOM 296  C C   . TYR A 1 39  ? -0.480  8.815   -10.249 1.00 30.00 ? 361 TYR A C   1 
ATOM 297  O O   . TYR A 1 39  ? -0.254  9.689   -11.082 1.00 30.00 ? 361 TYR A O   1 
ATOM 298  C CB  . TYR A 1 39  ? 0.320   6.565   -10.903 1.00 30.00 ? 361 TYR A CB  1 
ATOM 299  C CG  . TYR A 1 39  ? 1.067   7.025   -12.140 1.00 30.00 ? 361 TYR A CG  1 
ATOM 300  C CD1 . TYR A 1 39  ? 1.844   8.125   -12.034 1.00 30.00 ? 361 TYR A CD1 1 
ATOM 301  C CD2 . TYR A 1 39  ? 1.037   6.390   -13.347 1.00 30.00 ? 361 TYR A CD2 1 
ATOM 302  C CE1 . TYR A 1 39  ? 2.682   8.592   -13.035 1.00 30.00 ? 361 TYR A CE1 1 
ATOM 303  C CE2 . TYR A 1 39  ? 1.849   6.838   -14.380 1.00 30.00 ? 361 TYR A CE2 1 
ATOM 304  C CZ  . TYR A 1 39  ? 2.704   7.914   -14.216 1.00 30.00 ? 361 TYR A CZ  1 
ATOM 305  O OH  . TYR A 1 39  ? 3.555   8.320   -15.182 1.00 30.00 ? 361 TYR A OH  1 
ATOM 306  N N   . LEU A 1 40  ? -0.252  8.950   -8.958  1.00 30.00 ? 362 LEU A N   1 
ATOM 307  C CA  . LEU A 1 40  ? 0.144   10.219  -8.356  1.00 30.00 ? 362 LEU A CA  1 
ATOM 308  C C   . LEU A 1 40  ? 1.348   10.024  -7.422  1.00 30.00 ? 362 LEU A C   1 
ATOM 309  O O   . LEU A 1 40  ? 1.527   8.919   -6.910  1.00 30.00 ? 362 LEU A O   1 
ATOM 310  C CB  . LEU A 1 40  ? -1.093  10.573  -7.577  1.00 30.00 ? 362 LEU A CB  1 
ATOM 311  C CG  . LEU A 1 40  ? -2.291  11.122  -8.352  1.00 30.00 ? 362 LEU A CG  1 
ATOM 312  C CD1 . LEU A 1 40  ? -3.337  11.637  -7.360  1.00 30.00 ? 362 LEU A CD1 1 
ATOM 313  C CD2 . LEU A 1 40  ? -1.910  12.200  -9.370  1.00 30.00 ? 362 LEU A CD2 1 
ATOM 314  N N   . SER A 1 41  ? 2.270   10.995  -7.449  1.00 30.00 ? 363 SER A N   1 
ATOM 315  C CA  . SER A 1 41  ? 3.630   10.762  -6.903  1.00 30.00 ? 363 SER A CA  1 
ATOM 316  C C   . SER A 1 41  ? 3.903   11.809  -5.865  1.00 30.00 ? 363 SER A C   1 
ATOM 317  O O   . SER A 1 41  ? 3.573   12.975  -6.077  1.00 30.00 ? 363 SER A O   1 
ATOM 318  C CB  . SER A 1 41  ? 4.771   11.004  -7.889  1.00 30.00 ? 363 SER A CB  1 
ATOM 319  O OG  . SER A 1 41  ? 5.975   10.321  -7.556  1.00 30.00 ? 363 SER A OG  1 
ATOM 320  N N   . ILE A 1 42  ? 4.561   11.348  -4.815  1.00 30.00 ? 364 ILE A N   1 
ATOM 321  C CA  . ILE A 1 42  ? 4.880   12.176  -3.642  1.00 30.00 ? 364 ILE A CA  1 
ATOM 322  C C   . ILE A 1 42  ? 5.988   11.495  -2.842  1.00 30.00 ? 364 ILE A C   1 
ATOM 323  O O   . ILE A 1 42  ? 6.026   10.269  -2.709  1.00 30.00 ? 364 ILE A O   1 
ATOM 324  C CB  . ILE A 1 42  ? 3.641   12.350  -2.754  1.00 30.00 ? 364 ILE A CB  1 
ATOM 325  C CG1 . ILE A 1 42  ? 3.101   10.987  -2.324  1.00 30.00 ? 364 ILE A CG1 1 
ATOM 326  C CG2 . ILE A 1 42  ? 2.602   13.239  -3.441  1.00 30.00 ? 364 ILE A CG2 1 
ATOM 327  C CD1 . ILE A 1 42  ? 1.716   11.056  -1.711  1.00 30.00 ? 364 ILE A CD1 1 
ATOM 328  N N   . ASP A 1 43  ? 6.872   12.333  -2.325  1.00 30.00 ? 365 ASP A N   1 
ATOM 329  C CA  . ASP A 1 43  ? 7.995   11.862  -1.506  1.00 30.00 ? 365 ASP A CA  1 
ATOM 330  C C   . ASP A 1 43  ? 7.842   12.499  -0.153  1.00 30.00 ? 365 ASP A C   1 
ATOM 331  O O   . ASP A 1 43  ? 7.558   13.687  -0.030  1.00 30.00 ? 365 ASP A O   1 
ATOM 332  C CB  . ASP A 1 43  ? 9.326   12.285  -2.126  1.00 30.00 ? 365 ASP A CB  1 
ATOM 333  C CG  . ASP A 1 43  ? 9.442   11.769  -3.552  1.00 30.00 ? 365 ASP A CG  1 
ATOM 334  O OD1 . ASP A 1 43  ? 8.554   10.955  -3.895  1.00 30.00 ? 365 ASP A OD1 1 
ATOM 335  O OD2 . ASP A 1 43  ? 10.364  12.219  -4.268  1.00 30.00 ? 365 ASP A OD2 1 
ATOM 336  N N   . VAL A 1 44  ? 8.081   11.677  0.830   1.00 30.00 ? 366 VAL A N   1 
ATOM 337  C CA  . VAL A 1 44  ? 7.910   12.127  2.197   1.00 30.00 ? 366 VAL A CA  1 
ATOM 338  C C   . VAL A 1 44  ? 9.112   11.920  3.131   1.00 30.00 ? 366 VAL A C   1 
ATOM 339  O O   . VAL A 1 44  ? 9.968   11.088  2.833   1.00 30.00 ? 366 VAL A O   1 
ATOM 340  C CB  . VAL A 1 44  ? 6.820   11.299  2.701   1.00 30.00 ? 366 VAL A CB  1 
ATOM 341  C CG1 . VAL A 1 44  ? 7.323   9.819   2.702   1.00 30.00 ? 366 VAL A CG1 1 
ATOM 342  C CG2 . VAL A 1 44  ? 6.314   12.362  3.677   1.00 30.00 ? 366 VAL A CG2 1 
ATOM 343  N N   . ASN A 1 45  ? 9.177   12.722  4.183   1.00 30.00 ? 367 ASN A N   1 
ATOM 344  C CA  . ASN A 1 45  ? 10.331  12.746  5.082   1.00 30.00 ? 367 ASN A CA  1 
ATOM 345  C C   . ASN A 1 45  ? 10.132  11.740  6.214   1.00 30.00 ? 367 ASN A C   1 
ATOM 346  O O   . ASN A 1 45  ? 9.231   11.861  7.027   1.00 30.00 ? 367 ASN A O   1 
ATOM 347  C CB  . ASN A 1 45  ? 10.454  14.163  5.630   1.00 30.00 ? 367 ASN A CB  1 
ATOM 348  C CG  . ASN A 1 45  ? 11.789  14.352  6.341   1.00 30.00 ? 367 ASN A CG  1 
ATOM 349  O OD1 . ASN A 1 45  ? 11.954  14.035  7.510   1.00 30.00 ? 367 ASN A OD1 1 
ATOM 350  N ND2 . ASN A 1 45  ? 12.772  14.774  5.571   1.00 30.00 ? 367 ASN A ND2 1 
ATOM 351  N N   . MET A 1 46  ? 11.037  10.780  6.266   1.00 30.00 ? 368 MET A N   1 
ATOM 352  C CA  . MET A 1 46  ? 11.010  9.716   7.286   1.00 30.00 ? 368 MET A CA  1 
ATOM 353  C C   . MET A 1 46  ? 12.355  9.647   8.018   1.00 30.00 ? 368 MET A C   1 
ATOM 354  O O   . MET A 1 46  ? 12.722  8.615   8.583   1.00 30.00 ? 368 MET A O   1 
ATOM 355  C CB  . MET A 1 46  ? 10.712  8.385   6.596   1.00 30.00 ? 368 MET A CB  1 
ATOM 356  C CG  . MET A 1 46  ? 11.819  8.017   5.600   1.00 30.00 ? 368 MET A CG  1 
ATOM 357  S SD  . MET A 1 46  ? 11.530  6.440   4.731   1.00 30.00 ? 368 MET A SD  1 
ATOM 358  C CE  . MET A 1 46  ? 11.484  5.307   6.104   1.00 30.00 ? 368 MET A CE  1 
ATOM 359  N N   . GLY A 1 47  ? 13.053  10.792  8.010   1.00 30.00 ? 369 GLY A N   1 
ATOM 360  C CA  . GLY A 1 47  ? 14.359  10.930  8.679   1.00 30.00 ? 369 GLY A CA  1 
ATOM 361  C C   . GLY A 1 47  ? 14.244  10.632  10.182  1.00 30.00 ? 369 GLY A C   1 
ATOM 362  O O   . GLY A 1 47  ? 15.221  10.299  10.844  1.00 30.00 ? 369 GLY A O   1 
ATOM 363  N N   . GLU A 1 48  ? 13.012  10.706  10.678  1.00 30.00 ? 370 GLU A N   1 
ATOM 364  C CA  . GLU A 1 48  ? 12.700  10.507  12.100  1.00 30.00 ? 370 GLU A CA  1 
ATOM 365  C C   . GLU A 1 48  ? 12.006  9.169   12.328  1.00 30.00 ? 370 GLU A C   1 
ATOM 366  O O   . GLU A 1 48  ? 12.277  8.490   13.307  1.00 30.00 ? 370 GLU A O   1 
ATOM 367  C CB  . GLU A 1 48  ? 11.773  11.631  12.561  1.00 30.00 ? 370 GLU A CB  1 
ATOM 368  C CG  . GLU A 1 48  ? 12.442  13.006  12.435  1.00 30.00 ? 370 GLU A CG  1 
ATOM 369  C CD  . GLU A 1 48  ? 13.673  13.145  13.337  1.00 30.00 ? 370 GLU A CD  1 
ATOM 370  O OE1 . GLU A 1 48  ? 13.650  12.557  14.443  1.00 30.00 ? 370 GLU A OE1 1 
ATOM 371  O OE2 . GLU A 1 48  ? 14.607  13.851  12.906  1.00 30.00 ? 370 GLU A OE2 1 
ATOM 372  N N   . VAL A 1 49  ? 11.155  8.776   11.387  1.00 30.00 ? 371 VAL A N   1 
ATOM 373  C CA  . VAL A 1 49  ? 10.451  7.483   11.439  1.00 30.00 ? 371 VAL A CA  1 
ATOM 374  C C   . VAL A 1 49  ? 11.453  6.326   11.303  1.00 30.00 ? 371 VAL A C   1 
ATOM 375  O O   . VAL A 1 49  ? 11.388  5.292   11.958  1.00 30.00 ? 371 VAL A O   1 
ATOM 376  C CB  . VAL A 1 49  ? 9.375   7.390   10.351  1.00 30.00 ? 371 VAL A CB  1 
ATOM 377  C CG1 . VAL A 1 49  ? 8.658   6.034   10.387  1.00 30.00 ? 371 VAL A CG1 1 
ATOM 378  C CG2 . VAL A 1 49  ? 8.342   8.511   10.511  1.00 30.00 ? 371 VAL A CG2 1 
ATOM 379  N N   . LEU A 1 50  ? 12.392  6.498   10.395  1.00 30.00 ? 372 LEU A N   1 
ATOM 380  C CA  . LEU A 1 50  ? 13.491  5.534   10.268  1.00 30.00 ? 372 LEU A CA  1 
ATOM 381  C C   . LEU A 1 50  ? 14.231  5.489   11.611  1.00 30.00 ? 372 LEU A C   1 
ATOM 382  O O   . LEU A 1 50  ? 14.631  4.424   12.086  1.00 30.00 ? 372 LEU A O   1 
ATOM 383  C CB  . LEU A 1 50  ? 14.417  5.976   9.132   1.00 30.00 ? 372 LEU A CB  1 
ATOM 384  C CG  . LEU A 1 50  ? 15.566  4.990   8.856   1.00 30.00 ? 372 LEU A CG  1 
ATOM 385  C CD1 . LEU A 1 50  ? 16.342  5.444   7.626   1.00 30.00 ? 372 LEU A CD1 1 
ATOM 386  C CD2 . LEU A 1 50  ? 16.620  4.910   9.964   1.00 30.00 ? 372 LEU A CD2 1 
ATOM 387  N N   . LEU A 1 51  ? 14.439  6.672   12.180  1.00 30.00 ? 373 LEU A N   1 
ATOM 388  C CA  . LEU A 1 51  ? 15.144  6.805   13.459  1.00 30.00 ? 373 LEU A CA  1 
ATOM 389  C C   . LEU A 1 51  ? 14.357  6.051   14.544  1.00 30.00 ? 373 LEU A C   1 
ATOM 390  O O   . LEU A 1 51  ? 14.937  5.347   15.371  1.00 30.00 ? 373 LEU A O   1 
ATOM 391  C CB  . LEU A 1 51  ? 15.308  8.298   13.792  1.00 30.00 ? 373 LEU A CB  1 
ATOM 392  C CG  . LEU A 1 51  ? 16.101  8.560   15.084  1.00 30.00 ? 373 LEU A CG  1 
ATOM 393  C CD1 . LEU A 1 51  ? 16.330  10.059  15.241  1.00 30.00 ? 373 LEU A CD1 1 
ATOM 394  C CD2 . LEU A 1 51  ? 15.397  8.126   16.377  1.00 30.00 ? 373 LEU A CD2 1 
ATOM 395  N N   . VAL A 1 52  ? 13.051  6.289   14.590  1.00 30.00 ? 374 VAL A N   1 
ATOM 396  C CA  . VAL A 1 52  ? 12.167  5.703   15.610  1.00 30.00 ? 374 VAL A CA  1 
ATOM 397  C C   . VAL A 1 52  ? 12.124  4.178   15.463  1.00 30.00 ? 374 VAL A C   1 
ATOM 398  O O   . VAL A 1 52  ? 12.039  3.454   16.453  1.00 30.00 ? 374 VAL A O   1 
ATOM 399  C CB  . VAL A 1 52  ? 10.758  6.324   15.547  1.00 30.00 ? 374 VAL A CB  1 
ATOM 400  C CG1 . VAL A 1 52  ? 9.983   6.006   14.279  1.00 30.00 ? 374 VAL A CG1 1 
ATOM 401  C CG2 . VAL A 1 52  ? 9.875   5.823   16.687  1.00 30.00 ? 374 VAL A CG2 1 
ATOM 402  N N   . ARG A 1 53  ? 12.188  3.725   14.214  1.00 30.00 ? 375 ARG A N   1 
ATOM 403  C CA  . ARG A 1 53  ? 12.122  2.296   13.898  1.00 30.00 ? 375 ARG A CA  1 
ATOM 404  C C   . ARG A 1 53  ? 13.352  1.567   14.444  1.00 30.00 ? 375 ARG A C   1 
ATOM 405  O O   . ARG A 1 53  ? 13.250  0.450   14.948  1.00 30.00 ? 375 ARG A O   1 
ATOM 406  C CB  . ARG A 1 53  ? 11.993  2.143   12.386  1.00 30.00 ? 375 ARG A CB  1 
ATOM 407  C CG  . ARG A 1 53  ? 11.883  0.679   11.996  1.00 30.00 ? 375 ARG A CG  1 
ATOM 408  C CD  . ARG A 1 53  ? 11.435  0.430   10.566  1.00 30.00 ? 375 ARG A CD  1 
ATOM 409  N NE  . ARG A 1 53  ? 12.490  0.878   9.652   1.00 30.00 ? 375 ARG A NE  1 
ATOM 410  C CZ  . ARG A 1 53  ? 13.630  0.234   9.394   1.00 30.00 ? 375 ARG A CZ  1 
ATOM 411  N NH1 . ARG A 1 53  ? 13.930  -0.912  10.002  1.00 30.00 ? 375 ARG A NH1 1 
ATOM 412  N NH2 . ARG A 1 53  ? 14.434  0.694   8.444   1.00 30.00 ? 375 ARG A NH2 1 
ATOM 413  N N   . LYS A 1 54  ? 14.486  2.254   14.388  1.00 30.00 ? 376 LYS A N   1 
ATOM 414  C CA  . LYS A 1 54  ? 15.758  1.719   14.898  1.00 30.00 ? 376 LYS A CA  1 
ATOM 415  C C   . LYS A 1 54  ? 15.802  1.713   16.426  1.00 30.00 ? 376 LYS A C   1 
ATOM 416  O O   . LYS A 1 54  ? 16.256  0.751   17.041  1.00 30.00 ? 376 LYS A O   1 
ATOM 417  C CB  . LYS A 1 54  ? 16.925  2.553   14.372  1.00 30.00 ? 376 LYS A CB  1 
ATOM 418  C CG  . LYS A 1 54  ? 17.039  2.486   12.850  1.00 30.00 ? 376 LYS A CG  1 
ATOM 419  C CD  . LYS A 1 54  ? 17.261  1.051   12.363  1.00 30.00 ? 376 LYS A CD  1 
ATOM 420  C CE  . LYS A 1 54  ? 17.367  0.992   10.844  1.00 30.00 ? 376 LYS A CE  1 
ATOM 421  N NZ  . LYS A 1 54  ? 16.135  1.496   10.230  1.00 30.00 ? 376 LYS A NZ  1 
ATOM 422  N N   . GLU A 1 55  ? 15.255  2.774   17.011  1.00 30.00 ? 377 GLU A N   1 
ATOM 423  C CA  . GLU A 1 55  ? 15.270  2.960   18.471  1.00 30.00 ? 377 GLU A CA  1 
ATOM 424  C C   . GLU A 1 55  ? 14.377  1.943   19.195  1.00 30.00 ? 377 GLU A C   1 
ATOM 425  O O   . GLU A 1 55  ? 14.667  1.546   20.323  1.00 30.00 ? 377 GLU A O   1 
ATOM 426  C CB  . GLU A 1 55  ? 14.828  4.379   18.808  1.00 30.00 ? 377 GLU A CB  1 
ATOM 427  C CG  . GLU A 1 55  ? 14.929  4.651   20.311  1.00 30.00 ? 377 GLU A CG  1 
ATOM 428  C CD  . GLU A 1 55  ? 14.483  6.063   20.677  1.00 30.00 ? 377 GLU A CD  1 
ATOM 429  O OE1 . GLU A 1 55  ? 13.578  6.585   19.985  1.00 30.00 ? 377 GLU A OE1 1 
ATOM 430  O OE2 . GLU A 1 55  ? 15.056  6.590   21.652  1.00 30.00 ? 377 GLU A OE2 1 
ATOM 431  N N   . LEU A 1 56  ? 13.303  1.535   18.527  1.00 30.00 ? 378 LEU A N   1 
ATOM 432  C CA  . LEU A 1 56  ? 12.337  0.591   19.112  1.00 30.00 ? 378 LEU A CA  1 
ATOM 433  C C   . LEU A 1 56  ? 12.661  -0.837  18.632  1.00 30.00 ? 378 LEU A C   1 
ATOM 434  O O   . LEU A 1 56  ? 11.973  -1.816  18.877  1.00 30.00 ? 378 LEU A O   1 
ATOM 435  C CB  . LEU A 1 56  ? 10.929  1.041   18.695  1.00 30.00 ? 378 LEU A CB  1 
ATOM 436  C CG  . LEU A 1 56  ? 9.783   0.398   19.502  1.00 30.00 ? 378 LEU A CG  1 
ATOM 437  C CD1 . LEU A 1 56  ? 8.472   1.087   19.167  1.00 30.00 ? 378 LEU A CD1 1 
ATOM 438  C CD2 . LEU A 1 56  ? 9.405   -1.021  19.126  1.00 30.00 ? 378 LEU A CD2 1 
ATOM 439  N N   . ASN A 1 57  ? 13.872  -1.054  18.166  1.00 30.00 ? 379 ASN A N   1 
ATOM 440  C CA  . ASN A 1 57  ? 14.291  -2.415  17.781  1.00 30.00 ? 379 ASN A CA  1 
ATOM 441  C C   . ASN A 1 57  ? 14.300  -3.358  19.000  1.00 30.00 ? 379 ASN A C   1 
ATOM 442  O O   . ASN A 1 57  ? 13.912  -4.525  18.919  1.00 30.00 ? 379 ASN A O   1 
ATOM 443  C CB  . ASN A 1 57  ? 15.672  -2.338  17.151  1.00 30.00 ? 379 ASN A CB  1 
ATOM 444  C CG  . ASN A 1 57  ? 16.151  -3.705  16.663  1.00 30.00 ? 379 ASN A CG  1 
ATOM 445  O OD1 . ASN A 1 57  ? 15.818  -4.766  17.169  1.00 30.00 ? 379 ASN A OD1 1 
ATOM 446  N ND2 . ASN A 1 57  ? 16.971  -3.679  15.645  1.00 30.00 ? 379 ASN A ND2 1 
ATOM 447  N N   . LYS A 1 58  ? 14.654  -2.778  20.144  1.00 30.00 ? 380 LYS A N   1 
ATOM 448  C CA  . LYS A 1 58  ? 14.762  -3.527  21.402  1.00 30.00 ? 380 LYS A CA  1 
ATOM 449  C C   . LYS A 1 58  ? 13.398  -4.061  21.846  1.00 30.00 ? 380 LYS A C   1 
ATOM 450  O O   . LYS A 1 58  ? 13.242  -5.229  22.160  1.00 30.00 ? 380 LYS A O   1 
ATOM 451  C CB  . LYS A 1 58  ? 15.337  -2.618  22.489  1.00 30.00 ? 380 LYS A CB  1 
ATOM 452  C CG  . LYS A 1 58  ? 15.546  -3.370  23.807  1.00 30.00 ? 380 LYS A CG  1 
ATOM 453  C CD  . LYS A 1 58  ? 16.549  -4.516  23.641  1.00 30.00 ? 380 LYS A CD  1 
ATOM 454  C CE  . LYS A 1 58  ? 16.730  -5.296  24.942  1.00 30.00 ? 380 LYS A CE  1 
ATOM 455  N NZ  . LYS A 1 58  ? 15.473  -5.926  25.373  1.00 30.00 ? 380 LYS A NZ  1 
ATOM 456  N N   . ILE A 1 59  ? 12.394  -3.199  21.806  1.00 30.00 ? 381 ILE A N   1 
ATOM 457  C CA  . ILE A 1 59  ? 11.034  -3.569  22.234  1.00 30.00 ? 381 ILE A CA  1 
ATOM 458  C C   . ILE A 1 59  ? 10.464  -4.666  21.335  1.00 30.00 ? 381 ILE A C   1 
ATOM 459  O O   . ILE A 1 59  ? 9.714   -5.523  21.786  1.00 30.00 ? 381 ILE A O   1 
ATOM 460  C CB  . ILE A 1 59  ? 10.129  -2.326  22.226  1.00 30.00 ? 381 ILE A CB  1 
ATOM 461  C CG1 . ILE A 1 59  ? 10.695  -1.229  23.140  1.00 30.00 ? 381 ILE A CG1 1 
ATOM 462  C CG2 . ILE A 1 59  ? 8.671   -2.658  22.585  1.00 30.00 ? 381 ILE A CG2 1 
ATOM 463  C CD1 . ILE A 1 59  ? 10.827  -1.668  24.607  1.00 30.00 ? 381 ILE A CD1 1 
ATOM 464  N N   . LEU A 1 60  ? 10.834  -4.585  20.067  1.00 30.00 ? 382 LEU A N   1 
ATOM 465  C CA  . LEU A 1 60  ? 10.359  -5.532  19.058  1.00 30.00 ? 382 LEU A CA  1 
ATOM 466  C C   . LEU A 1 60  ? 10.811  -6.931  19.387  1.00 30.00 ? 382 LEU A C   1 
ATOM 467  O O   . LEU A 1 60  ? 10.001  -7.828  19.346  1.00 30.00 ? 382 LEU A O   1 
ATOM 468  C CB  . LEU A 1 60  ? 10.932  -5.171  17.712  1.00 30.00 ? 382 LEU A CB  1 
ATOM 469  C CG  . LEU A 1 60  ? 10.485  -3.774  17.395  1.00 30.00 ? 382 LEU A CG  1 
ATOM 470  C CD1 . LEU A 1 60  ? 11.431  -3.465  16.290  1.00 30.00 ? 382 LEU A CD1 1 
ATOM 471  C CD2 . LEU A 1 60  ? 8.999   -3.655  17.046  1.00 30.00 ? 382 LEU A CD2 1 
ATOM 472  N N   . GLU A 1 61  ? 12.106  -7.119  19.605  1.00 30.00 ? 383 GLU A N   1 
ATOM 473  C CA  . GLU A 1 61  ? 12.664  -8.460  19.872  1.00 30.00 ? 383 GLU A CA  1 
ATOM 474  C C   . GLU A 1 61  ? 12.363  -9.428  18.717  1.00 30.00 ? 383 GLU A C   1 
ATOM 475  O O   . GLU A 1 61  ? 12.203  -10.632 18.908  1.00 30.00 ? 383 GLU A O   1 
ATOM 476  C CB  . GLU A 1 61  ? 12.101  -9.005  21.195  1.00 30.00 ? 383 GLU A CB  1 
ATOM 477  C CG  . GLU A 1 61  ? 12.545  -8.153  22.388  1.00 30.00 ? 383 GLU A CG  1 
ATOM 478  C CD  . GLU A 1 61  ? 14.074  -8.111  22.491  1.00 30.00 ? 383 GLU A CD  1 
ATOM 479  O OE1 . GLU A 1 61  ? 14.722  -9.103  22.091  1.00 30.00 ? 383 GLU A OE1 1 
ATOM 480  O OE2 . GLU A 1 61  ? 14.603  -7.106  22.993  1.00 30.00 ? 383 GLU A OE2 1 
ATOM 481  N N   . GLY A 1 62  ? 12.214  -8.831  17.524  1.00 30.00 ? 384 GLY A N   1 
ATOM 482  C CA  . GLY A 1 62  ? 11.851  -9.566  16.301  1.00 30.00 ? 384 GLY A CA  1 
ATOM 483  C C   . GLY A 1 62  ? 10.523  -10.314 16.478  1.00 30.00 ? 384 GLY A C   1 
ATOM 484  O O   . GLY A 1 62  ? 10.265  -11.297 15.793  1.00 30.00 ? 384 GLY A O   1 
ATOM 485  N N   . ARG A 1 63  ? 9.663   -9.768  17.339  1.00 30.00 ? 385 ARG A N   1 
ATOM 486  C CA  . ARG A 1 63  ? 8.309   -10.314 17.548  1.00 30.00 ? 385 ARG A CA  1 
ATOM 487  C C   . ARG A 1 63  ? 7.512   -10.152 16.253  1.00 30.00 ? 385 ARG A C   1 
ATOM 488  O O   . ARG A 1 63  ? 6.661   -10.956 15.895  1.00 30.00 ? 385 ARG A O   1 
ATOM 489  C CB  . ARG A 1 63  ? 7.591   -9.579  18.681  1.00 30.00 ? 385 ARG A CB  1 
ATOM 490  C CG  . ARG A 1 63  ? 8.205   -9.899  20.049  1.00 30.00 ? 385 ARG A CG  1 
ATOM 491  C CD  . ARG A 1 63  ? 7.571   -9.058  21.163  1.00 30.00 ? 385 ARG A CD  1 
ATOM 492  N NE  . ARG A 1 63  ? 7.778   -7.609  20.954  1.00 30.00 ? 385 ARG A NE  1 
ATOM 493  C CZ  . ARG A 1 63  ? 6.835   -6.717  20.637  1.00 30.00 ? 385 ARG A CZ  1 
ATOM 494  N NH1 . ARG A 1 63  ? 5.574   -7.102  20.480  1.00 30.00 ? 385 ARG A NH1 1 
ATOM 495  N NH2 . ARG A 1 63  ? 7.152   -5.440  20.455  1.00 30.00 ? 385 ARG A NH2 1 
ATOM 496  N N   . SER A 1 64  ? 7.798   -9.045  15.586  1.00 30.00 ? 386 SER A N   1 
ATOM 497  C CA  . SER A 1 64  ? 7.213   -8.713  14.284  1.00 30.00 ? 386 SER A CA  1 
ATOM 498  C C   . SER A 1 64  ? 8.269   -8.137  13.348  1.00 30.00 ? 386 SER A C   1 
ATOM 499  O O   . SER A 1 64  ? 8.088   -8.152  12.133  1.00 30.00 ? 386 SER A O   1 
ATOM 500  C CB  . SER A 1 64  ? 6.144   -7.669  14.510  1.00 30.00 ? 386 SER A CB  1 
ATOM 501  O OG  . SER A 1 64  ? 5.161   -8.153  15.431  1.00 30.00 ? 386 SER A OG  1 
ATOM 502  N N   . LYS A 1 65  ? 9.351   -7.629  13.951  1.00 30.00 ? 387 LYS A N   1 
ATOM 503  C CA  . LYS A 1 65  ? 10.448  -6.958  13.238  1.00 30.00 ? 387 LYS A CA  1 
ATOM 504  C C   . LYS A 1 65  ? 9.868   -5.704  12.573  1.00 30.00 ? 387 LYS A C   1 
ATOM 505  O O   . LYS A 1 65  ? 9.361   -5.747  11.454  1.00 30.00 ? 387 LYS A O   1 
ATOM 506  C CB  . LYS A 1 65  ? 11.066  -7.908  12.206  1.00 30.00 ? 387 LYS A CB  1 
ATOM 507  C CG  . LYS A 1 65  ? 12.217  -7.240  11.469  1.00 30.00 ? 387 LYS A CG  1 
ATOM 508  C CD  . LYS A 1 65  ? 12.824  -8.181  10.431  1.00 30.00 ? 387 LYS A CD  1 
ATOM 509  C CE  . LYS A 1 65  ? 14.021  -7.520  9.750   1.00 30.00 ? 387 LYS A CE  1 
ATOM 510  N NZ  . LYS A 1 65  ? 15.070  -7.179  10.722  1.00 30.00 ? 387 LYS A NZ  1 
ATOM 511  N N   . ILE A 1 66  ? 9.922   -4.604  13.319  1.00 30.00 ? 388 ILE A N   1 
ATOM 512  C CA  . ILE A 1 66  ? 9.362   -3.310  12.872  1.00 30.00 ? 388 ILE A CA  1 
ATOM 513  C C   . ILE A 1 66  ? 9.848   -2.947  11.453  1.00 30.00 ? 388 ILE A C   1 
ATOM 514  O O   . ILE A 1 66  ? 11.001  -2.616  11.184  1.00 30.00 ? 388 ILE A O   1 
ATOM 515  C CB  . ILE A 1 66  ? 9.716   -2.175  13.846  1.00 30.00 ? 388 ILE A CB  1 
ATOM 516  C CG1 . ILE A 1 66  ? 8.858   -0.932  13.599  1.00 30.00 ? 388 ILE A CG1 1 
ATOM 517  C CG2 . ILE A 1 66  ? 11.209  -1.803  13.773  1.00 30.00 ? 388 ILE A CG2 1 
ATOM 518  C CD1 . ILE A 1 66  ? 9.122   0.184   14.624  1.00 30.00 ? 388 ILE A CD1 1 
ATOM 519  N N   . SER A 1 67  ? 8.955   -3.113  10.510  1.00 30.00 ? 389 SER A N   1 
ATOM 520  C CA  . SER A 1 67  ? 9.249   -2.712  9.132   1.00 30.00 ? 389 SER A CA  1 
ATOM 521  C C   . SER A 1 67  ? 8.368   -1.508  8.827   1.00 30.00 ? 389 SER A C   1 
ATOM 522  O O   . SER A 1 67  ? 7.293   -1.345  9.411   1.00 30.00 ? 389 SER A O   1 
ATOM 523  C CB  . SER A 1 67  ? 8.972   -3.873  8.178   1.00 30.00 ? 389 SER A CB  1 
ATOM 524  O OG  . SER A 1 67  ? 9.228   -3.454  6.833   1.00 30.00 ? 389 SER A OG  1 
ATOM 525  N N   . VAL A 1 68  ? 8.822   -0.711  7.865   1.00 30.00 ? 390 VAL A N   1 
ATOM 526  C CA  . VAL A 1 68  ? 8.070   0.468   7.384   1.00 30.00 ? 390 VAL A CA  1 
ATOM 527  C C   . VAL A 1 68  ? 6.606   0.107   7.072   1.00 30.00 ? 390 VAL A C   1 
ATOM 528  O O   . VAL A 1 68  ? 5.729   0.956   7.151   1.00 30.00 ? 390 VAL A O   1 
ATOM 529  C CB  . VAL A 1 68  ? 8.757   1.049   6.136   1.00 30.00 ? 390 VAL A CB  1 
ATOM 530  C CG1 . VAL A 1 68  ? 8.775   0.057   4.961   1.00 30.00 ? 390 VAL A CG1 1 
ATOM 531  C CG2 . VAL A 1 68  ? 8.122   2.381   5.722   1.00 30.00 ? 390 VAL A CG2 1 
ATOM 532  N N   . ASN A 1 69  ? 6.381   -1.166  6.753   1.00 30.00 ? 391 ASN A N   1 
ATOM 533  C CA  . ASN A 1 69  ? 5.063   -1.696  6.389   1.00 30.00 ? 391 ASN A CA  1 
ATOM 534  C C   . ASN A 1 69  ? 3.993   -1.292  7.405   1.00 30.00 ? 391 ASN A C   1 
ATOM 535  O O   . ASN A 1 69  ? 3.167   -0.435  7.116   1.00 30.00 ? 391 ASN A O   1 
ATOM 536  C CB  . ASN A 1 69  ? 5.134   -3.222  6.293   1.00 30.00 ? 391 ASN A CB  1 
ATOM 537  C CG  . ASN A 1 69  ? 3.790   -3.778  5.828   1.00 30.00 ? 391 ASN A CG  1 
ATOM 538  O OD1 . ASN A 1 69  ? 2.895   -4.031  6.617   1.00 30.00 ? 391 ASN A OD1 1 
ATOM 539  N ND2 . ASN A 1 69  ? 3.664   -3.913  4.531   1.00 30.00 ? 391 ASN A ND2 1 
ATOM 540  N N   . ASP A 1 70  ? 4.078   -1.863  8.602   1.00 30.00 ? 392 ASP A N   1 
ATOM 541  C CA  . ASP A 1 70  ? 3.076   -1.644  9.656   1.00 30.00 ? 392 ASP A CA  1 
ATOM 542  C C   . ASP A 1 70  ? 2.841   -0.156  9.915   1.00 30.00 ? 392 ASP A C   1 
ATOM 543  O O   . ASP A 1 70  ? 1.709   0.271   10.139  1.00 30.00 ? 392 ASP A O   1 
ATOM 544  C CB  . ASP A 1 70  ? 3.631   -2.196  10.951  1.00 30.00 ? 392 ASP A CB  1 
ATOM 545  C CG  . ASP A 1 70  ? 3.933   -3.652  10.824  1.00 30.00 ? 392 ASP A CG  1 
ATOM 546  O OD1 . ASP A 1 70  ? 2.926   -4.323  10.882  1.00 30.00 ? 392 ASP A OD1 1 
ATOM 547  O OD2 . ASP A 1 70  ? 5.108   -3.999  10.584  1.00 30.00 ? 392 ASP A OD2 1 
ATOM 548  N N   . PHE A 1 71  ? 3.927   0.606   9.810   1.00 30.00 ? 393 PHE A N   1 
ATOM 549  C CA  . PHE A 1 71  ? 3.864   2.058   10.005  1.00 30.00 ? 393 PHE A CA  1 
ATOM 550  C C   . PHE A 1 71  ? 3.008   2.714   8.914   1.00 30.00 ? 393 PHE A C   1 
ATOM 551  O O   . PHE A 1 71  ? 2.249   3.638   9.190   1.00 30.00 ? 393 PHE A O   1 
ATOM 552  C CB  . PHE A 1 71  ? 5.270   2.660   10.008  1.00 30.00 ? 393 PHE A CB  1 
ATOM 553  C CG  . PHE A 1 71  ? 5.180   4.164   10.263  1.00 30.00 ? 393 PHE A CG  1 
ATOM 554  C CD1 . PHE A 1 71  ? 5.170   4.637   11.569  1.00 30.00 ? 393 PHE A CD1 1 
ATOM 555  C CD2 . PHE A 1 71  ? 4.882   5.023   9.209   1.00 30.00 ? 393 PHE A CD2 1 
ATOM 556  C CE1 . PHE A 1 71  ? 4.844   5.962   11.822  1.00 30.00 ? 393 PHE A CE1 1 
ATOM 557  C CE2 . PHE A 1 71  ? 4.540   6.343   9.463   1.00 30.00 ? 393 PHE A CE2 1 
ATOM 558  C CZ  . PHE A 1 71  ? 4.523   6.813   10.770  1.00 30.00 ? 393 PHE A CZ  1 
ATOM 559  N N   . ILE A 1 72  ? 3.171   2.236   7.690   1.00 30.00 ? 394 ILE A N   1 
ATOM 560  C CA  . ILE A 1 72  ? 2.399   2.698   6.524   1.00 30.00 ? 394 ILE A CA  1 
ATOM 561  C C   . ILE A 1 72  ? 0.928   2.298   6.665   1.00 30.00 ? 394 ILE A C   1 
ATOM 562  O O   . ILE A 1 72  ? 0.044   3.042   6.264   1.00 30.00 ? 394 ILE A O   1 
ATOM 563  C CB  . ILE A 1 72  ? 2.972   2.119   5.225   1.00 30.00 ? 394 ILE A CB  1 
ATOM 564  C CG1 . ILE A 1 72  ? 4.425   2.567   5.094   1.00 30.00 ? 394 ILE A CG1 1 
ATOM 565  C CG2 . ILE A 1 72  ? 2.149   2.582   4.007   1.00 30.00 ? 394 ILE A CG2 1 
ATOM 566  C CD1 . ILE A 1 72  ? 5.100   1.942   3.897   1.00 30.00 ? 394 ILE A CD1 1 
ATOM 567  N N   . ILE A 1 73  ? 0.688   1.126   7.233   1.00 30.00 ? 395 ILE A N   1 
ATOM 568  C CA  . ILE A 1 73  ? -0.673  0.602   7.432   1.00 30.00 ? 395 ILE A CA  1 
ATOM 569  C C   . ILE A 1 73  ? -1.444  1.543   8.361   1.00 30.00 ? 395 ILE A C   1 
ATOM 570  O O   . ILE A 1 73  ? -2.471  2.097   7.978   1.00 30.00 ? 395 ILE A O   1 
ATOM 571  C CB  . ILE A 1 73  ? -0.617  -0.807  8.028   1.00 30.00 ? 395 ILE A CB  1 
ATOM 572  C CG1 . ILE A 1 73  ? 0.125   -1.769  7.092   1.00 30.00 ? 395 ILE A CG1 1 
ATOM 573  C CG2 . ILE A 1 73  ? -2.034  -1.312  8.294   1.00 30.00 ? 395 ILE A CG2 1 
ATOM 574  C CD1 . ILE A 1 73  ? 0.228   -3.190  7.662   1.00 30.00 ? 395 ILE A CD1 1 
ATOM 575  N N   . LYS A 1 74  ? -0.897  1.723   9.561   1.00 30.00 ? 396 LYS A N   1 
ATOM 576  C CA  . LYS A 1 74  ? -1.446  2.684   10.531  1.00 30.00 ? 396 LYS A CA  1 
ATOM 577  C C   . LYS A 1 74  ? -1.540  4.082   9.899   1.00 30.00 ? 396 LYS A C   1 
ATOM 578  O O   . LYS A 1 74  ? -2.492  4.824   10.142  1.00 30.00 ? 396 LYS A O   1 
ATOM 579  C CB  . LYS A 1 74  ? -0.538  2.739   11.762  1.00 30.00 ? 396 LYS A CB  1 
ATOM 580  C CG  . LYS A 1 74  ? -1.057  3.712   12.829  1.00 30.00 ? 396 LYS A CG  1 
ATOM 581  C CD  . LYS A 1 74  ? -2.450  3.309   13.317  1.00 30.00 ? 396 LYS A CD  1 
ATOM 582  C CE  . LYS A 1 74  ? -2.964  4.243   14.407  1.00 30.00 ? 396 LYS A CE  1 
ATOM 583  N NZ  . LYS A 1 74  ? -4.251  3.773   14.934  1.00 30.00 ? 396 LYS A NZ  1 
ATOM 584  N N   . ALA A 1 75  ? -0.573  4.364   9.028   1.00 30.00 ? 397 ALA A N   1 
ATOM 585  C CA  . ALA A 1 75  ? -0.496  5.643   8.308   1.00 30.00 ? 397 ALA A CA  1 
ATOM 586  C C   . ALA A 1 75  ? -1.692  5.827   7.369   1.00 30.00 ? 397 ALA A C   1 
ATOM 587  O O   . ALA A 1 75  ? -2.325  6.879   7.351   1.00 30.00 ? 397 ALA A O   1 
ATOM 588  C CB  . ALA A 1 75  ? 0.800   5.732   7.501   1.00 30.00 ? 397 ALA A CB  1 
ATOM 589  N N   . SER A 1 76  ? -2.022  4.764   6.650   1.00 30.00 ? 398 SER A N   1 
ATOM 590  C CA  . SER A 1 76  ? -3.122  4.774   5.675   1.00 30.00 ? 398 SER A CA  1 
ATOM 591  C C   . SER A 1 76  ? -4.473  4.626   6.356   1.00 30.00 ? 398 SER A C   1 
ATOM 592  O O   . SER A 1 76  ? -5.431  5.254   5.935   1.00 30.00 ? 398 SER A O   1 
ATOM 593  C CB  . SER A 1 76  ? -2.955  3.626   4.701   1.00 30.00 ? 398 SER A CB  1 
ATOM 594  O OG  . SER A 1 76  ? -1.670  3.796   4.114   1.00 30.00 ? 398 SER A OG  1 
ATOM 595  N N   . ALA A 1 77  ? -4.496  3.928   7.486   1.00 30.00 ? 399 ALA A N   1 
ATOM 596  C CA  . ALA A 1 77  ? -5.726  3.668   8.249   1.00 30.00 ? 399 ALA A CA  1 
ATOM 597  C C   . ALA A 1 77  ? -6.387  4.975   8.690   1.00 30.00 ? 399 ALA A C   1 
ATOM 598  O O   . ALA A 1 77  ? -7.499  5.293   8.269   1.00 30.00 ? 399 ALA A O   1 
ATOM 599  C CB  . ALA A 1 77  ? -5.397  2.827   9.484   1.00 30.00 ? 399 ALA A CB  1 
ATOM 600  N N   . LEU A 1 78  ? -5.621  5.768   9.438   1.00 30.00 ? 400 LEU A N   1 
ATOM 601  C CA  . LEU A 1 78  ? -6.113  7.050   9.954   1.00 30.00 ? 400 LEU A CA  1 
ATOM 602  C C   . LEU A 1 78  ? -6.531  7.947   8.775   1.00 30.00 ? 400 LEU A C   1 
ATOM 603  O O   . LEU A 1 78  ? -7.541  8.646   8.843   1.00 30.00 ? 400 LEU A O   1 
ATOM 604  C CB  . LEU A 1 78  ? -5.009  7.696   10.803  1.00 30.00 ? 400 LEU A CB  1 
ATOM 605  C CG  . LEU A 1 78  ? -5.470  8.991   11.485  1.00 30.00 ? 400 LEU A CG  1 
ATOM 606  C CD1 . LEU A 1 78  ? -4.380  9.458   12.419  1.00 30.00 ? 400 LEU A CD1 1 
ATOM 607  C CD2 . LEU A 1 78  ? -5.645  10.165  10.535  1.00 30.00 ? 400 LEU A CD2 1 
ATOM 608  N N   . ALA A 1 79  ? -5.696  7.958   7.739   1.00 30.00 ? 401 ALA A N   1 
ATOM 609  C CA  . ALA A 1 79  ? -5.922  8.809   6.558   1.00 30.00 ? 401 ALA A CA  1 
ATOM 610  C C   . ALA A 1 79  ? -7.231  8.451   5.842   1.00 30.00 ? 401 ALA A C   1 
ATOM 611  O O   . ALA A 1 79  ? -7.980  9.332   5.425   1.00 30.00 ? 401 ALA A O   1 
ATOM 612  C CB  . ALA A 1 79  ? -4.752  8.656   5.587   1.00 30.00 ? 401 ALA A CB  1 
ATOM 613  N N   . CYS A 1 80  ? -7.524  7.151   5.793   1.00 30.00 ? 402 CYS A N   1 
ATOM 614  C CA  . CYS A 1 80  ? -8.731  6.630   5.128   1.00 30.00 ? 402 CYS A CA  1 
ATOM 615  C C   . CYS A 1 80  ? -10.004 7.114   5.828   1.00 30.00 ? 402 CYS A C   1 
ATOM 616  O O   . CYS A 1 80  ? -11.000 7.430   5.184   1.00 30.00 ? 402 CYS A O   1 
ATOM 617  C CB  . CYS A 1 80  ? -8.716  5.102   5.124   1.00 30.00 ? 402 CYS A CB  1 
ATOM 618  S SG  . CYS A 1 80  ? -7.339  4.391   4.150   1.00 30.00 ? 402 CYS A SG  1 
ATOM 619  N N   . LEU A 1 81  ? -9.918  7.232   7.151   1.00 30.00 ? 403 LEU A N   1 
ATOM 620  C CA  . LEU A 1 81  ? -11.044 7.712   7.968   1.00 30.00 ? 403 LEU A CA  1 
ATOM 621  C C   . LEU A 1 81  ? -11.381 9.170   7.667   1.00 30.00 ? 403 LEU A C   1 
ATOM 622  O O   . LEU A 1 81  ? -12.545 9.545   7.566   1.00 30.00 ? 403 LEU A O   1 
ATOM 623  C CB  . LEU A 1 81  ? -10.703 7.563   9.453   1.00 30.00 ? 403 LEU A CB  1 
ATOM 624  C CG  . LEU A 1 81  ? -10.413 6.108   9.825   1.00 30.00 ? 403 LEU A CG  1 
ATOM 625  C CD1 . LEU A 1 81  ? -10.031 6.026   11.301  1.00 30.00 ? 403 LEU A CD1 1 
ATOM 626  C CD2 . LEU A 1 81  ? -11.618 5.219   9.503   1.00 30.00 ? 403 LEU A CD2 1 
ATOM 627  N N   . LYS A 1 82  ? -10.322 9.951   7.494   1.00 30.00 ? 404 LYS A N   1 
ATOM 628  C CA  . LYS A 1 82  ? -10.447 11.386  7.199   1.00 30.00 ? 404 LYS A CA  1 
ATOM 629  C C   . LYS A 1 82  ? -11.026 11.616  5.802   1.00 30.00 ? 404 LYS A C   1 
ATOM 630  O O   . LYS A 1 82  ? -11.724 12.599  5.562   1.00 30.00 ? 404 LYS A O   1 
ATOM 631  C CB  . LYS A 1 82  ? -9.076  12.036  7.326   1.00 30.00 ? 404 LYS A CB  1 
ATOM 632  C CG  . LYS A 1 82  ? -8.546  11.886  8.753   1.00 30.00 ? 404 LYS A CG  1 
ATOM 633  C CD  . LYS A 1 82  ? -7.173  12.545  8.895   1.00 30.00 ? 404 LYS A CD  1 
ATOM 634  C CE  . LYS A 1 82  ? -7.185  14.050  8.646   1.00 30.00 ? 404 LYS A CE  1 
ATOM 635  N NZ  . LYS A 1 82  ? -8.123  14.719  9.554   1.00 30.00 ? 404 LYS A NZ  1 
ATOM 636  N N   . VAL A 1 83  ? -10.680 10.705  4.895   1.00 30.00 ? 405 VAL A N   1 
ATOM 637  C CA  . VAL A 1 83  ? -11.172 10.750  3.517   1.00 30.00 ? 405 VAL A CA  1 
ATOM 638  C C   . VAL A 1 83  ? -11.759 9.403   3.115   1.00 30.00 ? 405 VAL A C   1 
ATOM 639  O O   . VAL A 1 83  ? -11.056 8.518   2.624   1.00 30.00 ? 405 VAL A O   1 
ATOM 640  C CB  . VAL A 1 83  ? -10.108 11.276  2.584   1.00 30.00 ? 405 VAL A CB  1 
ATOM 641  C CG1 . VAL A 1 83  ? -10.488 11.207  1.098   1.00 30.00 ? 405 VAL A CG1 1 
ATOM 642  C CG2 . VAL A 1 83  ? -9.827  12.729  3.012   1.00 30.00 ? 405 VAL A CG2 1 
ATOM 643  N N   . PRO A 1 84  ? -13.081 9.350   3.273   1.00 30.00 ? 406 PRO A N   1 
ATOM 644  C CA  . PRO A 1 84  ? -13.861 8.134   3.079   1.00 30.00 ? 406 PRO A CA  1 
ATOM 645  C C   . PRO A 1 84  ? -13.908 7.668   1.640   1.00 30.00 ? 406 PRO A C   1 
ATOM 646  O O   . PRO A 1 84  ? -14.020 6.461   1.487   1.00 30.00 ? 406 PRO A O   1 
ATOM 647  C CB  . PRO A 1 84  ? -15.260 8.501   3.530   1.00 30.00 ? 406 PRO A CB  1 
ATOM 648  C CG  . PRO A 1 84  ? -15.372 9.998   3.274   1.00 30.00 ? 406 PRO A CG  1 
ATOM 649  C CD  . PRO A 1 84  ? -13.967 10.494  3.583   1.00 30.00 ? 406 PRO A CD  1 
ATOM 650  N N   . GLU A 1 85  ? -14.032 8.609   0.692   1.00 30.00 ? 407 GLU A N   1 
ATOM 651  C CA  . GLU A 1 85  ? -14.077 8.345   -0.764  1.00 30.00 ? 407 GLU A CA  1 
ATOM 652  C C   . GLU A 1 85  ? -13.594 6.938   -1.129  1.00 30.00 ? 407 GLU A C   1 
ATOM 653  O O   . GLU A 1 85  ? -12.678 6.389   -0.519  1.00 30.00 ? 407 GLU A O   1 
ATOM 654  C CB  . GLU A 1 85  ? -13.202 9.349   -1.524  1.00 30.00 ? 407 GLU A CB  1 
ATOM 655  C CG  . GLU A 1 85  ? -13.681 10.791  -1.345  1.00 30.00 ? 407 GLU A CG  1 
ATOM 656  C CD  . GLU A 1 85  ? -12.833 11.741  -2.191  1.00 30.00 ? 407 GLU A CD  1 
ATOM 657  O OE1 . GLU A 1 85  ? -11.787 12.188  -1.677  1.00 30.00 ? 407 GLU A OE1 1 
ATOM 658  O OE2 . GLU A 1 85  ? -13.254 11.990  -3.341  1.00 30.00 ? 407 GLU A OE2 1 
ATOM 659  N N   . ALA A 1 86  ? -14.121 6.419   -2.230  1.00 30.00 ? 408 ALA A N   1 
ATOM 660  C CA  . ALA A 1 86  ? -13.704 5.093   -2.740  1.00 30.00 ? 408 ALA A CA  1 
ATOM 661  C C   . ALA A 1 86  ? -14.078 3.968   -1.754  1.00 30.00 ? 408 ALA A C   1 
ATOM 662  O O   . ALA A 1 86  ? -13.335 3.008   -1.549  1.00 30.00 ? 408 ALA A O   1 
ATOM 663  C CB  . ALA A 1 86  ? -12.187 5.084   -3.028  1.00 30.00 ? 408 ALA A CB  1 
ATOM 664  N N   . ASN A 1 87  ? -15.267 4.097   -1.167  1.00 30.00 ? 409 ASN A N   1 
ATOM 665  C CA  . ASN A 1 87  ? -15.798 3.099   -0.222  1.00 30.00 ? 409 ASN A CA  1 
ATOM 666  C C   . ASN A 1 87  ? -16.002 1.756   -0.932  1.00 30.00 ? 409 ASN A C   1 
ATOM 667  O O   . ASN A 1 87  ? -16.809 1.639   -1.857  1.00 30.00 ? 409 ASN A O   1 
ATOM 668  C CB  . ASN A 1 87  ? -17.129 3.576   0.364   1.00 30.00 ? 409 ASN A CB  1 
ATOM 669  C CG  . ASN A 1 87  ? -16.953 4.878   1.146   1.00 30.00 ? 409 ASN A CG  1 
ATOM 670  O OD1 . ASN A 1 87  ? -17.486 5.920   0.787   1.00 30.00 ? 409 ASN A OD1 1 
ATOM 671  N ND2 . ASN A 1 87  ? -16.149 4.811   2.185   1.00 30.00 ? 409 ASN A ND2 1 
ATOM 672  N N   . SER A 1 88  ? -15.183 0.787   -0.538  1.00 30.00 ? 410 SER A N   1 
ATOM 673  C CA  . SER A 1 88  ? -15.243 -0.573  -1.103  1.00 30.00 ? 410 SER A CA  1 
ATOM 674  C C   . SER A 1 88  ? -16.615 -1.189  -0.830  1.00 30.00 ? 410 SER A C   1 
ATOM 675  O O   . SER A 1 88  ? -17.171 -1.030  0.260   1.00 30.00 ? 410 SER A O   1 
ATOM 676  C CB  . SER A 1 88  ? -14.183 -1.457  -0.455  1.00 30.00 ? 410 SER A CB  1 
ATOM 677  O OG  . SER A 1 88  ? -14.268 -2.771  -1.005  1.00 30.00 ? 410 SER A OG  1 
ATOM 678  N N   . SER A 1 89  ? -17.160 -1.833  -1.864  1.00 30.00 ? 411 SER A N   1 
ATOM 679  C CA  . SER A 1 89  ? -18.497 -2.461  -1.794  1.00 30.00 ? 411 SER A CA  1 
ATOM 680  C C   . SER A 1 89  ? -19.555 -1.449  -1.313  1.00 30.00 ? 411 SER A C   1 
ATOM 681  O O   . SER A 1 89  ? -20.618 -1.805  -0.800  1.00 30.00 ? 411 SER A O   1 
ATOM 682  C CB  . SER A 1 89  ? -18.451 -3.673  -0.850  1.00 30.00 ? 411 SER A CB  1 
ATOM 683  O OG  . SER A 1 89  ? -19.712 -4.347  -0.846  1.00 30.00 ? 411 SER A OG  1 
ATOM 684  N N   . TRP A 1 90  ? -19.261 -0.167  -1.539  1.00 30.00 ? 412 TRP A N   1 
ATOM 685  C CA  . TRP A 1 90  ? -20.154 0.955   -1.206  1.00 30.00 ? 412 TRP A CA  1 
ATOM 686  C C   . TRP A 1 90  ? -20.510 1.082   0.283   1.00 30.00 ? 412 TRP A C   1 
ATOM 687  O O   . TRP A 1 90  ? -19.822 1.760   1.038   1.00 30.00 ? 412 TRP A O   1 
ATOM 688  C CB  . TRP A 1 90  ? -21.453 0.844   -2.021  1.00 30.00 ? 412 TRP A CB  1 
ATOM 689  C CG  . TRP A 1 90  ? -21.265 1.062   -3.503  1.00 30.00 ? 412 TRP A CG  1 
ATOM 690  C CD1 . TRP A 1 90  ? -21.342 2.250   -4.085  1.00 30.00 ? 412 TRP A CD1 1 
ATOM 691  C CD2 . TRP A 1 90  ? -21.087 0.101   -4.480  1.00 30.00 ? 412 TRP A CD2 1 
ATOM 692  N NE1 . TRP A 1 90  ? -21.222 2.088   -5.398  1.00 30.00 ? 412 TRP A NE1 1 
ATOM 693  C CE2 . TRP A 1 90  ? -21.065 0.796   -5.675  1.00 30.00 ? 412 TRP A CE2 1 
ATOM 694  C CE3 . TRP A 1 90  ? -20.965 -1.283  -4.460  1.00 30.00 ? 412 TRP A CE3 1 
ATOM 695  C CZ2 . TRP A 1 90  ? -20.917 0.106   -6.871  1.00 30.00 ? 412 TRP A CZ2 1 
ATOM 696  C CZ3 . TRP A 1 90  ? -20.807 -1.971  -5.656  1.00 30.00 ? 412 TRP A CZ3 1 
ATOM 697  C CH2 . TRP A 1 90  ? -20.783 -1.277  -6.861  1.00 30.00 ? 412 TRP A CH2 1 
ATOM 698  N N   . MET A 1 91  ? -21.566 0.362   0.648   1.00 30.00 ? 413 MET A N   1 
ATOM 699  C CA  . MET A 1 91  ? -22.431 0.613   1.801   1.00 30.00 ? 413 MET A CA  1 
ATOM 700  C C   . MET A 1 91  ? -21.732 0.463   3.157   1.00 30.00 ? 413 MET A C   1 
ATOM 701  O O   . MET A 1 91  ? -20.614 0.927   3.341   1.00 30.00 ? 413 MET A O   1 
ATOM 702  C CB  . MET A 1 91  ? -23.653 -0.301  1.683   1.00 30.00 ? 413 MET A CB  1 
ATOM 703  C CG  . MET A 1 91  ? -24.422 -0.090  0.386   1.00 30.00 ? 413 MET A CG  1 
ATOM 704  S SD  . MET A 1 91  ? -25.864 -1.202  0.255   1.00 30.00 ? 413 MET A SD  1 
ATOM 705  C CE  . MET A 1 91  ? -25.085 -2.795  0.438   1.00 30.00 ? 413 MET A CE  1 
ATOM 706  N N   . ASP A 1 92  ? -22.502 -0.097  4.099   1.00 30.00 ? 414 ASP A N   1 
ATOM 707  C CA  . ASP A 1 92  ? -22.304 -0.255  5.546   1.00 30.00 ? 414 ASP A CA  1 
ATOM 708  C C   . ASP A 1 92  ? -23.594 0.104   6.305   1.00 30.00 ? 414 ASP A C   1 
ATOM 709  O O   . ASP A 1 92  ? -24.541 0.732   5.865   1.00 30.00 ? 414 ASP A O   1 
ATOM 710  C CB  . ASP A 1 92  ? -21.050 0.472   6.040   1.00 30.00 ? 414 ASP A CB  1 
ATOM 711  C CG  . ASP A 1 92  ? -20.987 0.928   7.486   1.00 30.00 ? 414 ASP A CG  1 
ATOM 712  O OD1 . ASP A 1 92  ? -22.022 1.276   8.055   1.00 30.00 ? 414 ASP A OD1 1 
ATOM 713  O OD2 . ASP A 1 92  ? -19.890 0.941   8.035   1.00 30.00 ? 414 ASP A OD2 1 
ATOM 714  N N   . THR A 1 93  ? -23.739 -0.516  7.447   1.00 30.00 ? 415 THR A N   1 
ATOM 715  C CA  . THR A 1 93  ? -24.865 -0.187  8.338   1.00 30.00 ? 415 THR A CA  1 
ATOM 716  C C   . THR A 1 93  ? -24.487 0.562   9.631   1.00 30.00 ? 415 THR A C   1 
ATOM 717  O O   . THR A 1 93  ? -25.324 1.183   10.279  1.00 30.00 ? 415 THR A O   1 
ATOM 718  C CB  . THR A 1 93  ? -25.542 -1.523  8.601   1.00 30.00 ? 415 THR A CB  1 
ATOM 719  O OG1 . THR A 1 93  ? -25.835 -2.119  7.329   1.00 30.00 ? 415 THR A OG1 1 
ATOM 720  C CG2 . THR A 1 93  ? -26.814 -1.371  9.432   1.00 30.00 ? 415 THR A CG2 1 
ATOM 721  N N   . VAL A 1 94  ? -23.268 0.347   10.089  1.00 30.00 ? 416 VAL A N   1 
ATOM 722  C CA  . VAL A 1 94  ? -22.749 0.961   11.311  1.00 30.00 ? 416 VAL A CA  1 
ATOM 723  C C   . VAL A 1 94  ? -21.525 1.791   10.987  1.00 30.00 ? 416 VAL A C   1 
ATOM 724  O O   . VAL A 1 94  ? -20.631 1.341   10.287  1.00 30.00 ? 416 VAL A O   1 
ATOM 725  C CB  . VAL A 1 94  ? -22.314 -0.206  12.186  1.00 30.00 ? 416 VAL A CB  1 
ATOM 726  C CG1 . VAL A 1 94  ? -21.771 0.177   13.541  1.00 30.00 ? 416 VAL A CG1 1 
ATOM 727  C CG2 . VAL A 1 94  ? -23.504 -1.094  12.506  1.00 30.00 ? 416 VAL A CG2 1 
ATOM 728  N N   . ILE A 1 95  ? -21.420 2.932   11.633  1.00 30.00 ? 417 ILE A N   1 
ATOM 729  C CA  . ILE A 1 95  ? -22.315 3.601   12.575  1.00 30.00 ? 417 ILE A CA  1 
ATOM 730  C C   . ILE A 1 95  ? -23.110 4.788   11.981  1.00 30.00 ? 417 ILE A C   1 
ATOM 731  O O   . ILE A 1 95  ? -24.266 4.920   12.363  1.00 30.00 ? 417 ILE A O   1 
ATOM 732  C CB  . ILE A 1 95  ? -21.551 4.025   13.860  1.00 30.00 ? 417 ILE A CB  1 
ATOM 733  C CG1 . ILE A 1 95  ? -20.109 4.533   13.796  1.00 30.00 ? 417 ILE A CG1 1 
ATOM 734  C CG2 . ILE A 1 95  ? -21.366 2.953   14.912  1.00 30.00 ? 417 ILE A CG2 1 
ATOM 735  C CD1 . ILE A 1 95  ? -19.035 3.686   13.065  1.00 30.00 ? 417 ILE A CD1 1 
ATOM 736  N N   . ARG A 1 96  ? -22.617 5.662   11.087  1.00 30.00 ? 418 ARG A N   1 
ATOM 737  C CA  . ARG A 1 96  ? -21.317 5.742   10.387  1.00 30.00 ? 418 ARG A CA  1 
ATOM 738  C C   . ARG A 1 96  ? -20.911 4.567   9.485   1.00 30.00 ? 418 ARG A C   1 
ATOM 739  O O   . ARG A 1 96  ? -20.023 3.761   9.725   1.00 30.00 ? 418 ARG A O   1 
ATOM 740  C CB  . ARG A 1 96  ? -20.233 6.258   11.324  1.00 30.00 ? 418 ARG A CB  1 
ATOM 741  C CG  . ARG A 1 96  ? -18.772 6.117   10.908  1.00 30.00 ? 418 ARG A CG  1 
ATOM 742  C CD  . ARG A 1 96  ? -18.685 7.237   9.933   1.00 30.00 ? 418 ARG A CD  1 
ATOM 743  N NE  . ARG A 1 96  ? -18.896 8.520   10.582  1.00 30.00 ? 418 ARG A NE  1 
ATOM 744  C CZ  . ARG A 1 96  ? -17.914 9.255   11.068  1.00 30.00 ? 418 ARG A CZ  1 
ATOM 745  N NH1 . ARG A 1 96  ? -16.654 8.833   11.016  1.00 30.00 ? 418 ARG A NH1 1 
ATOM 746  N NH2 . ARG A 1 96  ? -18.191 10.462  11.521  1.00 30.00 ? 418 ARG A NH2 1 
ATOM 747  N N   . GLN A 1 97  ? -21.104 4.870   8.239   1.00 30.00 ? 419 GLN A N   1 
ATOM 748  C CA  . GLN A 1 97  ? -20.971 3.852   7.220   1.00 30.00 ? 419 GLN A CA  1 
ATOM 749  C C   . GLN A 1 97  ? -19.568 3.677   6.661   1.00 30.00 ? 419 GLN A C   1 
ATOM 750  O O   . GLN A 1 97  ? -19.084 2.580   6.639   1.00 30.00 ? 419 GLN A O   1 
ATOM 751  C CB  . GLN A 1 97  ? -22.059 4.079   6.183   1.00 30.00 ? 419 GLN A CB  1 
ATOM 752  C CG  . GLN A 1 97  ? -21.744 3.312   4.909   1.00 30.00 ? 419 GLN A CG  1 
ATOM 753  C CD  . GLN A 1 97  ? -22.859 3.205   3.906   1.00 30.00 ? 419 GLN A CD  1 
ATOM 754  O OE1 . GLN A 1 97  ? -22.798 3.871   2.900   1.00 30.00 ? 419 GLN A OE1 1 
ATOM 755  N NE2 . GLN A 1 97  ? -23.830 2.348   4.102   1.00 30.00 ? 419 GLN A NE2 1 
ATOM 756  N N   . ASN A 1 98  ? -19.038 4.680   6.002   1.00 30.00 ? 420 ASN A N   1 
ATOM 757  C CA  . ASN A 1 98  ? -17.779 4.586   5.230   1.00 30.00 ? 420 ASN A CA  1 
ATOM 758  C C   . ASN A 1 98  ? -17.455 3.173   4.737   1.00 30.00 ? 420 ASN A C   1 
ATOM 759  O O   . ASN A 1 98  ? -17.886 2.891   3.626   1.00 30.00 ? 420 ASN A O   1 
ATOM 760  C CB  . ASN A 1 98  ? -16.623 5.139   6.048   1.00 30.00 ? 420 ASN A CB  1 
ATOM 761  C CG  . ASN A 1 98  ? -16.927 6.575   6.420   1.00 30.00 ? 420 ASN A CG  1 
ATOM 762  O OD1 . ASN A 1 98  ? -16.680 7.520   5.715   1.00 30.00 ? 420 ASN A OD1 1 
ATOM 763  N ND2 . ASN A 1 98  ? -17.628 6.725   7.495   1.00 30.00 ? 420 ASN A ND2 1 
ATOM 764  N N   . HIS A 1 99  ? -16.805 2.355   5.589   1.00 30.00 ? 421 HIS A N   1 
ATOM 765  C CA  . HIS A 1 99  ? -16.755 0.890   5.441   1.00 30.00 ? 421 HIS A CA  1 
ATOM 766  C C   . HIS A 1 99  ? -15.474 0.430   6.092   1.00 30.00 ? 421 HIS A C   1 
ATOM 767  O O   . HIS A 1 99  ? -14.501 0.255   5.359   1.00 30.00 ? 421 HIS A O   1 
ATOM 768  C CB  . HIS A 1 99  ? -16.715 0.509   3.956   1.00 30.00 ? 421 HIS A CB  1 
ATOM 769  C CG  . HIS A 1 99  ? -16.474 -0.938  3.652   1.00 30.00 ? 421 HIS A CG  1 
ATOM 770  N ND1 . HIS A 1 99  ? -17.401 -1.860  3.534   1.00 30.00 ? 421 HIS A ND1 1 
ATOM 771  C CD2 . HIS A 1 99  ? -15.300 -1.474  3.401   1.00 30.00 ? 421 HIS A CD2 1 
ATOM 772  C CE1 . HIS A 1 99  ? -16.769 -2.988  3.228   1.00 30.00 ? 421 HIS A CE1 1 
ATOM 773  N NE2 . HIS A 1 99  ? -15.461 -2.763  3.172   1.00 30.00 ? 421 HIS A NE2 1 
ATOM 774  N N   . VAL A 1 100 ? -15.516 0.174   7.405   1.00 30.00 ? 422 VAL A N   1 
ATOM 775  C CA  . VAL A 1 100 ? -14.342 -0.339  8.156   1.00 30.00 ? 422 VAL A CA  1 
ATOM 776  C C   . VAL A 1 100 ? -13.046 0.216   7.522   1.00 30.00 ? 422 VAL A C   1 
ATOM 777  O O   . VAL A 1 100 ? -13.067 1.280   6.905   1.00 30.00 ? 422 VAL A O   1 
ATOM 778  C CB  . VAL A 1 100 ? -14.479 -1.885  8.155   1.00 30.00 ? 422 VAL A CB  1 
ATOM 779  C CG1 . VAL A 1 100 ? -14.381 -2.504  6.768   1.00 30.00 ? 422 VAL A CG1 1 
ATOM 780  C CG2 . VAL A 1 100 ? -13.479 -2.741  8.907   1.00 30.00 ? 422 VAL A CG2 1 
ATOM 781  N N   . VAL A 1 101 ? -11.969 -0.543  7.574   1.00 30.00 ? 423 VAL A N   1 
ATOM 782  C CA  . VAL A 1 101 ? -10.672 -0.216  6.956   1.00 30.00 ? 423 VAL A CA  1 
ATOM 783  C C   . VAL A 1 101 ? -9.770  -1.468  6.944   1.00 30.00 ? 423 VAL A C   1 
ATOM 784  O O   . VAL A 1 101 ? -8.818  -1.592  7.711   1.00 30.00 ? 423 VAL A O   1 
ATOM 785  C CB  . VAL A 1 101 ? -9.972  0.908   7.754   1.00 30.00 ? 423 VAL A CB  1 
ATOM 786  C CG1 . VAL A 1 101 ? -8.630  1.256   7.116   1.00 30.00 ? 423 VAL A CG1 1 
ATOM 787  C CG2 . VAL A 1 101 ? -10.701 2.246   7.821   1.00 30.00 ? 423 VAL A CG2 1 
ATOM 788  N N   . ASP A 1 102 ? -10.048 -2.365  6.024   1.00 30.00 ? 424 ASP A N   1 
ATOM 789  C CA  . ASP A 1 102 ? -9.287  -3.605  5.897   1.00 30.00 ? 424 ASP A CA  1 
ATOM 790  C C   . ASP A 1 102 ? -8.338  -3.423  4.724   1.00 30.00 ? 424 ASP A C   1 
ATOM 791  O O   . ASP A 1 102 ? -8.757  -3.525  3.574   1.00 30.00 ? 424 ASP A O   1 
ATOM 792  C CB  . ASP A 1 102 ? -10.254 -4.782  5.717   1.00 30.00 ? 424 ASP A CB  1 
ATOM 793  C CG  . ASP A 1 102 ? -11.286 -4.925  6.842   1.00 30.00 ? 424 ASP A CG  1 
ATOM 794  O OD1 . ASP A 1 102 ? -11.060 -4.494  7.973   1.00 30.00 ? 424 ASP A OD1 1 
ATOM 795  O OD2 . ASP A 1 102 ? -12.391 -5.410  6.560   1.00 30.00 ? 424 ASP A OD2 1 
ATOM 796  N N   . VAL A 1 103 ? -7.053  -3.294  5.041   1.00 30.00 ? 425 VAL A N   1 
ATOM 797  C CA  . VAL A 1 103 ? -6.003  -3.124  4.016   1.00 30.00 ? 425 VAL A CA  1 
ATOM 798  C C   . VAL A 1 103 ? -5.203  -4.420  3.787   1.00 30.00 ? 425 VAL A C   1 
ATOM 799  O O   . VAL A 1 103 ? -4.923  -5.170  4.722   1.00 30.00 ? 425 VAL A O   1 
ATOM 800  C CB  . VAL A 1 103 ? -5.059  -1.982  4.419   1.00 30.00 ? 425 VAL A CB  1 
ATOM 801  C CG1 . VAL A 1 103 ? -4.290  -2.320  5.686   1.00 30.00 ? 425 VAL A CG1 1 
ATOM 802  C CG2 . VAL A 1 103 ? -4.006  -1.665  3.356   1.00 30.00 ? 425 VAL A CG2 1 
ATOM 803  N N   . SER A 1 104 ? -4.868  -4.645  2.531   1.00 30.00 ? 426 SER A N   1 
ATOM 804  C CA  . SER A 1 104 ? -4.114  -5.837  2.122   1.00 30.00 ? 426 SER A CA  1 
ATOM 805  C C   . SER A 1 104 ? -2.766  -5.426  1.542   1.00 30.00 ? 426 SER A C   1 
ATOM 806  O O   . SER A 1 104 ? -2.586  -4.290  1.128   1.00 30.00 ? 426 SER A O   1 
ATOM 807  C CB  . SER A 1 104 ? -4.905  -6.586  1.059   1.00 30.00 ? 426 SER A CB  1 
ATOM 808  O OG  . SER A 1 104 ? -6.175  -6.982  1.556   1.00 30.00 ? 426 SER A OG  1 
ATOM 809  N N   . VAL A 1 105 ? -1.787  -6.305  1.654   1.00 30.00 ? 427 VAL A N   1 
ATOM 810  C CA  . VAL A 1 105 ? -0.432  -6.032  1.137   1.00 30.00 ? 427 VAL A CA  1 
ATOM 811  C C   . VAL A 1 105 ? -0.062  -7.138  0.149   1.00 30.00 ? 427 VAL A C   1 
ATOM 812  O O   . VAL A 1 105 ? -0.283  -8.312  0.423   1.00 30.00 ? 427 VAL A O   1 
ATOM 813  C CB  . VAL A 1 105 ? 0.581   -6.006  2.296   1.00 30.00 ? 427 VAL A CB  1 
ATOM 814  C CG1 . VAL A 1 105 ? 1.987   -5.631  1.812   1.00 30.00 ? 427 VAL A CG1 1 
ATOM 815  C CG2 . VAL A 1 105 ? 0.108   -5.114  3.452   1.00 30.00 ? 427 VAL A CG2 1 
ATOM 816  N N   . ALA A 1 106 ? 0.547   -6.741  -0.961  1.00 30.00 ? 428 ALA A N   1 
ATOM 817  C CA  . ALA A 1 106 ? 1.054   -7.697  -1.962  1.00 30.00 ? 428 ALA A CA  1 
ATOM 818  C C   . ALA A 1 106 ? 2.219   -8.507  -1.375  1.00 30.00 ? 428 ALA A C   1 
ATOM 819  O O   . ALA A 1 106 ? 3.088   -7.969  -0.691  1.00 30.00 ? 428 ALA A O   1 
ATOM 820  C CB  . ALA A 1 106 ? 1.529   -6.910  -3.181  1.00 30.00 ? 428 ALA A CB  1 
ATOM 821  N N   . VAL A 1 107 ? 2.226   -9.794  -1.683  1.00 30.00 ? 429 VAL A N   1 
ATOM 822  C CA  . VAL A 1 107 ? 3.228   -10.745 -1.173  1.00 30.00 ? 429 VAL A CA  1 
ATOM 823  C C   . VAL A 1 107 ? 3.609   -11.701 -2.308  1.00 30.00 ? 429 VAL A C   1 
ATOM 824  O O   . VAL A 1 107 ? 2.993   -12.749 -2.503  1.00 30.00 ? 429 VAL A O   1 
ATOM 825  C CB  . VAL A 1 107 ? 2.690   -11.527 0.041   1.00 30.00 ? 429 VAL A CB  1 
ATOM 826  C CG1 . VAL A 1 107 ? 3.770   -12.470 0.557   1.00 30.00 ? 429 VAL A CG1 1 
ATOM 827  C CG2 . VAL A 1 107 ? 2.255   -10.610 1.185   1.00 30.00 ? 429 VAL A CG2 1 
ATOM 828  N N   . SER A 1 108 ? 4.608   -11.278 -3.069  1.00 30.00 ? 430 SER A N   1 
ATOM 829  C CA  . SER A 1 108 ? 5.140   -12.075 -4.190  1.00 30.00 ? 430 SER A CA  1 
ATOM 830  C C   . SER A 1 108 ? 5.727   -13.396 -3.683  1.00 30.00 ? 430 SER A C   1 
ATOM 831  O O   . SER A 1 108 ? 6.718   -13.443 -2.961  1.00 30.00 ? 430 SER A O   1 
ATOM 832  C CB  . SER A 1 108 ? 6.229   -11.293 -4.921  1.00 30.00 ? 430 SER A CB  1 
ATOM 833  O OG  . SER A 1 108 ? 6.689   -12.056 -6.037  1.00 30.00 ? 430 SER A OG  1 
ATOM 834  N N   . THR A 1 109 ? 5.039   -14.464 -4.007  1.00 30.00 ? 431 THR A N   1 
ATOM 835  C CA  . THR A 1 109 ? 5.380   -15.843 -3.660  1.00 30.00 ? 431 THR A CA  1 
ATOM 836  C C   . THR A 1 109 ? 5.797   -16.601 -4.928  1.00 30.00 ? 431 THR A C   1 
ATOM 837  O O   . THR A 1 109 ? 5.385   -16.234 -6.029  1.00 30.00 ? 431 THR A O   1 
ATOM 838  C CB  . THR A 1 109 ? 4.189   -16.544 -2.984  1.00 30.00 ? 431 THR A CB  1 
ATOM 839  O OG1 . THR A 1 109 ? 3.088   -16.629 -3.897  1.00 30.00 ? 431 THR A OG1 1 
ATOM 840  C CG2 . THR A 1 109 ? 3.832   -15.853 -1.666  1.00 30.00 ? 431 THR A CG2 1 
ATOM 841  N N   . PRO A 1 110 ? 6.550   -17.691 -4.750  1.00 30.00 ? 432 PRO A N   1 
ATOM 842  C CA  . PRO A 1 110 ? 6.997   -18.570 -5.847  1.00 30.00 ? 432 PRO A CA  1 
ATOM 843  C C   . PRO A 1 110 ? 5.808   -18.959 -6.735  1.00 30.00 ? 432 PRO A C   1 
ATOM 844  O O   . PRO A 1 110 ? 5.927   -19.012 -7.954  1.00 30.00 ? 432 PRO A O   1 
ATOM 845  C CB  . PRO A 1 110 ? 7.537   -19.807 -5.131  1.00 30.00 ? 432 PRO A CB  1 
ATOM 846  C CG  . PRO A 1 110 ? 8.067   -19.250 -3.813  1.00 30.00 ? 432 PRO A CG  1 
ATOM 847  C CD  . PRO A 1 110 ? 7.047   -18.179 -3.448  1.00 30.00 ? 432 PRO A CD  1 
ATOM 848  N N   . ALA A 1 111 ? 4.663   -19.165 -6.076  1.00 30.00 ? 433 ALA A N   1 
ATOM 849  C CA  . ALA A 1 111 ? 3.373   -19.378 -6.739  1.00 30.00 ? 433 ALA A CA  1 
ATOM 850  C C   . ALA A 1 111 ? 3.083   -18.140 -7.580  1.00 30.00 ? 433 ALA A C   1 
ATOM 851  O O   . ALA A 1 111 ? 3.201   -18.275 -8.793  1.00 30.00 ? 433 ALA A O   1 
ATOM 852  C CB  . ALA A 1 111 ? 2.285   -19.617 -5.688  1.00 30.00 ? 433 ALA A CB  1 
ATOM 853  N N   . GLY A 1 112 ? 2.785   -17.046 -6.847  1.00 30.00 ? 434 GLY A N   1 
ATOM 854  C CA  . GLY A 1 112 ? 2.709   -15.672 -7.357  1.00 30.00 ? 434 GLY A CA  1 
ATOM 855  C C   . GLY A 1 112 ? 2.361   -14.558 -6.461  1.00 30.00 ? 434 GLY A C   1 
ATOM 856  O O   . GLY A 1 112 ? 3.144   -14.418 -5.568  1.00 30.00 ? 434 GLY A O   1 
ATOM 857  N N   . LEU A 1 113 ? 1.319   -13.795 -6.705  1.00 30.00 ? 435 LEU A N   1 
ATOM 858  C CA  . LEU A 1 113 ? 1.155   -12.571 -5.928  1.00 30.00 ? 435 LEU A CA  1 
ATOM 859  C C   . LEU A 1 113 ? -0.067  -12.641 -5.031  1.00 30.00 ? 435 LEU A C   1 
ATOM 860  O O   . LEU A 1 113 ? -1.176  -12.339 -5.433  1.00 30.00 ? 435 LEU A O   1 
ATOM 861  C CB  . LEU A 1 113 ? 1.052   -11.368 -6.869  1.00 30.00 ? 435 LEU A CB  1 
ATOM 862  C CG  . LEU A 1 113 ? 0.709   -10.096 -6.088  1.00 30.00 ? 435 LEU A CG  1 
ATOM 863  C CD1 . LEU A 1 113 ? 1.819   -9.767  -5.091  1.00 30.00 ? 435 LEU A CD1 1 
ATOM 864  C CD2 . LEU A 1 113 ? 0.435   -8.938  -7.041  1.00 30.00 ? 435 LEU A CD2 1 
ATOM 865  N N   . ILE A 1 114 ? 0.144   -12.834 -3.758  1.00 30.00 ? 436 ILE A N   1 
ATOM 866  C CA  . ILE A 1 114 ? -0.974  -12.847 -2.831  1.00 30.00 ? 436 ILE A CA  1 
ATOM 867  C C   . ILE A 1 114 ? -1.087  -11.535 -2.058  1.00 30.00 ? 436 ILE A C   1 
ATOM 868  O O   . ILE A 1 114 ? -0.074  -11.010 -1.641  1.00 30.00 ? 436 ILE A O   1 
ATOM 869  C CB  . ILE A 1 114 ? -0.850  -14.048 -1.892  1.00 30.00 ? 436 ILE A CB  1 
ATOM 870  C CG1 . ILE A 1 114 ? -2.035  -13.960 -0.958  1.00 30.00 ? 436 ILE A CG1 1 
ATOM 871  C CG2 . ILE A 1 114 ? 0.447   -14.053 -1.087  1.00 30.00 ? 436 ILE A CG2 1 
ATOM 872  C CD1 . ILE A 1 114 ? -3.279  -14.043 -1.820  1.00 30.00 ? 436 ILE A CD1 1 
ATOM 873  N N   . THR A 1 115 ? -2.314  -11.115 -1.784  1.00 30.00 ? 437 THR A N   1 
ATOM 874  C CA  . THR A 1 115 ? -2.584  -9.905  -1.005  1.00 30.00 ? 437 THR A CA  1 
ATOM 875  C C   . THR A 1 115 ? -3.455  -10.218 0.225   1.00 30.00 ? 437 THR A C   1 
ATOM 876  O O   . THR A 1 115 ? -4.687  -10.135 0.187   1.00 30.00 ? 437 THR A O   1 
ATOM 877  C CB  . THR A 1 115 ? -3.215  -8.856  -1.915  1.00 30.00 ? 437 THR A CB  1 
ATOM 878  O OG1 . THR A 1 115 ? -3.376  -7.665  -1.160  1.00 30.00 ? 437 THR A OG1 1 
ATOM 879  C CG2 . THR A 1 115 ? -4.530  -9.321  -2.561  1.00 30.00 ? 437 THR A CG2 1 
ATOM 880  N N   . PRO A 1 116 ? -2.817  -10.678 1.299   1.00 30.00 ? 438 PRO A N   1 
ATOM 881  C CA  . PRO A 1 116 ? -3.511  -10.965 2.560   1.00 30.00 ? 438 PRO A CA  1 
ATOM 882  C C   . PRO A 1 116 ? -4.053  -9.655  3.133   1.00 30.00 ? 438 PRO A C   1 
ATOM 883  O O   . PRO A 1 116 ? -3.453  -8.595  2.966   1.00 30.00 ? 438 PRO A O   1 
ATOM 884  C CB  . PRO A 1 116 ? -2.419  -11.572 3.431   1.00 30.00 ? 438 PRO A CB  1 
ATOM 885  C CG  . PRO A 1 116 ? -1.140  -10.886 2.953   1.00 30.00 ? 438 PRO A CG  1 
ATOM 886  C CD  . PRO A 1 116 ? -1.360  -10.836 1.450   1.00 30.00 ? 438 PRO A CD  1 
ATOM 887  N N   . ILE A 1 117 ? -5.173  -9.775  3.816   1.00 30.00 ? 439 ILE A N   1 
ATOM 888  C CA  . ILE A 1 117 ? -5.864  -8.612  4.388   1.00 30.00 ? 439 ILE A CA  1 
ATOM 889  C C   . ILE A 1 117 ? -5.828  -8.655  5.915   1.00 30.00 ? 439 ILE A C   1 
ATOM 890  O O   . ILE A 1 117 ? -5.923  -9.714  6.530   1.00 30.00 ? 439 ILE A O   1 
ATOM 891  C CB  . ILE A 1 117 ? -7.305  -8.559  3.851   1.00 30.00 ? 439 ILE A CB  1 
ATOM 892  C CG1 . ILE A 1 117 ? -8.191  -7.506  4.488   1.00 30.00 ? 439 ILE A CG1 1 
ATOM 893  C CG2 . ILE A 1 117 ? -7.987  -9.881  4.019   1.00 30.00 ? 439 ILE A CG2 1 
ATOM 894  C CD1 . ILE A 1 117 ? -7.603  -6.207  4.045   1.00 30.00 ? 439 ILE A CD1 1 
ATOM 895  N N   . VAL A 1 118 ? -5.750  -7.469  6.485   1.00 30.00 ? 440 VAL A N   1 
ATOM 896  C CA  . VAL A 1 118 ? -5.704  -7.314  7.941   1.00 30.00 ? 440 VAL A CA  1 
ATOM 897  C C   . VAL A 1 118 ? -6.889  -6.447  8.314   1.00 30.00 ? 440 VAL A C   1 
ATOM 898  O O   . VAL A 1 118 ? -6.886  -5.357  7.778   1.00 30.00 ? 440 VAL A O   1 
ATOM 899  C CB  . VAL A 1 118 ? -4.391  -6.621  8.347   1.00 30.00 ? 440 VAL A CB  1 
ATOM 900  C CG1 . VAL A 1 118 ? -4.092  -5.273  7.664   1.00 30.00 ? 440 VAL A CG1 1 
ATOM 901  C CG2 . VAL A 1 118 ? -4.390  -6.458  9.867   1.00 30.00 ? 440 VAL A CG2 1 
ATOM 902  N N   . PHE A 1 119 ? -7.916  -7.021  8.914   1.00 30.00 ? 441 PHE A N   1 
ATOM 903  C CA  . PHE A 1 119 ? -9.127  -6.391  9.481   1.00 30.00 ? 441 PHE A CA  1 
ATOM 904  C C   . PHE A 1 119 ? -9.010  -4.870  9.499   1.00 30.00 ? 441 PHE A C   1 
ATOM 905  O O   . PHE A 1 119 ? -8.750  -4.236  8.490   1.00 30.00 ? 441 PHE A O   1 
ATOM 906  C CB  . PHE A 1 119 ? -9.368  -6.899  10.910  1.00 30.00 ? 441 PHE A CB  1 
ATOM 907  C CG  . PHE A 1 119 ? -9.688  -8.372  11.005  1.00 30.00 ? 441 PHE A CG  1 
ATOM 908  C CD1 . PHE A 1 119 ? -9.019  -9.288  10.213  1.00 30.00 ? 441 PHE A CD1 1 
ATOM 909  C CD2 . PHE A 1 119 ? -10.664 -8.794  11.890  1.00 30.00 ? 441 PHE A CD2 1 
ATOM 910  C CE1 . PHE A 1 119 ? -9.304  -10.622 10.279  1.00 30.00 ? 441 PHE A CE1 1 
ATOM 911  C CE2 . PHE A 1 119 ? -10.959 -10.146 11.957  1.00 30.00 ? 441 PHE A CE2 1 
ATOM 912  C CZ  . PHE A 1 119 ? -10.286 -11.054 11.150  1.00 30.00 ? 441 PHE A CZ  1 
ATOM 913  N N   . ASN A 1 120 ? -9.413  -4.274  10.606  1.00 30.00 ? 442 ASN A N   1 
ATOM 914  C CA  . ASN A 1 120 ? -9.285  -2.859  10.915  1.00 30.00 ? 442 ASN A CA  1 
ATOM 915  C C   . ASN A 1 120 ? -10.445 -2.086  10.349  1.00 30.00 ? 442 ASN A C   1 
ATOM 916  O O   . ASN A 1 120 ? -10.750 -2.179  9.190   1.00 30.00 ? 442 ASN A O   1 
ATOM 917  C CB  . ASN A 1 120 ? -8.010  -2.320  10.340  1.00 30.00 ? 442 ASN A CB  1 
ATOM 918  C CG  . ASN A 1 120 ? -6.810  -3.180  10.738  1.00 30.00 ? 442 ASN A CG  1 
ATOM 919  O OD1 . ASN A 1 120 ? -6.345  -3.062  11.848  1.00 30.00 ? 442 ASN A OD1 1 
ATOM 920  N ND2 . ASN A 1 120 ? -6.210  -3.954  9.859   1.00 30.00 ? 442 ASN A ND2 1 
ATOM 921  N N   . ALA A 1 121 ? -11.249 -1.622  11.275  1.00 30.00 ? 443 ALA A N   1 
ATOM 922  C CA  . ALA A 1 121 ? -12.445 -0.819  11.013  1.00 30.00 ? 443 ALA A CA  1 
ATOM 923  C C   . ALA A 1 121 ? -12.165 0.663   10.955  1.00 30.00 ? 443 ALA A C   1 
ATOM 924  O O   . ALA A 1 121 ? -12.938 1.424   10.383  1.00 30.00 ? 443 ALA A O   1 
ATOM 925  C CB  . ALA A 1 121 ? -13.570 -1.194  11.982  1.00 30.00 ? 443 ALA A CB  1 
ATOM 926  N N   . HIS A 1 122 ? -11.124 0.992   11.702  1.00 30.00 ? 444 HIS A N   1 
ATOM 927  C CA  . HIS A 1 122 ? -10.687 2.378   11.918  1.00 30.00 ? 444 HIS A CA  1 
ATOM 928  C C   . HIS A 1 122 ? -9.610  2.450   13.005  1.00 30.00 ? 444 HIS A C   1 
ATOM 929  O O   . HIS A 1 122 ? -9.477  3.455   13.696  1.00 30.00 ? 444 HIS A O   1 
ATOM 930  C CB  . HIS A 1 122 ? -11.897 3.234   12.331  1.00 30.00 ? 444 HIS A CB  1 
ATOM 931  C CG  . HIS A 1 122 ? -12.648 2.625   13.513  1.00 30.00 ? 444 HIS A CG  1 
ATOM 932  N ND1 . HIS A 1 122 ? -13.617 1.713   13.453  1.00 30.00 ? 444 HIS A ND1 1 
ATOM 933  C CD2 . HIS A 1 122 ? -12.382 2.878   14.786  1.00 30.00 ? 444 HIS A CD2 1 
ATOM 934  C CE1 . HIS A 1 122 ? -13.942 1.399   14.701  1.00 30.00 ? 444 HIS A CE1 1 
ATOM 935  N NE2 . HIS A 1 122 ? -13.176 2.111   15.520  1.00 30.00 ? 444 HIS A NE2 1 
ATOM 936  N N   . ILE A 1 123 ? -8.864  1.363   13.159  1.00 30.00 ? 445 ILE A N   1 
ATOM 937  C CA  . ILE A 1 123 ? -7.865  1.263   14.233  1.00 30.00 ? 445 ILE A CA  1 
ATOM 938  C C   . ILE A 1 123 ? -6.820  0.216   13.881  1.00 30.00 ? 445 ILE A C   1 
ATOM 939  O O   . ILE A 1 123 ? -7.209  -0.807  13.321  1.00 30.00 ? 445 ILE A O   1 
ATOM 940  C CB  . ILE A 1 123 ? -8.552  0.862   15.554  1.00 30.00 ? 445 ILE A CB  1 
ATOM 941  C CG1 . ILE A 1 123 ? -7.555  0.841   16.721  1.00 30.00 ? 445 ILE A CG1 1 
ATOM 942  C CG2 . ILE A 1 123 ? -9.301  -0.481  15.449  1.00 30.00 ? 445 ILE A CG2 1 
ATOM 943  C CD1 . ILE A 1 123 ? -6.890  2.206   16.942  1.00 30.00 ? 445 ILE A CD1 1 
ATOM 944  N N   . LYS A 1 124 ? -5.588  0.456   14.335  1.00 30.00 ? 446 LYS A N   1 
ATOM 945  C CA  . LYS A 1 124 ? -4.461  -0.468  14.118  1.00 30.00 ? 446 LYS A CA  1 
ATOM 946  C C   . LYS A 1 124 ? -3.256  -0.063  14.980  1.00 30.00 ? 446 LYS A C   1 
ATOM 947  O O   . LYS A 1 124 ? -2.424  0.752   14.601  1.00 30.00 ? 446 LYS A O   1 
ATOM 948  C CB  . LYS A 1 124 ? -3.996  -0.463  12.657  1.00 30.00 ? 446 LYS A CB  1 
ATOM 949  C CG  . LYS A 1 124 ? -5.062  -0.482  11.574  1.00 30.00 ? 446 LYS A CG  1 
ATOM 950  C CD  . LYS A 1 124 ? -4.594  -1.046  10.256  1.00 30.00 ? 446 LYS A CD  1 
ATOM 951  C CE  . LYS A 1 124 ? -5.617  -0.812  9.145   1.00 30.00 ? 446 LYS A CE  1 
ATOM 952  N NZ  . LYS A 1 124 ? -5.601  -1.950  8.211   1.00 30.00 ? 446 LYS A NZ  1 
ATOM 953  N N   . GLY A 1 125 ? -3.210  -0.607  16.200  1.00 30.00 ? 447 GLY A N   1 
ATOM 954  C CA  . GLY A 1 125 ? -2.046  -0.444  17.098  1.00 30.00 ? 447 GLY A CA  1 
ATOM 955  C C   . GLY A 1 125 ? -0.770  -0.980  16.428  1.00 30.00 ? 447 GLY A C   1 
ATOM 956  O O   . GLY A 1 125 ? -0.813  -1.778  15.491  1.00 30.00 ? 447 GLY A O   1 
ATOM 957  N N   . VAL A 1 126 ? 0.367   -0.631  17.013  1.00 30.00 ? 448 VAL A N   1 
ATOM 958  C CA  . VAL A 1 126 ? 1.686   -1.081  16.525  1.00 30.00 ? 448 VAL A CA  1 
ATOM 959  C C   . VAL A 1 126 ? 1.790   -2.608  16.570  1.00 30.00 ? 448 VAL A C   1 
ATOM 960  O O   . VAL A 1 126 ? 2.352   -3.237  15.686  1.00 30.00 ? 448 VAL A O   1 
ATOM 961  C CB  . VAL A 1 126 ? 2.828   -0.459  17.338  1.00 30.00 ? 448 VAL A CB  1 
ATOM 962  C CG1 . VAL A 1 126 ? 4.202   -0.924  16.841  1.00 30.00 ? 448 VAL A CG1 1 
ATOM 963  C CG2 . VAL A 1 126 ? 2.761   1.072   17.280  1.00 30.00 ? 448 VAL A CG2 1 
ATOM 964  N N   . GLU A 1 127 ? 1.238   -3.181  17.624  1.00 30.00 ? 449 GLU A N   1 
ATOM 965  C CA  . GLU A 1 127 ? 1.278   -4.628  17.834  1.00 30.00 ? 449 GLU A CA  1 
ATOM 966  C C   . GLU A 1 127 ? 0.330   -5.325  16.877  1.00 30.00 ? 449 GLU A C   1 
ATOM 967  O O   . GLU A 1 127 ? 0.683   -6.360  16.394  1.00 30.00 ? 449 GLU A O   1 
ATOM 968  C CB  . GLU A 1 127 ? 0.907   -4.985  19.270  1.00 30.00 ? 449 GLU A CB  1 
ATOM 969  C CG  . GLU A 1 127 ? -0.497  -4.498  19.643  1.00 30.00 ? 449 GLU A CG  1 
ATOM 970  C CD  . GLU A 1 127 ? -0.860  -4.912  21.059  1.00 30.00 ? 449 GLU A CD  1 
ATOM 971  O OE1 . GLU A 1 127 ? -0.525  -4.114  21.956  1.00 30.00 ? 449 GLU A OE1 1 
ATOM 972  O OE2 . GLU A 1 127 ? -1.461  -5.997  21.187  1.00 30.00 ? 449 GLU A OE2 1 
ATOM 973  N N   . THR A 1 128 ? -0.826  -4.750  16.595  1.00 30.00 ? 450 THR A N   1 
ATOM 974  C CA  . THR A 1 128 ? -1.836  -5.355  15.706  1.00 30.00 ? 450 THR A CA  1 
ATOM 975  C C   . THR A 1 128 ? -1.360  -5.337  14.252  1.00 30.00 ? 450 THR A C   1 
ATOM 976  O O   . THR A 1 128 ? -1.442  -6.339  13.543  1.00 30.00 ? 450 THR A O   1 
ATOM 977  C CB  . THR A 1 128 ? -3.161  -4.598  15.807  1.00 30.00 ? 450 THR A CB  1 
ATOM 978  O OG1 . THR A 1 128 ? -2.955  -3.238  15.445  1.00 30.00 ? 450 THR A OG1 1 
ATOM 979  C CG2 . THR A 1 128 ? -3.742  -4.663  17.221  1.00 30.00 ? 450 THR A CG2 1 
ATOM 980  N N   . ILE A 1 129 ? -0.756  -4.210  13.884  1.00 30.00 ? 451 ILE A N   1 
ATOM 981  C CA  . ILE A 1 129 ? -0.194  -4.026  12.546  1.00 30.00 ? 451 ILE A CA  1 
ATOM 982  C C   . ILE A 1 129 ? 0.994   -4.969  12.426  1.00 30.00 ? 451 ILE A C   1 
ATOM 983  O O   . ILE A 1 129 ? 1.082   -5.707  11.470  1.00 30.00 ? 451 ILE A O   1 
ATOM 984  C CB  . ILE A 1 129 ? 0.222   -2.570  12.298  1.00 30.00 ? 451 ILE A CB  1 
ATOM 985  C CG1 . ILE A 1 129 ? 1.232   -2.069  13.330  1.00 30.00 ? 451 ILE A CG1 1 
ATOM 986  C CG2 . ILE A 1 129 ? -1.020  -1.691  12.281  1.00 30.00 ? 451 ILE A CG2 1 
ATOM 987  C CD1 . ILE A 1 129 ? 1.686   -0.611  13.206  1.00 30.00 ? 451 ILE A CD1 1 
ATOM 988  N N   . ALA A 1 130 ? 1.833   -5.030  13.452  1.00 30.00 ? 452 ALA A N   1 
ATOM 989  C CA  . ALA A 1 130 ? 3.061   -5.839  13.457  1.00 30.00 ? 452 ALA A CA  1 
ATOM 990  C C   . ALA A 1 130 ? 2.763   -7.323  13.695  1.00 30.00 ? 452 ALA A C   1 
ATOM 991  O O   . ALA A 1 130 ? 3.440   -8.204  13.174  1.00 30.00 ? 452 ALA A O   1 
ATOM 992  C CB  . ALA A 1 130 ? 3.972   -5.284  14.543  1.00 30.00 ? 452 ALA A CB  1 
ATOM 993  N N   . ASN A 1 131 ? 1.643   -7.572  14.358  1.00 30.00 ? 453 ASN A N   1 
ATOM 994  C CA  . ASN A 1 131 ? 1.196   -8.925  14.722  1.00 30.00 ? 453 ASN A CA  1 
ATOM 995  C C   . ASN A 1 131 ? 0.789   -9.698  13.470  1.00 30.00 ? 453 ASN A C   1 
ATOM 996  O O   . ASN A 1 131 ? 0.660   -10.915 13.484  1.00 30.00 ? 453 ASN A O   1 
ATOM 997  C CB  . ASN A 1 131 ? 0.001   -8.900  15.680  1.00 30.00 ? 453 ASN A CB  1 
ATOM 998  C CG  . ASN A 1 131 ? -0.375  -10.273 16.206  1.00 30.00 ? 453 ASN A CG  1 
ATOM 999  O OD1 . ASN A 1 131 ? 0.431   -11.190 16.255  1.00 30.00 ? 453 ASN A OD1 1 
ATOM 1000 N ND2 . ASN A 1 131 ? -1.632  -10.402 16.561  1.00 30.00 ? 453 ASN A ND2 1 
ATOM 1001 N N   . ASP A 1 132 ? 0.558   -8.956  12.395  1.00 30.00 ? 454 ASP A N   1 
ATOM 1002 C CA  . ASP A 1 132 ? 0.163   -9.555  11.122  1.00 30.00 ? 454 ASP A CA  1 
ATOM 1003 C C   . ASP A 1 132 ? 1.327   -9.556  10.133  1.00 30.00 ? 454 ASP A C   1 
ATOM 1004 O O   . ASP A 1 132 ? 1.283   -10.278 9.166   1.00 30.00 ? 454 ASP A O   1 
ATOM 1005 C CB  . ASP A 1 132 ? -1.067  -8.832  10.570  1.00 30.00 ? 454 ASP A CB  1 
ATOM 1006 C CG  . ASP A 1 132 ? -0.796  -7.359  10.255  1.00 30.00 ? 454 ASP A CG  1 
ATOM 1007 O OD1 . ASP A 1 132 ? 0.294   -7.086  9.728   1.00 30.00 ? 454 ASP A OD1 1 
ATOM 1008 O OD2 . ASP A 1 132 ? -1.676  -6.532  10.525  1.00 30.00 ? 454 ASP A OD2 1 
ATOM 1009 N N   . VAL A 1 133 ? 2.366   -8.771  10.362  1.00 30.00 ? 455 VAL A N   1 
ATOM 1010 C CA  . VAL A 1 133 ? 3.552   -8.778  9.481   1.00 30.00 ? 455 VAL A CA  1 
ATOM 1011 C C   . VAL A 1 133 ? 4.186   -10.154 9.516   1.00 30.00 ? 455 VAL A C   1 
ATOM 1012 O O   . VAL A 1 133 ? 4.494   -10.718 8.473   1.00 30.00 ? 455 VAL A O   1 
ATOM 1013 C CB  . VAL A 1 133 ? 4.595   -7.784  9.961   1.00 30.00 ? 455 VAL A CB  1 
ATOM 1014 C CG1 . VAL A 1 133 ? 5.881   -7.771  9.132   1.00 30.00 ? 455 VAL A CG1 1 
ATOM 1015 C CG2 . VAL A 1 133 ? 3.969   -6.478  9.623   1.00 30.00 ? 455 VAL A CG2 1 
ATOM 1016 N N   . VAL A 1 134 ? 4.366   -10.640 10.737  1.00 30.00 ? 456 VAL A N   1 
ATOM 1017 C CA  . VAL A 1 134 ? 4.913   -11.984 10.964  1.00 30.00 ? 456 VAL A CA  1 
ATOM 1018 C C   . VAL A 1 134 ? 3.905   -13.049 10.506  1.00 30.00 ? 456 VAL A C   1 
ATOM 1019 O O   . VAL A 1 134 ? 4.284   -14.057 9.925   1.00 30.00 ? 456 VAL A O   1 
ATOM 1020 C CB  . VAL A 1 134 ? 5.273   -12.156 12.448  1.00 30.00 ? 456 VAL A CB  1 
ATOM 1021 C CG1 . VAL A 1 134 ? 4.060   -12.005 13.381  1.00 30.00 ? 456 VAL A CG1 1 
ATOM 1022 C CG2 . VAL A 1 134 ? 5.976   -13.498 12.679  1.00 30.00 ? 456 VAL A CG2 1 
ATOM 1023 N N   . SER A 1 135 ? 2.633   -12.782 10.784  1.00 30.00 ? 457 SER A N   1 
ATOM 1024 C CA  . SER A 1 135 ? 1.538   -13.712 10.472  1.00 30.00 ? 457 SER A CA  1 
ATOM 1025 C C   . SER A 1 135 ? 1.373   -13.848 8.957   1.00 30.00 ? 457 SER A C   1 
ATOM 1026 O O   . SER A 1 135 ? 1.368   -14.936 8.400   1.00 30.00 ? 457 SER A O   1 
ATOM 1027 C CB  . SER A 1 135 ? 0.237   -13.199 11.087  1.00 30.00 ? 457 SER A CB  1 
ATOM 1028 O OG  . SER A 1 135 ? -0.817  -14.101 10.763  1.00 30.00 ? 457 SER A OG  1 
ATOM 1029 N N   . LEU A 1 136 ? 1.344   -12.712 8.279   1.00 30.00 ? 458 LEU A N   1 
ATOM 1030 C CA  . LEU A 1 136 ? 1.216   -12.651 6.815   1.00 30.00 ? 458 LEU A CA  1 
ATOM 1031 C C   . LEU A 1 136 ? 2.455   -13.223 6.141   1.00 30.00 ? 458 LEU A C   1 
ATOM 1032 O O   . LEU A 1 136 ? 2.360   -13.886 5.117   1.00 30.00 ? 458 LEU A O   1 
ATOM 1033 C CB  . LEU A 1 136 ? 0.996   -11.209 6.342   1.00 30.00 ? 458 LEU A CB  1 
ATOM 1034 C CG  . LEU A 1 136 ? -0.270  -10.585 6.944   1.00 30.00 ? 458 LEU A CG  1 
ATOM 1035 C CD1 . LEU A 1 136 ? -0.420  -9.127  6.511   1.00 30.00 ? 458 LEU A CD1 1 
ATOM 1036 C CD2 . LEU A 1 136 ? -1.525  -11.410 6.678   1.00 30.00 ? 458 LEU A CD2 1 
ATOM 1037 N N   . ALA A 1 137 ? 3.605   -13.010 6.775   1.00 30.00 ? 459 ALA A N   1 
ATOM 1038 C CA  . ALA A 1 137 ? 4.891   -13.504 6.263   1.00 30.00 ? 459 ALA A CA  1 
ATOM 1039 C C   . ALA A 1 137 ? 4.954   -15.035 6.302   1.00 30.00 ? 459 ALA A C   1 
ATOM 1040 O O   . ALA A 1 137 ? 5.330   -15.680 5.326   1.00 30.00 ? 459 ALA A O   1 
ATOM 1041 C CB  . ALA A 1 137 ? 6.036   -12.930 7.097   1.00 30.00 ? 459 ALA A CB  1 
ATOM 1042 N N   . THR A 1 138 ? 4.498   -15.601 7.413   1.00 30.00 ? 460 THR A N   1 
ATOM 1043 C CA  . THR A 1 138 ? 4.512   -17.059 7.623   1.00 30.00 ? 460 THR A CA  1 
ATOM 1044 C C   . THR A 1 138 ? 3.514   -17.756 6.699   1.00 30.00 ? 460 THR A C   1 
ATOM 1045 O O   . THR A 1 138 ? 3.848   -18.738 6.034   1.00 30.00 ? 460 THR A O   1 
ATOM 1046 C CB  . THR A 1 138 ? 4.162   -17.416 9.070   1.00 30.00 ? 460 THR A CB  1 
ATOM 1047 O OG1 . THR A 1 138 ? 2.866   -16.911 9.380   1.00 30.00 ? 460 THR A OG1 1 
ATOM 1048 C CG2 . THR A 1 138 ? 5.215   -16.882 10.044  1.00 30.00 ? 460 THR A CG2 1 
ATOM 1049 N N   . LYS A 1 139 ? 2.336   -17.143 6.580   1.00 30.00 ? 461 LYS A N   1 
ATOM 1050 C CA  . LYS A 1 139 ? 1.290   -17.654 5.696   1.00 30.00 ? 461 LYS A CA  1 
ATOM 1051 C C   . LYS A 1 139 ? 1.856   -17.657 4.280   1.00 30.00 ? 461 LYS A C   1 
ATOM 1052 O O   . LYS A 1 139 ? 1.679   -18.668 3.604   1.00 30.00 ? 461 LYS A O   1 
ATOM 1053 C CB  . LYS A 1 139 ? 0.024   -16.802 5.793   1.00 30.00 ? 461 LYS A CB  1 
ATOM 1054 C CG  . LYS A 1 139 ? -0.601  -16.869 7.182   1.00 30.00 ? 461 LYS A CG  1 
ATOM 1055 C CD  . LYS A 1 139 ? -1.865  -16.016 7.247   1.00 30.00 ? 461 LYS A CD  1 
ATOM 1056 C CE  . LYS A 1 139 ? -2.484  -16.102 8.643   1.00 30.00 ? 461 LYS A CE  1 
ATOM 1057 N NZ  . LYS A 1 139 ? -3.727  -15.320 8.718   1.00 30.00 ? 461 LYS A NZ  1 
ATOM 1058 N N   . ALA A 1 140 ? 2.686   -16.646 3.968   1.00 30.00 ? 462 ALA A N   1 
ATOM 1059 C CA  . ALA A 1 140 ? 3.283   -16.393 2.639   1.00 30.00 ? 462 ALA A CA  1 
ATOM 1060 C C   . ALA A 1 140 ? 4.143   -17.530 2.163   1.00 30.00 ? 462 ALA A C   1 
ATOM 1061 O O   . ALA A 1 140 ? 3.999   -18.034 1.052   1.00 30.00 ? 462 ALA A O   1 
ATOM 1062 C CB  . ALA A 1 140 ? 4.036   -15.072 2.590   1.00 30.00 ? 462 ALA A CB  1 
ATOM 1063 N N   . ARG A 1 141 ? 4.914   -17.974 3.137   1.00 30.00 ? 463 ARG A N   1 
ATOM 1064 C CA  . ARG A 1 141 ? 5.836   -19.089 2.941   1.00 30.00 ? 463 ARG A CA  1 
ATOM 1065 C C   . ARG A 1 141 ? 5.083   -20.416 2.823   1.00 30.00 ? 463 ARG A C   1 
ATOM 1066 O O   . ARG A 1 141 ? 5.570   -21.354 2.200   1.00 30.00 ? 463 ARG A O   1 
ATOM 1067 C CB  . ARG A 1 141 ? 6.827   -19.144 4.099   1.00 30.00 ? 463 ARG A CB  1 
ATOM 1068 C CG  . ARG A 1 141 ? 7.700   -17.892 4.137   1.00 30.00 ? 463 ARG A CG  1 
ATOM 1069 C CD  . ARG A 1 141 ? 8.783   -18.036 5.205   1.00 30.00 ? 463 ARG A CD  1 
ATOM 1070 N NE  . ARG A 1 141 ? 9.651   -16.844 5.198   1.00 30.00 ? 463 ARG A NE  1 
ATOM 1071 C CZ  . ARG A 1 141 ? 9.347   -15.647 5.707   1.00 30.00 ? 463 ARG A CZ  1 
ATOM 1072 N NH1 . ARG A 1 141 ? 8.180   -15.439 6.310   1.00 30.00 ? 463 ARG A NH1 1 
ATOM 1073 N NH2 . ARG A 1 141 ? 10.215  -14.646 5.624   1.00 30.00 ? 463 ARG A NH2 1 
ATOM 1074 N N   . GLU A 1 142 ? 3.882   -20.446 3.392   1.00 30.00 ? 464 GLU A N   1 
ATOM 1075 C CA  . GLU A 1 142 ? 3.047   -21.650 3.425   1.00 30.00 ? 464 GLU A CA  1 
ATOM 1076 C C   . GLU A 1 142 ? 1.917   -21.637 2.402   1.00 30.00 ? 464 GLU A C   1 
ATOM 1077 O O   . GLU A 1 142 ? 1.006   -22.462 2.476   1.00 30.00 ? 464 GLU A O   1 
ATOM 1078 C CB  . GLU A 1 142 ? 2.496   -21.841 4.845   1.00 30.00 ? 464 GLU A CB  1 
ATOM 1079 C CG  . GLU A 1 142 ? 3.631   -22.030 5.860   1.00 30.00 ? 464 GLU A CG  1 
ATOM 1080 C CD  . GLU A 1 142 ? 4.493   -23.269 5.582   1.00 30.00 ? 464 GLU A CD  1 
ATOM 1081 O OE1 . GLU A 1 142 ? 4.602   -23.704 4.414   1.00 30.00 ? 464 GLU A OE1 1 
ATOM 1082 O OE2 . GLU A 1 142 ? 5.034   -23.795 6.576   1.00 30.00 ? 464 GLU A OE2 1 
ATOM 1083 N N   . GLY A 1 143 ? 1.989   -20.654 1.490   1.00 30.00 ? 465 GLY A N   1 
ATOM 1084 C CA  . GLY A 1 143 ? 0.993   -20.509 0.415   1.00 30.00 ? 465 GLY A CA  1 
ATOM 1085 C C   . GLY A 1 143 ? -0.437  -20.584 0.976   1.00 30.00 ? 465 GLY A C   1 
ATOM 1086 O O   . GLY A 1 143 ? -1.342  -21.077 0.311   1.00 30.00 ? 465 GLY A O   1 
ATOM 1087 N N   . LYS A 1 144 ? -0.604  -20.083 2.202   1.00 30.00 ? 466 LYS A N   1 
ATOM 1088 C CA  . LYS A 1 144 ? -1.907  -20.062 2.890   1.00 30.00 ? 466 LYS A CA  1 
ATOM 1089 C C   . LYS A 1 144 ? -2.457  -18.625 2.873   1.00 30.00 ? 466 LYS A C   1 
ATOM 1090 O O   . LYS A 1 144 ? -3.106  -18.119 3.786   1.00 30.00 ? 466 LYS A O   1 
ATOM 1091 C CB  . LYS A 1 144 ? -1.727  -20.570 4.326   1.00 30.00 ? 466 LYS A CB  1 
ATOM 1092 C CG  . LYS A 1 144 ? -3.071  -20.626 5.057   1.00 30.00 ? 466 LYS A CG  1 
ATOM 1093 C CD  . LYS A 1 144 ? -2.925  -21.019 6.520   1.00 30.00 ? 466 LYS A CD  1 
ATOM 1094 C CE  . LYS A 1 144 ? -4.292  -21.010 7.211   1.00 30.00 ? 466 LYS A CE  1 
ATOM 1095 N NZ  . LYS A 1 144 ? -5.241  -21.914 6.542   1.00 30.00 ? 466 LYS A NZ  1 
ATOM 1096 N N   . LEU A 1 145 ? -2.185  -17.944 1.781   1.00 30.00 ? 467 LEU A N   1 
ATOM 1097 C CA  . LEU A 1 145 ? -2.526  -16.523 1.692   1.00 30.00 ? 467 LEU A CA  1 
ATOM 1098 C C   . LEU A 1 145 ? -3.277  -16.368 0.389   1.00 30.00 ? 467 LEU A C   1 
ATOM 1099 O O   . LEU A 1 145 ? -2.757  -16.683 -0.680  1.00 30.00 ? 467 LEU A O   1 
ATOM 1100 C CB  . LEU A 1 145 ? -1.314  -15.606 1.682   1.00 30.00 ? 467 LEU A CB  1 
ATOM 1101 C CG  . LEU A 1 145 ? -0.176  -16.087 2.504   1.00 30.00 ? 467 LEU A CG  1 
ATOM 1102 C CD1 . LEU A 1 145 ? 0.530   -17.073 1.565   1.00 30.00 ? 467 LEU A CD1 1 
ATOM 1103 C CD2 . LEU A 1 145 ? 0.555   -14.817 2.933   1.00 30.00 ? 467 LEU A CD2 1 
ATOM 1104 N N   . GLN A 1 146 ? -4.516  -15.935 0.557   1.00 30.00 ? 468 GLN A N   1 
ATOM 1105 C CA  . GLN A 1 146 ? -5.466  -15.694 -0.534  1.00 30.00 ? 468 GLN A CA  1 
ATOM 1106 C C   . GLN A 1 146 ? -6.589  -14.843 0.031   1.00 30.00 ? 468 GLN A C   1 
ATOM 1107 O O   . GLN A 1 146 ? -7.228  -15.239 1.007   1.00 30.00 ? 468 GLN A O   1 
ATOM 1108 C CB  . GLN A 1 146 ? -5.962  -16.910 -1.332  1.00 30.00 ? 468 GLN A CB  1 
ATOM 1109 C CG  . GLN A 1 146 ? -6.873  -17.823 -0.528  1.00 30.00 ? 468 GLN A CG  1 
ATOM 1110 C CD  . GLN A 1 146 ? -6.151  -18.646 0.545   1.00 30.00 ? 468 GLN A CD  1 
ATOM 1111 O OE1 . GLN A 1 146 ? -5.187  -18.324 1.209   1.00 30.00 ? 468 GLN A OE1 1 
ATOM 1112 N NE2 . GLN A 1 146 ? -6.648  -19.825 0.759   1.00 30.00 ? 468 GLN A NE2 1 
ATOM 1113 N N   . PRO A 1 147 ? -6.810  -13.691 -0.612  1.00 30.00 ? 469 PRO A N   1 
ATOM 1114 C CA  . PRO A 1 147 ? -7.823  -12.734 -0.181  1.00 30.00 ? 469 PRO A CA  1 
ATOM 1115 C C   . PRO A 1 147 ? -9.189  -13.393 -0.285  1.00 30.00 ? 469 PRO A C   1 
ATOM 1116 O O   . PRO A 1 147 ? -10.038 -13.077 0.496   1.00 30.00 ? 469 PRO A O   1 
ATOM 1117 C CB  . PRO A 1 147 ? -7.708  -11.564 -1.155  1.00 30.00 ? 469 PRO A CB  1 
ATOM 1118 C CG  . PRO A 1 147 ? -7.242  -12.212 -2.456  1.00 30.00 ? 469 PRO A CG  1 
ATOM 1119 C CD  . PRO A 1 147 ? -6.333  -13.321 -1.957  1.00 30.00 ? 469 PRO A CD  1 
ATOM 1120 N N   . HIS A 1 148 ? -9.369  -14.390 -1.136  1.00 30.00 ? 470 HIS A N   1 
ATOM 1121 C CA  . HIS A 1 148 ? -10.657 -15.082 -1.317  1.00 30.00 ? 470 HIS A CA  1 
ATOM 1122 C C   . HIS A 1 148 ? -11.157 -15.733 -0.021  1.00 30.00 ? 470 HIS A C   1 
ATOM 1123 O O   . HIS A 1 148 ? -12.343 -15.663 0.284   1.00 30.00 ? 470 HIS A O   1 
ATOM 1124 C CB  . HIS A 1 148 ? -10.500 -16.130 -2.411  1.00 30.00 ? 470 HIS A CB  1 
ATOM 1125 C CG  . HIS A 1 148 ? -11.837 -16.804 -2.714  1.00 30.00 ? 470 HIS A CG  1 
ATOM 1126 N ND1 . HIS A 1 148 ? -12.774 -16.334 -3.531  1.00 30.00 ? 470 HIS A ND1 1 
ATOM 1127 C CD2 . HIS A 1 148 ? -12.241 -17.984 -2.251  1.00 30.00 ? 470 HIS A CD2 1 
ATOM 1128 C CE1 . HIS A 1 148 ? -13.756 -17.229 -3.583  1.00 30.00 ? 470 HIS A CE1 1 
ATOM 1129 N NE2 . HIS A 1 148 ? -13.422 -18.247 -2.796  1.00 30.00 ? 470 HIS A NE2 1 
ATOM 1130 N N   . GLU A 1 149 ? -10.220 -16.294 0.734   1.00 30.00 ? 471 GLU A N   1 
ATOM 1131 C CA  . GLU A 1 149 ? -10.532 -16.939 2.018   1.00 30.00 ? 471 GLU A CA  1 
ATOM 1132 C C   . GLU A 1 149 ? -10.848 -15.963 3.142   1.00 30.00 ? 471 GLU A C   1 
ATOM 1133 O O   . GLU A 1 149 ? -10.802 -16.360 4.304   1.00 30.00 ? 471 GLU A O   1 
ATOM 1134 C CB  . GLU A 1 149 ? -9.358  -17.808 2.451   1.00 30.00 ? 471 GLU A CB  1 
ATOM 1135 C CG  . GLU A 1 149 ? -9.269  -19.015 1.532   1.00 30.00 ? 471 GLU A CG  1 
ATOM 1136 C CD  . GLU A 1 149 ? -10.469 -19.940 1.532   1.00 30.00 ? 471 GLU A CD  1 
ATOM 1137 O OE1 . GLU A 1 149 ? -11.131 -19.999 2.586   1.00 30.00 ? 471 GLU A OE1 1 
ATOM 1138 O OE2 . GLU A 1 149 ? -10.669 -20.563 0.468   1.00 30.00 ? 471 GLU A OE2 1 
ATOM 1139 N N   . PHE A 1 150 ? -11.164 -14.723 2.775   1.00 30.00 ? 472 PHE A N   1 
ATOM 1140 C CA  . PHE A 1 150 ? -11.441 -13.657 3.747   1.00 30.00 ? 472 PHE A CA  1 
ATOM 1141 C C   . PHE A 1 150 ? -11.352 -12.314 3.036   1.00 30.00 ? 472 PHE A C   1 
ATOM 1142 O O   . PHE A 1 150 ? -10.762 -11.416 3.584   1.00 30.00 ? 472 PHE A O   1 
ATOM 1143 C CB  . PHE A 1 150 ? -10.397 -13.693 4.886   1.00 30.00 ? 472 PHE A CB  1 
ATOM 1144 C CG  . PHE A 1 150 ? -10.679 -12.705 6.004   1.00 30.00 ? 472 PHE A CG  1 
ATOM 1145 C CD1 . PHE A 1 150 ? -11.590 -12.971 6.990   1.00 30.00 ? 472 PHE A CD1 1 
ATOM 1146 C CD2 . PHE A 1 150 ? -9.982  -11.524 6.021   1.00 30.00 ? 472 PHE A CD2 1 
ATOM 1147 C CE1 . PHE A 1 150 ? -11.783 -12.027 7.983   1.00 30.00 ? 472 PHE A CE1 1 
ATOM 1148 C CE2 . PHE A 1 150 ? -10.190 -10.542 6.960   1.00 30.00 ? 472 PHE A CE2 1 
ATOM 1149 C CZ  . PHE A 1 150 ? -11.103 -10.815 7.956   1.00 30.00 ? 472 PHE A CZ  1 
ATOM 1150 N N   . GLN A 1 151 ? -11.979 -12.156 1.878   1.00 30.00 ? 473 GLN A N   1 
ATOM 1151 C CA  . GLN A 1 151 ? -11.767 -10.969 1.021   1.00 30.00 ? 473 GLN A CA  1 
ATOM 1152 C C   . GLN A 1 151 ? -12.001 -9.692  1.841   1.00 30.00 ? 473 GLN A C   1 
ATOM 1153 O O   . GLN A 1 151 ? -11.267 -9.332  2.752   1.00 30.00 ? 473 GLN A O   1 
ATOM 1154 C CB  . GLN A 1 151 ? -12.715 -11.066 -0.185  1.00 30.00 ? 473 GLN A CB  1 
ATOM 1155 C CG  . GLN A 1 151 ? -12.484 -12.284 -1.065  1.00 30.00 ? 473 GLN A CG  1 
ATOM 1156 C CD  . GLN A 1 151 ? -13.484 -12.317 -2.205  1.00 30.00 ? 473 GLN A CD  1 
ATOM 1157 O OE1 . GLN A 1 151 ? -14.572 -12.858 -2.090  1.00 30.00 ? 473 GLN A OE1 1 
ATOM 1158 N NE2 . GLN A 1 151 ? -13.082 -11.748 -3.322  1.00 30.00 ? 473 GLN A NE2 1 
ATOM 1159 N N   . GLY A 1 152 ? -12.969 -8.905  1.404   1.00 30.00 ? 474 GLY A N   1 
ATOM 1160 C CA  . GLY A 1 152 ? -13.339 -7.675  2.118   1.00 30.00 ? 474 GLY A CA  1 
ATOM 1161 C C   . GLY A 1 152 ? -12.087 -6.824  2.373   1.00 30.00 ? 474 GLY A C   1 
ATOM 1162 O O   . GLY A 1 152 ? -11.557 -6.760  3.481   1.00 30.00 ? 474 GLY A O   1 
ATOM 1163 N N   . GLY A 1 153 ? -11.583 -6.286  1.265   1.00 30.00 ? 475 GLY A N   1 
ATOM 1164 C CA  . GLY A 1 153 ? -10.445 -5.367  1.328   1.00 30.00 ? 475 GLY A CA  1 
ATOM 1165 C C   . GLY A 1 153 ? -10.918 -3.999  0.843   1.00 30.00 ? 475 GLY A C   1 
ATOM 1166 O O   . GLY A 1 153 ? -11.715 -3.890  -0.088  1.00 30.00 ? 475 GLY A O   1 
ATOM 1167 N N   . THR A 1 154 ? -10.354 -2.983  1.459   1.00 30.00 ? 476 THR A N   1 
ATOM 1168 C CA  . THR A 1 154 ? -10.745 -1.593  1.183   1.00 30.00 ? 476 THR A CA  1 
ATOM 1169 C C   . THR A 1 154 ? -9.654  -0.876  0.401   1.00 30.00 ? 476 THR A C   1 
ATOM 1170 O O   . THR A 1 154 ? -9.911  0.181   -0.168  1.00 30.00 ? 476 THR A O   1 
ATOM 1171 C CB  . THR A 1 154 ? -10.997 -0.832  2.489   1.00 30.00 ? 476 THR A CB  1 
ATOM 1172 O OG1 . THR A 1 154 ? -9.804  -0.813  3.279   1.00 30.00 ? 476 THR A OG1 1 
ATOM 1173 C CG2 . THR A 1 154 ? -12.100 -1.500  3.297   1.00 30.00 ? 476 THR A CG2 1 
ATOM 1174 N N   . PHE A 1 155 ? -8.444  -1.437  0.430   1.00 30.00 ? 477 PHE A N   1 
ATOM 1175 C CA  . PHE A 1 155 ? -7.242  -0.748  -0.062  1.00 30.00 ? 477 PHE A CA  1 
ATOM 1176 C C   . PHE A 1 155 ? -6.019  -1.618  0.229   1.00 30.00 ? 477 PHE A C   1 
ATOM 1177 O O   . PHE A 1 155 ? -5.945  -2.250  1.270   1.00 30.00 ? 477 PHE A O   1 
ATOM 1178 C CB  . PHE A 1 155 ? -7.170  0.562   0.719   1.00 30.00 ? 477 PHE A CB  1 
ATOM 1179 C CG  . PHE A 1 155 ? -6.223  1.608   0.191   1.00 30.00 ? 477 PHE A CG  1 
ATOM 1180 C CD1 . PHE A 1 155 ? -6.454  2.239   -1.026  1.00 30.00 ? 477 PHE A CD1 1 
ATOM 1181 C CD2 . PHE A 1 155 ? -5.493  2.238   1.180   1.00 30.00 ? 477 PHE A CD2 1 
ATOM 1182 C CE1 . PHE A 1 155 ? -5.940  3.511   -1.260  1.00 30.00 ? 477 PHE A CE1 1 
ATOM 1183 C CE2 . PHE A 1 155 ? -5.036  3.532   0.971   1.00 30.00 ? 477 PHE A CE2 1 
ATOM 1184 C CZ  . PHE A 1 155 ? -5.217  4.155   -0.263  1.00 30.00 ? 477 PHE A CZ  1 
ATOM 1185 N N   . THR A 1 156 ? -5.091  -1.674  -0.710  1.00 30.00 ? 478 THR A N   1 
ATOM 1186 C CA  . THR A 1 156 ? -3.937  -2.589  -0.629  1.00 30.00 ? 478 THR A CA  1 
ATOM 1187 C C   . THR A 1 156 ? -2.638  -1.885  -0.971  1.00 30.00 ? 478 THR A C   1 
ATOM 1188 O O   . THR A 1 156 ? -2.607  -1.242  -2.022  1.00 30.00 ? 478 THR A O   1 
ATOM 1189 C CB  . THR A 1 156 ? -4.073  -3.779  -1.595  1.00 30.00 ? 478 THR A CB  1 
ATOM 1190 O OG1 . THR A 1 156 ? -2.893  -4.583  -1.525  1.00 30.00 ? 478 THR A OG1 1 
ATOM 1191 C CG2 . THR A 1 156 ? -4.279  -3.384  -3.059  1.00 30.00 ? 478 THR A CG2 1 
ATOM 1192 N N   . ILE A 1 157 ? -1.563  -2.190  -0.252  1.00 30.00 ? 479 ILE A N   1 
ATOM 1193 C CA  . ILE A 1 157 ? -0.220  -1.596  -0.414  1.00 30.00 ? 479 ILE A CA  1 
ATOM 1194 C C   . ILE A 1 157 ? 0.713   -2.557  -1.140  1.00 30.00 ? 479 ILE A C   1 
ATOM 1195 O O   . ILE A 1 157 ? 0.701   -3.757  -0.864  1.00 30.00 ? 479 ILE A O   1 
ATOM 1196 C CB  . ILE A 1 157 ? 0.379   -1.136  0.944   1.00 30.00 ? 479 ILE A CB  1 
ATOM 1197 C CG1 . ILE A 1 157 ? 0.659   -2.335  1.823   1.00 30.00 ? 479 ILE A CG1 1 
ATOM 1198 C CG2 . ILE A 1 157 ? -0.512  -0.286  1.860   1.00 30.00 ? 479 ILE A CG2 1 
ATOM 1199 C CD1 . ILE A 1 157 ? 1.337   -2.014  3.167   1.00 30.00 ? 479 ILE A CD1 1 
ATOM 1200 N N   . SER A 1 158 ? 1.545   -1.993  -2.003  1.00 30.00 ? 480 SER A N   1 
ATOM 1201 C CA  . SER A 1 158 ? 2.557   -2.788  -2.719  1.00 30.00 ? 480 SER A CA  1 
ATOM 1202 C C   . SER A 1 158 ? 3.960   -2.261  -2.413  1.00 30.00 ? 480 SER A C   1 
ATOM 1203 O O   . SER A 1 158 ? 4.478   -1.359  -3.074  1.00 30.00 ? 480 SER A O   1 
ATOM 1204 C CB  . SER A 1 158 ? 2.276   -2.747  -4.221  1.00 30.00 ? 480 SER A CB  1 
ATOM 1205 O OG  . SER A 1 158 ? 3.243   -3.553  -4.899  1.00 30.00 ? 480 SER A OG  1 
ATOM 1206 N N   . ASN A 1 159 ? 4.514   -2.784  -1.323  1.00 30.00 ? 481 ASN A N   1 
ATOM 1207 C CA  . ASN A 1 159 ? 5.858   -2.428  -0.859  1.00 30.00 ? 481 ASN A CA  1 
ATOM 1208 C C   . ASN A 1 159 ? 6.946   -3.172  -1.628  1.00 30.00 ? 481 ASN A C   1 
ATOM 1209 O O   . ASN A 1 159 ? 7.196   -4.341  -1.349  1.00 30.00 ? 481 ASN A O   1 
ATOM 1210 C CB  . ASN A 1 159 ? 6.005   -2.722  0.638   1.00 30.00 ? 481 ASN A CB  1 
ATOM 1211 C CG  . ASN A 1 159 ? 7.391   -2.285  1.163   1.00 30.00 ? 481 ASN A CG  1 
ATOM 1212 O OD1 . ASN A 1 159 ? 8.277   -1.841  0.439   1.00 30.00 ? 481 ASN A OD1 1 
ATOM 1213 N ND2 . ASN A 1 159 ? 7.509   -2.219  2.473   1.00 30.00 ? 481 ASN A ND2 1 
ATOM 1214 N N   . LEU A 1 160 ? 7.612   -2.455  -2.520  1.00 30.00 ? 482 LEU A N   1 
ATOM 1215 C CA  . LEU A 1 160 ? 8.751   -3.004  -3.266  1.00 30.00 ? 482 LEU A CA  1 
ATOM 1216 C C   . LEU A 1 160 ? 9.997   -2.175  -3.005  1.00 30.00 ? 482 LEU A C   1 
ATOM 1217 O O   . LEU A 1 160 ? 10.803  -1.981  -3.915  1.00 30.00 ? 482 LEU A O   1 
ATOM 1218 C CB  . LEU A 1 160 ? 8.440   -3.004  -4.764  1.00 30.00 ? 482 LEU A CB  1 
ATOM 1219 C CG  . LEU A 1 160 ? 7.215   -3.853  -5.097  1.00 30.00 ? 482 LEU A CG  1 
ATOM 1220 C CD1 . LEU A 1 160 ? 6.951   -3.791  -6.601  1.00 30.00 ? 482 LEU A CD1 1 
ATOM 1221 C CD2 . LEU A 1 160 ? 7.399   -5.304  -4.640  1.00 30.00 ? 482 LEU A CD2 1 
ATOM 1222 N N   . GLY A 1 161 ? 10.124  -1.731  -1.741  1.00 30.00 ? 483 GLY A N   1 
ATOM 1223 C CA  . GLY A 1 161 ? 11.246  -0.897  -1.274  1.00 30.00 ? 483 GLY A CA  1 
ATOM 1224 C C   . GLY A 1 161 ? 12.581  -1.354  -1.864  1.00 30.00 ? 483 GLY A C   1 
ATOM 1225 O O   . GLY A 1 161 ? 13.454  -0.516  -2.071  1.00 30.00 ? 483 GLY A O   1 
ATOM 1226 N N   . MET A 1 162 ? 12.685  -2.660  -2.134  1.00 30.00 ? 484 MET A N   1 
ATOM 1227 C CA  . MET A 1 162 ? 13.789  -3.272  -2.902  1.00 30.00 ? 484 MET A CA  1 
ATOM 1228 C C   . MET A 1 162 ? 14.012  -2.661  -4.309  1.00 30.00 ? 484 MET A C   1 
ATOM 1229 O O   . MET A 1 162 ? 14.498  -3.338  -5.213  1.00 30.00 ? 484 MET A O   1 
ATOM 1230 C CB  . MET A 1 162 ? 13.512  -4.776  -3.044  1.00 30.00 ? 484 MET A CB  1 
ATOM 1231 C CG  . MET A 1 162 ? 12.273  -5.062  -3.910  1.00 30.00 ? 484 MET A CG  1 
ATOM 1232 S SD  . MET A 1 162 ? 11.949  -6.839  -4.169  1.00 30.00 ? 484 MET A SD  1 
ATOM 1233 C CE  . MET A 1 162 ? 11.670  -7.338  -2.483  1.00 30.00 ? 484 MET A CE  1 
ATOM 1234 N N   . PHE A 1 163 ? 13.625  -1.403  -4.500  1.00 30.00 ? 485 PHE A N   1 
ATOM 1235 C CA  . PHE A 1 163 ? 13.799  -0.673  -5.755  1.00 30.00 ? 485 PHE A CA  1 
ATOM 1236 C C   . PHE A 1 163 ? 13.474  0.821   -5.587  1.00 30.00 ? 485 PHE A C   1 
ATOM 1237 O O   . PHE A 1 163 ? 14.261  1.579   -5.023  1.00 30.00 ? 485 PHE A O   1 
ATOM 1238 C CB  . PHE A 1 163 ? 12.926  -1.368  -6.814  1.00 30.00 ? 485 PHE A CB  1 
ATOM 1239 C CG  . PHE A 1 163 ? 13.226  -0.802  -8.192  1.00 30.00 ? 485 PHE A CG  1 
ATOM 1240 C CD1 . PHE A 1 163 ? 14.330  -1.270  -8.881  1.00 30.00 ? 485 PHE A CD1 1 
ATOM 1241 C CD2 . PHE A 1 163 ? 12.377  0.127   -8.774  1.00 30.00 ? 485 PHE A CD2 1 
ATOM 1242 C CE1 . PHE A 1 163 ? 14.581  -0.804  -10.163 1.00 30.00 ? 485 PHE A CE1 1 
ATOM 1243 C CE2 . PHE A 1 163 ? 12.623  0.593   -10.053 1.00 30.00 ? 485 PHE A CE2 1 
ATOM 1244 C CZ  . PHE A 1 163 ? 13.728  0.124   -10.749 1.00 30.00 ? 485 PHE A CZ  1 
ATOM 1245 N N   . GLY A 1 164 ? 12.284  1.204   -6.055  1.00 30.00 ? 486 GLY A N   1 
ATOM 1246 C CA  . GLY A 1 164 ? 11.889  2.616   -6.167  1.00 30.00 ? 486 GLY A CA  1 
ATOM 1247 C C   . GLY A 1 164 ? 10.480  2.724   -6.725  1.00 30.00 ? 486 GLY A C   1 
ATOM 1248 O O   . GLY A 1 164 ? 9.975   1.815   -7.384  1.00 30.00 ? 486 GLY A O   1 
ATOM 1249 N N   . ILE A 1 165 ? 9.846   3.839   -6.410  1.00 30.00 ? 487 ILE A N   1 
ATOM 1250 C CA  . ILE A 1 165 ? 8.466   4.080   -6.879  1.00 30.00 ? 487 ILE A CA  1 
ATOM 1251 C C   . ILE A 1 165 ? 8.222   5.571   -7.114  1.00 30.00 ? 487 ILE A C   1 
ATOM 1252 O O   . ILE A 1 165 ? 8.162   6.401   -6.272  1.00 30.00 ? 487 ILE A O   1 
ATOM 1253 C CB  . ILE A 1 165 ? 7.429   3.539   -5.895  1.00 30.00 ? 487 ILE A CB  1 
ATOM 1254 C CG1 . ILE A 1 165 ? 7.772   4.141   -4.572  1.00 30.00 ? 487 ILE A CG1 1 
ATOM 1255 C CG2 . ILE A 1 165 ? 7.514   2.026   -5.707  1.00 30.00 ? 487 ILE A CG2 1 
ATOM 1256 C CD1 . ILE A 1 165 ? 6.531   4.399   -3.827  1.00 30.00 ? 487 ILE A CD1 1 
ATOM 1257 N N   . LYS A 1 166 ? 7.828   5.996   -8.256  1.00 30.00 ? 488 LYS A N   1 
ATOM 1258 C CA  . LYS A 1 166 ? 7.562   7.430   -8.482  1.00 30.00 ? 488 LYS A CA  1 
ATOM 1259 C C   . LYS A 1 166 ? 6.396   7.453   -9.423  1.00 30.00 ? 488 LYS A C   1 
ATOM 1260 O O   . LYS A 1 166 ? 6.609   7.464   -10.638 1.00 30.00 ? 488 LYS A O   1 
ATOM 1261 C CB  . LYS A 1 166 ? 8.793   8.102   -9.111  1.00 30.00 ? 488 LYS A CB  1 
ATOM 1262 C CG  . LYS A 1 166 ? 9.240   7.362   -10.383 1.00 30.00 ? 488 LYS A CG  1 
ATOM 1263 C CD  . LYS A 1 166 ? 10.155  8.162   -11.279 1.00 30.00 ? 488 LYS A CD  1 
ATOM 1264 C CE  . LYS A 1 166 ? 10.279  7.432   -12.612 1.00 30.00 ? 488 LYS A CE  1 
ATOM 1265 N NZ  . LYS A 1 166 ? 11.253  8.137   -13.448 1.00 30.00 ? 488 LYS A NZ  1 
ATOM 1266 N N   . ASN A 1 167 ? 5.178   7.372   -8.879  1.00 30.00 ? 489 ASN A N   1 
ATOM 1267 C CA  . ASN A 1 167 ? 3.987   7.370   -9.733  1.00 30.00 ? 489 ASN A CA  1 
ATOM 1268 C C   . ASN A 1 167 ? 3.788   6.016   -10.474 1.00 30.00 ? 489 ASN A C   1 
ATOM 1269 O O   . ASN A 1 167 ? 4.279   5.741   -11.554 1.00 30.00 ? 489 ASN A O   1 
ATOM 1270 C CB  . ASN A 1 167 ? 4.273   8.521   -10.684 1.00 30.00 ? 489 ASN A CB  1 
ATOM 1271 C CG  . ASN A 1 167 ? 3.773   9.884   -10.397 1.00 30.00 ? 489 ASN A CG  1 
ATOM 1272 O OD1 . ASN A 1 167 ? 4.371   10.882  -10.748 1.00 30.00 ? 489 ASN A OD1 1 
ATOM 1273 N ND2 . ASN A 1 167 ? 2.711   9.888   -9.662  1.00 30.00 ? 489 ASN A ND2 1 
ATOM 1274 N N   . PHE A 1 168 ? 3.007   5.153   -9.874  1.00 30.00 ? 490 PHE A N   1 
ATOM 1275 C CA  . PHE A 1 168 ? 2.665   3.767   -10.161 1.00 30.00 ? 490 PHE A CA  1 
ATOM 1276 C C   . PHE A 1 168 ? 1.244   3.518   -9.656  1.00 30.00 ? 490 PHE A C   1 
ATOM 1277 O O   . PHE A 1 168 ? 0.747   4.131   -8.703  1.00 30.00 ? 490 PHE A O   1 
ATOM 1278 C CB  . PHE A 1 168 ? 3.621   2.835   -9.422  1.00 30.00 ? 490 PHE A CB  1 
ATOM 1279 C CG  . PHE A 1 168 ? 3.347   1.403   -9.845  1.00 30.00 ? 490 PHE A CG  1 
ATOM 1280 C CD1 . PHE A 1 168 ? 3.907   0.972   -11.033 1.00 30.00 ? 490 PHE A CD1 1 
ATOM 1281 C CD2 . PHE A 1 168 ? 2.496   0.586   -9.109  1.00 30.00 ? 490 PHE A CD2 1 
ATOM 1282 C CE1 . PHE A 1 168 ? 3.625   -0.301  -11.494 1.00 30.00 ? 490 PHE A CE1 1 
ATOM 1283 C CE2 . PHE A 1 168 ? 2.222   -0.692  -9.573  1.00 30.00 ? 490 PHE A CE2 1 
ATOM 1284 C CZ  . PHE A 1 168 ? 2.786   -1.136  -10.764 1.00 30.00 ? 490 PHE A CZ  1 
ATOM 1285 N N   . SER A 1 169 ? 0.663   2.538   -10.320 1.00 30.00 ? 491 SER A N   1 
ATOM 1286 C CA  . SER A 1 169 ? -0.746  2.180   -10.136 1.00 30.00 ? 491 SER A CA  1 
ATOM 1287 C C   . SER A 1 169 ? -0.989  0.833   -10.787 1.00 30.00 ? 491 SER A C   1 
ATOM 1288 O O   . SER A 1 169 ? -0.004  0.135   -10.997 1.00 30.00 ? 491 SER A O   1 
ATOM 1289 C CB  . SER A 1 169 ? -1.511  3.246   -10.909 1.00 30.00 ? 491 SER A CB  1 
ATOM 1290 O OG  . SER A 1 169 ? -1.410  4.438   -10.152 1.00 30.00 ? 491 SER A OG  1 
ATOM 1291 N N   . ALA A 1 170 ? -2.241  0.575   -11.169 1.00 30.00 ? 492 ALA A N   1 
ATOM 1292 C CA  . ALA A 1 170 ? -2.713  -0.652  -11.852 1.00 30.00 ? 492 ALA A CA  1 
ATOM 1293 C C   . ALA A 1 170 ? -3.753  -1.318  -10.955 1.00 30.00 ? 492 ALA A C   1 
ATOM 1294 O O   . ALA A 1 170 ? -3.585  -2.471  -10.555 1.00 30.00 ? 492 ALA A O   1 
ATOM 1295 C CB  . ALA A 1 170 ? -1.637  -1.709  -12.202 1.00 30.00 ? 492 ALA A CB  1 
ATOM 1296 N N   . ILE A 1 171 ? -4.800  -0.555  -10.603 1.00 30.00 ? 493 ILE A N   1 
ATOM 1297 C CA  . ILE A 1 171 ? -5.877  -1.085  -9.734  1.00 30.00 ? 493 ILE A CA  1 
ATOM 1298 C C   . ILE A 1 171 ? -6.269  -2.496  -10.180 1.00 30.00 ? 493 ILE A C   1 
ATOM 1299 O O   . ILE A 1 171 ? -5.873  -2.916  -11.240 1.00 30.00 ? 493 ILE A O   1 
ATOM 1300 C CB  . ILE A 1 171 ? -7.126  -0.192  -9.693  1.00 30.00 ? 493 ILE A CB  1 
ATOM 1301 C CG1 . ILE A 1 171 ? -6.783  1.145   -9.041  1.00 30.00 ? 493 ILE A CG1 1 
ATOM 1302 C CG2 . ILE A 1 171 ? -8.306  -0.838  -8.929  1.00 30.00 ? 493 ILE A CG2 1 
ATOM 1303 C CD1 . ILE A 1 171 ? -8.015  1.945   -8.574  1.00 30.00 ? 493 ILE A CD1 1 
ATOM 1304 N N   . ILE A 1 172 ? -6.940  -3.216  -9.311  1.00 30.00 ? 494 ILE A N   1 
ATOM 1305 C CA  . ILE A 1 172 ? -7.359  -4.606  -9.490  1.00 30.00 ? 494 ILE A CA  1 
ATOM 1306 C C   . ILE A 1 172 ? -8.853  -4.716  -9.858  1.00 30.00 ? 494 ILE A C   1 
ATOM 1307 O O   . ILE A 1 172 ? -9.295  -4.476  -10.973 1.00 30.00 ? 494 ILE A O   1 
ATOM 1308 C CB  . ILE A 1 172 ? -6.991  -5.308  -8.177  1.00 30.00 ? 494 ILE A CB  1 
ATOM 1309 C CG1 . ILE A 1 172 ? -7.634  -4.566  -6.993  1.00 30.00 ? 494 ILE A CG1 1 
ATOM 1310 C CG2 . ILE A 1 172 ? -5.456  -5.380  -8.045  1.00 30.00 ? 494 ILE A CG2 1 
ATOM 1311 C CD1 . ILE A 1 172 ? -7.273  -5.287  -5.737  1.00 30.00 ? 494 ILE A CD1 1 
ATOM 1312 N N   . ASN A 1 173 ? -9.655  -5.033  -8.868  1.00 30.00 ? 495 ASN A N   1 
ATOM 1313 C CA  . ASN A 1 173 ? -11.088 -5.216  -9.014  1.00 30.00 ? 495 ASN A CA  1 
ATOM 1314 C C   . ASN A 1 173 ? -11.818 -4.186  -8.143  1.00 30.00 ? 495 ASN A C   1 
ATOM 1315 O O   . ASN A 1 173 ? -11.300 -3.785  -7.126  1.00 30.00 ? 495 ASN A O   1 
ATOM 1316 C CB  . ASN A 1 173 ? -11.367 -6.674  -8.640  1.00 30.00 ? 495 ASN A CB  1 
ATOM 1317 C CG  . ASN A 1 173 ? -10.893 -7.026  -7.230  1.00 30.00 ? 495 ASN A CG  1 
ATOM 1318 O OD1 . ASN A 1 173 ? -10.792 -6.207  -6.341  1.00 30.00 ? 495 ASN A OD1 1 
ATOM 1319 N ND2 . ASN A 1 173 ? -10.661 -8.290  -7.002  1.00 30.00 ? 495 ASN A ND2 1 
ATOM 1320 N N   . PRO A 1 174 ? -13.051 -3.823  -8.478  1.00 30.00 ? 496 PRO A N   1 
ATOM 1321 C CA  . PRO A 1 174 ? -13.888 -2.950  -7.625  1.00 30.00 ? 496 PRO A CA  1 
ATOM 1322 C C   . PRO A 1 174 ? -14.114 -3.422  -6.163  1.00 30.00 ? 496 PRO A C   1 
ATOM 1323 O O   . PRO A 1 174 ? -14.269 -2.570  -5.283  1.00 30.00 ? 496 PRO A O   1 
ATOM 1324 C CB  . PRO A 1 174 ? -15.201 -2.863  -8.406  1.00 30.00 ? 496 PRO A CB  1 
ATOM 1325 C CG  . PRO A 1 174 ? -15.284 -4.178  -9.187  1.00 30.00 ? 496 PRO A CG  1 
ATOM 1326 C CD  . PRO A 1 174 ? -13.828 -4.416  -9.588  1.00 30.00 ? 496 PRO A CD  1 
ATOM 1327 N N   . PRO A 1 175 ? -14.167 -4.746  -5.887  1.00 30.00 ? 497 PRO A N   1 
ATOM 1328 C CA  . PRO A 1 175 ? -14.342 -5.307  -4.548  1.00 30.00 ? 497 PRO A CA  1 
ATOM 1329 C C   . PRO A 1 175 ? -13.136 -4.995  -3.664  1.00 30.00 ? 497 PRO A C   1 
ATOM 1330 O O   . PRO A 1 175 ? -13.271 -4.926  -2.451  1.00 30.00 ? 497 PRO A O   1 
ATOM 1331 C CB  . PRO A 1 175 ? -14.520 -6.820  -4.764  1.00 30.00 ? 497 PRO A CB  1 
ATOM 1332 C CG  . PRO A 1 175 ? -13.708 -7.147  -5.994  1.00 30.00 ? 497 PRO A CG  1 
ATOM 1333 C CD  . PRO A 1 175 ? -14.054 -5.912  -6.780  1.00 30.00 ? 497 PRO A CD  1 
ATOM 1334 N N   . GLN A 1 176 ? -11.966 -4.898  -4.282  1.00 30.00 ? 498 GLN A N   1 
ATOM 1335 C CA  . GLN A 1 176 ? -10.727 -4.566  -3.571  1.00 30.00 ? 498 GLN A CA  1 
ATOM 1336 C C   . GLN A 1 176 ? -10.113 -3.286  -4.156  1.00 30.00 ? 498 GLN A C   1 
ATOM 1337 O O   . GLN A 1 176 ? -10.044 -3.045  -5.342  1.00 30.00 ? 498 GLN A O   1 
ATOM 1338 C CB  . GLN A 1 176 ? -9.784  -5.766  -3.651  1.00 30.00 ? 498 GLN A CB  1 
ATOM 1339 C CG  . GLN A 1 176 ? -8.459  -5.531  -2.927  1.00 30.00 ? 498 GLN A CG  1 
ATOM 1340 C CD  . GLN A 1 176 ? -8.630  -5.373  -1.456  1.00 30.00 ? 498 GLN A CD  1 
ATOM 1341 O OE1 . GLN A 1 176 ? -8.820  -4.277  -0.960  1.00 30.00 ? 498 GLN A OE1 1 
ATOM 1342 N NE2 . GLN A 1 176 ? -8.526  -6.514  -0.815  1.00 30.00 ? 498 GLN A NE2 1 
ATOM 1343 N N   . ALA A 1 177 ? -9.514  -2.481  -3.316  1.00 30.00 ? 499 ALA A N   1 
ATOM 1344 C CA  . ALA A 1 177 ? -8.886  -1.234  -3.785  1.00 30.00 ? 499 ALA A CA  1 
ATOM 1345 C C   . ALA A 1 177 ? -7.388  -1.268  -3.508  1.00 30.00 ? 499 ALA A C   1 
ATOM 1346 O O   . ALA A 1 177 ? -6.943  -2.019  -2.652  1.00 30.00 ? 499 ALA A O   1 
ATOM 1347 C CB  . ALA A 1 177 ? -9.534  -0.052  -3.080  1.00 30.00 ? 499 ALA A CB  1 
ATOM 1348 N N   . CYS A 1 178 ? -6.638  -0.506  -4.292  1.00 30.00 ? 500 CYS A N   1 
ATOM 1349 C CA  . CYS A 1 178 ? -5.185  -0.380  -4.123  1.00 30.00 ? 500 CYS A CA  1 
ATOM 1350 C C   . CYS A 1 178 ? -4.850  0.983   -3.526  1.00 30.00 ? 500 CYS A C   1 
ATOM 1351 O O   . CYS A 1 178 ? -5.374  2.007   -3.953  1.00 30.00 ? 500 CYS A O   1 
ATOM 1352 C CB  . CYS A 1 178 ? -4.483  -0.555  -5.472  1.00 30.00 ? 500 CYS A CB  1 
ATOM 1353 S SG  . CYS A 1 178 ? -2.658  -0.478  -5.339  1.00 30.00 ? 500 CYS A SG  1 
ATOM 1354 N N   . ILE A 1 179 ? -3.946  0.941   -2.566  1.00 30.00 ? 501 ILE A N   1 
ATOM 1355 C CA  . ILE A 1 179 ? -3.448  2.122   -1.856  1.00 30.00 ? 501 ILE A CA  1 
ATOM 1356 C C   . ILE A 1 179 ? -2.390  2.922   -2.607  1.00 30.00 ? 501 ILE A C   1 
ATOM 1357 O O   . ILE A 1 179 ? -2.672  3.974   -3.106  1.00 30.00 ? 501 ILE A O   1 
ATOM 1358 C CB  . ILE A 1 179 ? -3.002  1.803   -0.430  1.00 30.00 ? 501 ILE A CB  1 
ATOM 1359 C CG1 . ILE A 1 179 ? -2.322  2.971   0.271   1.00 30.00 ? 501 ILE A CG1 1 
ATOM 1360 C CG2 . ILE A 1 179 ? -1.874  0.890   -0.558  1.00 30.00 ? 501 ILE A CG2 1 
ATOM 1361 C CD1 . ILE A 1 179 ? -1.815  2.684   1.659   1.00 30.00 ? 501 ILE A CD1 1 
ATOM 1362 N N   . LEU A 1 180 ? -1.194  2.377   -2.702  1.00 30.00 ? 502 LEU A N   1 
ATOM 1363 C CA  . LEU A 1 180 ? 0.065   3.115   -2.671  1.00 30.00 ? 502 LEU A CA  1 
ATOM 1364 C C   . LEU A 1 180 ? 1.147   2.035   -2.700  1.00 30.00 ? 502 LEU A C   1 
ATOM 1365 O O   . LEU A 1 180 ? 1.367   1.269   -1.754  1.00 30.00 ? 502 LEU A O   1 
ATOM 1366 C CB  . LEU A 1 180 ? 0.135   3.954   -1.385  1.00 30.00 ? 502 LEU A CB  1 
ATOM 1367 C CG  . LEU A 1 180 ? 1.412   4.678   -1.039  1.00 30.00 ? 502 LEU A CG  1 
ATOM 1368 C CD1 . LEU A 1 180 ? 1.225   5.253   0.352   1.00 30.00 ? 502 LEU A CD1 1 
ATOM 1369 C CD2 . LEU A 1 180 ? 2.559   3.748   -0.807  1.00 30.00 ? 502 LEU A CD2 1 
ATOM 1370 N N   . ALA A 1 181 ? 1.901   2.098   -3.775  1.00 30.00 ? 503 ALA A N   1 
ATOM 1371 C CA  . ALA A 1 181 ? 3.147   1.330   -3.904  1.00 30.00 ? 503 ALA A CA  1 
ATOM 1372 C C   . ALA A 1 181 ? 4.285   2.165   -3.334  1.00 30.00 ? 503 ALA A C   1 
ATOM 1373 O O   . ALA A 1 181 ? 4.127   3.384   -3.388  1.00 30.00 ? 503 ALA A O   1 
ATOM 1374 C CB  . ALA A 1 181 ? 3.407   1.038   -5.376  1.00 30.00 ? 503 ALA A CB  1 
ATOM 1375 N N   . ILE A 1 182 ? 5.228   1.474   -2.679  1.00 30.00 ? 504 ILE A N   1 
ATOM 1376 C CA  . ILE A 1 182 ? 6.449   2.022   -2.048  1.00 30.00 ? 504 ILE A CA  1 
ATOM 1377 C C   . ILE A 1 182 ? 7.738   1.430   -2.615  1.00 30.00 ? 504 ILE A C   1 
ATOM 1378 O O   . ILE A 1 182 ? 7.725   0.294   -3.078  1.00 30.00 ? 504 ILE A O   1 
ATOM 1379 C CB  . ILE A 1 182 ? 6.479   2.032   -0.538  1.00 30.00 ? 504 ILE A CB  1 
ATOM 1380 C CG1 . ILE A 1 182 ? 6.284   0.608   -0.110  1.00 30.00 ? 504 ILE A CG1 1 
ATOM 1381 C CG2 . ILE A 1 182 ? 5.430   2.970   0.033   1.00 30.00 ? 504 ILE A CG2 1 
ATOM 1382 C CD1 . ILE A 1 182 ? 6.312   0.498   1.392   1.00 30.00 ? 504 ILE A CD1 1 
ATOM 1383 N N   . GLY A 1 183 ? 8.795   2.244   -2.648  1.00 30.00 ? 505 GLY A N   1 
ATOM 1384 C CA  . GLY A 1 183 ? 10.037  1.787   -3.282  1.00 30.00 ? 505 GLY A CA  1 
ATOM 1385 C C   . GLY A 1 183 ? 11.221  2.693   -3.021  1.00 30.00 ? 505 GLY A C   1 
ATOM 1386 O O   . GLY A 1 183 ? 12.336  2.201   -3.043  1.00 30.00 ? 505 GLY A O   1 
ATOM 1387 N N   . ALA A 1 184 ? 11.005  3.975   -2.798  1.00 30.00 ? 506 ALA A N   1 
ATOM 1388 C CA  . ALA A 1 184 ? 12.176  4.909   -2.594  1.00 30.00 ? 506 ALA A CA  1 
ATOM 1389 C C   . ALA A 1 184 ? 11.793  6.302   -2.950  1.00 30.00 ? 506 ALA A C   1 
ATOM 1390 O O   . ALA A 1 184 ? 10.773  6.356   -2.457  1.00 30.00 ? 506 ALA A O   1 
ATOM 1391 C CB  . ALA A 1 184 ? 13.406  4.740   -3.460  1.00 30.00 ? 506 ALA A CB  1 
ATOM 1392 N N   . SER A 1 185 ? 12.576  7.369   -2.934  1.00 30.00 ? 507 SER A N   1 
ATOM 1393 C CA  . SER A 1 185 ? 12.288  8.776   -3.309  1.00 30.00 ? 507 SER A CA  1 
ATOM 1394 C C   . SER A 1 185 ? 13.095  9.707   -2.427  1.00 30.00 ? 507 SER A C   1 
ATOM 1395 O O   . SER A 1 185 ? 13.411  9.370   -1.313  1.00 30.00 ? 507 SER A O   1 
ATOM 1396 C CB  . SER A 1 185 ? 10.886  9.210   -2.989  1.00 30.00 ? 507 SER A CB  1 
ATOM 1397 O OG  . SER A 1 185 ? 10.164  9.152   -4.205  1.00 30.00 ? 507 SER A OG  1 
ATOM 1398 N N   . GLU A 1 186 ? 13.579  10.802  -2.959  1.00 30.00 ? 508 GLU A N   1 
ATOM 1399 C CA  . GLU A 1 186 ? 14.367  11.781  -2.198  1.00 30.00 ? 508 GLU A CA  1 
ATOM 1400 C C   . GLU A 1 186 ? 13.836  13.162  -2.538  1.00 30.00 ? 508 GLU A C   1 
ATOM 1401 O O   . GLU A 1 186 ? 13.824  13.545  -3.704  1.00 30.00 ? 508 GLU A O   1 
ATOM 1402 C CB  . GLU A 1 186 ? 15.835  11.678  -2.626  1.00 30.00 ? 508 GLU A CB  1 
ATOM 1403 C CG  . GLU A 1 186 ? 16.489  10.344  -2.206  1.00 30.00 ? 508 GLU A CG  1 
ATOM 1404 C CD  . GLU A 1 186 ? 16.557  10.181  -0.692  1.00 30.00 ? 508 GLU A CD  1 
ATOM 1405 O OE1 . GLU A 1 186 ? 16.328  11.229  -0.095  1.00 30.00 ? 508 GLU A OE1 1 
ATOM 1406 O OE2 . GLU A 1 186 ? 16.903  9.110   -0.153  1.00 30.00 ? 508 GLU A OE2 1 
ATOM 1407 N N   . ASP A 1 187 ? 13.408  13.903  -1.532  1.00 30.00 ? 509 ASP A N   1 
ATOM 1408 C CA  . ASP A 1 187 ? 12.810  15.219  -1.764  1.00 30.00 ? 509 ASP A CA  1 
ATOM 1409 C C   . ASP A 1 187 ? 13.949  16.008  -2.366  1.00 30.00 ? 509 ASP A C   1 
ATOM 1410 O O   . ASP A 1 187 ? 14.999  16.135  -1.726  1.00 30.00 ? 509 ASP A O   1 
ATOM 1411 C CB  . ASP A 1 187 ? 12.493  15.912  -0.452  1.00 30.00 ? 509 ASP A CB  1 
ATOM 1412 C CG  . ASP A 1 187 ? 11.631  17.164  -0.546  1.00 30.00 ? 509 ASP A CG  1 
ATOM 1413 O OD1 . ASP A 1 187 ? 11.673  17.736  -1.649  1.00 30.00 ? 509 ASP A OD1 1 
ATOM 1414 O OD2 . ASP A 1 187 ? 11.014  17.579  0.458   1.00 30.00 ? 509 ASP A OD2 1 
ATOM 1415 N N   . LYS A 1 188 ? 13.637  16.631  -3.496  1.00 30.00 ? 510 LYS A N   1 
ATOM 1416 C CA  . LYS A 1 188 ? 14.580  17.594  -4.102  1.00 30.00 ? 510 LYS A CA  1 
ATOM 1417 C C   . LYS A 1 188 ? 14.811  18.786  -3.148  1.00 30.00 ? 510 LYS A C   1 
ATOM 1418 O O   . LYS A 1 188 ? 15.439  19.789  -3.474  1.00 30.00 ? 510 LYS A O   1 
ATOM 1419 C CB  . LYS A 1 188 ? 14.045  18.082  -5.449  1.00 30.00 ? 510 LYS A CB  1 
ATOM 1420 C CG  . LYS A 1 188 ? 12.780  18.930  -5.298  1.00 30.00 ? 510 LYS A CG  1 
ATOM 1421 C CD  . LYS A 1 188 ? 12.306  19.431  -6.660  1.00 30.00 ? 510 LYS A CD  1 
ATOM 1422 C CE  . LYS A 1 188 ? 11.038  20.274  -6.526  1.00 30.00 ? 510 LYS A CE  1 
ATOM 1423 N NZ  . LYS A 1 188 ? 11.275  21.500  -5.752  1.00 30.00 ? 510 LYS A NZ  1 
ATOM 1424 N N   . LEU A 1 189 ? 14.151  18.637  -2.004  1.00 30.00 ? 511 LEU A N   1 
ATOM 1425 C CA  . LEU A 1 189 ? 14.127  19.418  -0.805  1.00 30.00 ? 511 LEU A CA  1 
ATOM 1426 C C   . LEU A 1 189 ? 14.957  18.798  0.325   1.00 30.00 ? 511 LEU A C   1 
ATOM 1427 O O   . LEU A 1 189 ? 14.563  18.611  1.462   1.00 30.00 ? 511 LEU A O   1 
ATOM 1428 C CB  . LEU A 1 189 ? 12.792  20.097  -0.421  1.00 30.00 ? 511 LEU A CB  1 
ATOM 1429 C CG  . LEU A 1 189 ? 12.908  21.261  0.601   1.00 30.00 ? 511 LEU A CG  1 
ATOM 1430 C CD1 . LEU A 1 189 ? 11.671  22.119  0.649   1.00 30.00 ? 511 LEU A CD1 1 
ATOM 1431 C CD2 . LEU A 1 189 ? 13.348  21.029  2.052   1.00 30.00 ? 511 LEU A CD2 1 
ATOM 1432 N N   . VAL A 1 190 ? 16.179  18.503  -0.058  1.00 30.00 ? 512 VAL A N   1 
ATOM 1433 C CA  . VAL A 1 190 ? 17.328  19.217  0.503   1.00 30.00 ? 512 VAL A CA  1 
ATOM 1434 C C   . VAL A 1 190 ? 17.922  20.327  -0.343  1.00 30.00 ? 512 VAL A C   1 
ATOM 1435 O O   . VAL A 1 190 ? 19.002  20.266  -0.932  1.00 30.00 ? 512 VAL A O   1 
ATOM 1436 C CB  . VAL A 1 190 ? 18.351  18.221  0.752   1.00 30.00 ? 512 VAL A CB  1 
ATOM 1437 C CG1 . VAL A 1 190 ? 19.695  18.676  1.139   1.00 30.00 ? 512 VAL A CG1 1 
ATOM 1438 C CG2 . VAL A 1 190 ? 17.858  18.446  2.110   1.00 30.00 ? 512 VAL A CG2 1 
ATOM 1439 N N   . PRO A 1 191 ? 17.115  21.330  -0.553  1.00 30.00 ? 513 PRO A N   1 
ATOM 1440 C CA  . PRO A 1 191 ? 17.448  22.582  -1.175  1.00 30.00 ? 513 PRO A CA  1 
ATOM 1441 C C   . PRO A 1 191 ? 18.379  23.188  -0.163  1.00 30.00 ? 513 PRO A C   1 
ATOM 1442 O O   . PRO A 1 191 ? 18.270  22.940  1.043   1.00 30.00 ? 513 PRO A O   1 
ATOM 1443 C CB  . PRO A 1 191 ? 16.168  23.417  -1.122  1.00 30.00 ? 513 PRO A CB  1 
ATOM 1444 C CG  . PRO A 1 191 ? 15.176  22.324  -1.233  1.00 30.00 ? 513 PRO A CG  1 
ATOM 1445 C CD  . PRO A 1 191 ? 15.827  21.624  -0.047  1.00 30.00 ? 513 PRO A CD  1 
ATOM 1446 N N   . ALA A 1 192 ? 19.273  23.950  -0.749  1.00 30.00 ? 514 ALA A N   1 
ATOM 1447 C CA  . ALA A 1 192 ? 20.343  24.634  -0.003  1.00 30.00 ? 514 ALA A CA  1 
ATOM 1448 C C   . ALA A 1 192 ? 21.509  24.855  -0.957  1.00 30.00 ? 514 ALA A C   1 
ATOM 1449 O O   . ALA A 1 192 ? 21.637  25.931  -1.533  1.00 30.00 ? 514 ALA A O   1 
ATOM 1450 C CB  . ALA A 1 192 ? 20.875  23.883  1.240   1.00 30.00 ? 514 ALA A CB  1 
ATOM 1451 N N   . ASP A 1 193 ? 22.308  23.799  -1.136  1.00 30.00 ? 515 ASP A N   1 
ATOM 1452 C CA  . ASP A 1 193 ? 23.520  23.841  -1.971  1.00 30.00 ? 515 ASP A CA  1 
ATOM 1453 C C   . ASP A 1 193 ? 24.502  24.901  -1.429  1.00 30.00 ? 515 ASP A C   1 
ATOM 1454 O O   . ASP A 1 193 ? 25.187  25.605  -2.160  1.00 30.00 ? 515 ASP A O   1 
ATOM 1455 C CB  . ASP A 1 193 ? 23.091  24.135  -3.417  1.00 30.00 ? 515 ASP A CB  1 
ATOM 1456 C CG  . ASP A 1 193 ? 24.282  24.175  -4.369  1.00 30.00 ? 515 ASP A CG  1 
ATOM 1457 O OD1 . ASP A 1 193 ? 24.616  23.075  -4.853  1.00 30.00 ? 515 ASP A OD1 1 
ATOM 1458 O OD2 . ASP A 1 193 ? 24.814  25.277  -4.613  1.00 30.00 ? 515 ASP A OD2 1 
ATOM 1459 N N   . ASN A 1 194 ? 24.544  25.025  -0.112  1.00 30.00 ? 516 ASN A N   1 
ATOM 1460 C CA  . ASN A 1 194 ? 25.454  25.969  0.544   1.00 30.00 ? 516 ASN A CA  1 
ATOM 1461 C C   . ASN A 1 194 ? 26.518  25.179  1.308   1.00 30.00 ? 516 ASN A C   1 
ATOM 1462 O O   . ASN A 1 194 ? 26.293  24.038  1.708   1.00 30.00 ? 516 ASN A O   1 
ATOM 1463 C CB  . ASN A 1 194 ? 24.657  26.874  1.487   1.00 30.00 ? 516 ASN A CB  1 
ATOM 1464 C CG  . ASN A 1 194 ? 25.557  27.924  2.147   1.00 30.00 ? 516 ASN A CG  1 
ATOM 1465 O OD1 . ASN A 1 194 ? 26.570  28.361  1.618   1.00 30.00 ? 516 ASN A OD1 1 
ATOM 1466 N ND2 . ASN A 1 194 ? 25.225  28.262  3.368   1.00 30.00 ? 516 ASN A ND2 1 
ATOM 1467 N N   . GLU A 1 195 ? 27.660  25.828  1.508   1.00 30.00 ? 517 GLU A N   1 
ATOM 1468 C CA  . GLU A 1 195 ? 28.760  25.249  2.295   1.00 30.00 ? 517 GLU A CA  1 
ATOM 1469 C C   . GLU A 1 195 ? 28.262  24.897  3.709   1.00 30.00 ? 517 GLU A C   1 
ATOM 1470 O O   . GLU A 1 195 ? 28.747  23.950  4.322   1.00 30.00 ? 517 GLU A O   1 
ATOM 1471 C CB  . GLU A 1 195 ? 29.934  26.240  2.304   1.00 30.00 ? 517 GLU A CB  1 
ATOM 1472 C CG  . GLU A 1 195 ? 31.178  25.675  3.011   1.00 30.00 ? 517 GLU A CG  1 
ATOM 1473 C CD  . GLU A 1 195 ? 30.974  25.462  4.520   1.00 30.00 ? 517 GLU A CD  1 
ATOM 1474 O OE1 . GLU A 1 195 ? 30.216  26.261  5.118   1.00 30.00 ? 517 GLU A OE1 1 
ATOM 1475 O OE2 . GLU A 1 195 ? 31.529  24.468  5.033   1.00 30.00 ? 517 GLU A OE2 1 
ATOM 1476 N N   . LYS A 1 196 ? 27.363  25.729  4.234   1.00 30.00 ? 518 LYS A N   1 
ATOM 1477 C CA  . LYS A 1 196 ? 26.807  25.554  5.585   1.00 30.00 ? 518 LYS A CA  1 
ATOM 1478 C C   . LYS A 1 196 ? 25.270  25.515  5.548   1.00 30.00 ? 518 LYS A C   1 
ATOM 1479 O O   . LYS A 1 196 ? 24.574  26.527  5.637   1.00 30.00 ? 518 LYS A O   1 
ATOM 1480 C CB  . LYS A 1 196 ? 27.329  26.658  6.511   1.00 30.00 ? 518 LYS A CB  1 
ATOM 1481 C CG  . LYS A 1 196 ? 26.974  28.060  6.007   1.00 30.00 ? 518 LYS A CG  1 
ATOM 1482 C CD  . LYS A 1 196 ? 27.534  29.149  6.908   1.00 30.00 ? 518 LYS A CD  1 
ATOM 1483 C CE  . LYS A 1 196 ? 27.097  30.531  6.417   1.00 30.00 ? 518 LYS A CE  1 
ATOM 1484 N NZ  . LYS A 1 196 ? 25.643  30.713  6.542   1.00 30.00 ? 518 LYS A NZ  1 
ATOM 1485 N N   . GLY A 1 197 ? 24.757  24.300  5.390   1.00 30.00 ? 519 GLY A N   1 
ATOM 1486 C CA  . GLY A 1 197 ? 23.301  24.071  5.323   1.00 30.00 ? 519 GLY A CA  1 
ATOM 1487 C C   . GLY A 1 197 ? 23.028  22.572  5.283   1.00 30.00 ? 519 GLY A C   1 
ATOM 1488 O O   . GLY A 1 197 ? 23.849  21.803  4.793   1.00 30.00 ? 519 GLY A O   1 
ATOM 1489 N N   . PHE A 1 198 ? 21.918  22.185  5.894   1.00 30.00 ? 520 PHE A N   1 
ATOM 1490 C CA  . PHE A 1 198 ? 21.540  20.768  6.016   1.00 30.00 ? 520 PHE A CA  1 
ATOM 1491 C C   . PHE A 1 198 ? 21.341  20.144  4.636   1.00 30.00 ? 520 PHE A C   1 
ATOM 1492 O O   . PHE A 1 198 ? 20.612  20.720  3.826   1.00 30.00 ? 520 PHE A O   1 
ATOM 1493 C CB  . PHE A 1 198 ? 20.288  20.633  6.893   1.00 30.00 ? 520 PHE A CB  1 
ATOM 1494 C CG  . PHE A 1 198 ? 19.133  21.552  6.474   1.00 30.00 ? 520 PHE A CG  1 
ATOM 1495 C CD1 . PHE A 1 198 ? 19.068  22.840  6.985   1.00 30.00 ? 520 PHE A CD1 1 
ATOM 1496 C CD2 . PHE A 1 198 ? 18.082  21.075  5.706   1.00 30.00 ? 520 PHE A CD2 1 
ATOM 1497 C CE1 . PHE A 1 198 ? 17.952  23.626  6.742   1.00 30.00 ? 520 PHE A CE1 1 
ATOM 1498 C CE2 . PHE A 1 198 ? 16.964  21.850  5.459   1.00 30.00 ? 520 PHE A CE2 1 
ATOM 1499 C CZ  . PHE A 1 198 ? 16.898  23.131  5.985   1.00 30.00 ? 520 PHE A CZ  1 
ATOM 1500 N N   . ASP A 1 199 ? 21.920  18.939  4.471   1.00 30.00 ? 521 ASP A N   1 
ATOM 1501 C CA  . ASP A 1 199 ? 21.848  18.111  3.240   1.00 30.00 ? 521 ASP A CA  1 
ATOM 1502 C C   . ASP A 1 199 ? 22.162  16.621  3.473   1.00 30.00 ? 521 ASP A C   1 
ATOM 1503 O O   . ASP A 1 199 ? 23.250  16.398  3.971   1.00 30.00 ? 521 ASP A O   1 
ATOM 1504 C CB  . ASP A 1 199 ? 22.663  18.713  2.082   1.00 30.00 ? 521 ASP A CB  1 
ATOM 1505 C CG  . ASP A 1 199 ? 22.354  20.220  1.913   1.00 30.00 ? 521 ASP A CG  1 
ATOM 1506 O OD1 . ASP A 1 199 ? 21.412  20.742  1.271   1.00 30.00 ? 521 ASP A OD1 1 
ATOM 1507 O OD2 . ASP A 1 199 ? 23.154  20.927  2.515   1.00 30.00 ? 521 ASP A OD2 1 
ATOM 1508 N N   . VAL A 1 200 ? 21.261  15.630  3.403   1.00 30.00 ? 522 VAL A N   1 
ATOM 1509 C CA  . VAL A 1 200 ? 19.796  15.668  3.301   1.00 30.00 ? 522 VAL A CA  1 
ATOM 1510 C C   . VAL A 1 200 ? 19.295  15.659  1.828   1.00 30.00 ? 522 VAL A C   1 
ATOM 1511 O O   . VAL A 1 200 ? 20.091  15.947  0.926   1.00 30.00 ? 522 VAL A O   1 
ATOM 1512 C CB  . VAL A 1 200 ? 19.112  16.534  4.421   1.00 30.00 ? 522 VAL A CB  1 
ATOM 1513 C CG1 . VAL A 1 200 ? 19.545  16.123  5.802   1.00 30.00 ? 522 VAL A CG1 1 
ATOM 1514 C CG2 . VAL A 1 200 ? 19.202  17.997  4.747   1.00 30.00 ? 522 VAL A CG2 1 
ATOM 1515 N N   . ALA A 1 201 ? 17.971  15.548  1.616   1.00 30.00 ? 523 ALA A N   1 
ATOM 1516 C CA  . ALA A 1 201 ? 16.962  15.316  2.696   1.00 30.00 ? 523 ALA A CA  1 
ATOM 1517 C C   . ALA A 1 201 ? 16.063  14.289  2.153   1.00 30.00 ? 523 ALA A C   1 
ATOM 1518 O O   . ALA A 1 201 ? 15.259  14.657  1.295   1.00 30.00 ? 523 ALA A O   1 
ATOM 1519 C CB  . ALA A 1 201 ? 15.939  16.322  3.288   1.00 30.00 ? 523 ALA A CB  1 
ATOM 1520 N N   . SER A 1 202 ? 16.464  13.098  2.576   1.00 30.00 ? 524 SER A N   1 
ATOM 1521 C CA  . SER A 1 202 ? 15.817  11.818  2.299   1.00 30.00 ? 524 SER A CA  1 
ATOM 1522 C C   . SER A 1 202 ? 14.376  11.819  1.838   1.00 30.00 ? 524 SER A C   1 
ATOM 1523 O O   . SER A 1 202 ? 13.813  12.881  1.707   1.00 30.00 ? 524 SER A O   1 
ATOM 1524 C CB  . SER A 1 202 ? 16.067  10.757  3.350   1.00 30.00 ? 524 SER A CB  1 
ATOM 1525 O OG  . SER A 1 202 ? 17.479  10.676  3.497   1.00 30.00 ? 524 SER A OG  1 
ATOM 1526 N N   . MET A 1 203 ? 13.792  10.646  1.664   1.00 30.00 ? 525 MET A N   1 
ATOM 1527 C CA  . MET A 1 203 ? 12.371  10.431  1.348   1.00 30.00 ? 525 MET A CA  1 
ATOM 1528 C C   . MET A 1 203 ? 12.085  8.950   1.060   1.00 30.00 ? 525 MET A C   1 
ATOM 1529 O O   . MET A 1 203 ? 12.932  8.147   0.675   1.00 30.00 ? 525 MET A O   1 
ATOM 1530 C CB  . MET A 1 203 ? 11.835  11.198  0.134   1.00 30.00 ? 525 MET A CB  1 
ATOM 1531 C CG  . MET A 1 203 ? 11.646  12.700  0.188   1.00 30.00 ? 525 MET A CG  1 
ATOM 1532 S SD  . MET A 1 203 ? 10.817  13.350  1.641   1.00 30.00 ? 525 MET A SD  1 
ATOM 1533 C CE  . MET A 1 203 ? 11.096  15.010  2.141   1.00 30.00 ? 525 MET A CE  1 
ATOM 1534 N N   . MET A 1 204 ? 10.903  8.541   1.461   1.00 30.00 ? 526 MET A N   1 
ATOM 1535 C CA  . MET A 1 204 ? 10.286  7.329   0.912   1.00 30.00 ? 526 MET A CA  1 
ATOM 1536 C C   . MET A 1 204 ? 9.450   7.822   -0.268  1.00 30.00 ? 526 MET A C   1 
ATOM 1537 O O   . MET A 1 204 ? 9.152   9.010   -0.391  1.00 30.00 ? 526 MET A O   1 
ATOM 1538 C CB  . MET A 1 204 ? 9.375   6.698   1.968   1.00 30.00 ? 526 MET A CB  1 
ATOM 1539 C CG  . MET A 1 204 ? 8.688   5.412   1.483   1.00 30.00 ? 526 MET A CG  1 
ATOM 1540 S SD  . MET A 1 204 ? 9.851   4.135   0.875   1.00 30.00 ? 526 MET A SD  1 
ATOM 1541 C CE  . MET A 1 204 ? 10.732  3.807   2.387   1.00 30.00 ? 526 MET A CE  1 
ATOM 1542 N N   . SER A 1 205 ? 8.941   6.903   -1.051  1.00 30.00 ? 527 SER A N   1 
ATOM 1543 C CA  . SER A 1 205 ? 8.200   7.348   -2.235  1.00 30.00 ? 527 SER A CA  1 
ATOM 1544 C C   . SER A 1 205 ? 6.868   6.715   -2.037  1.00 30.00 ? 527 SER A C   1 
ATOM 1545 O O   . SER A 1 205 ? 6.737   5.678   -1.375  1.00 30.00 ? 527 SER A O   1 
ATOM 1546 C CB  . SER A 1 205 ? 8.507   6.981   -3.692  1.00 30.00 ? 527 SER A CB  1 
ATOM 1547 O OG  . SER A 1 205 ? 9.691   6.760   -4.544  1.00 30.00 ? 527 SER A OG  1 
ATOM 1548 N N   . VAL A 1 206 ? 5.908   7.424   -2.585  1.00 30.00 ? 528 VAL A N   1 
ATOM 1549 C CA  . VAL A 1 206 ? 4.513   7.065   -2.409  1.00 30.00 ? 528 VAL A CA  1 
ATOM 1550 C C   . VAL A 1 206 ? 3.773   7.323   -3.707  1.00 30.00 ? 528 VAL A C   1 
ATOM 1551 O O   . VAL A 1 206 ? 3.555   8.463   -4.116  1.00 30.00 ? 528 VAL A O   1 
ATOM 1552 C CB  . VAL A 1 206 ? 3.978   7.896   -1.260  1.00 30.00 ? 528 VAL A CB  1 
ATOM 1553 C CG1 . VAL A 1 206 ? 2.460   7.737   -1.223  1.00 30.00 ? 528 VAL A CG1 1 
ATOM 1554 C CG2 . VAL A 1 206 ? 4.755   7.534   0.019   1.00 30.00 ? 528 VAL A CG2 1 
ATOM 1555 N N   . THR A 1 207 ? 3.414   6.218   -4.314  1.00 30.00 ? 529 THR A N   1 
ATOM 1556 C CA  . THR A 1 207 ? 2.625   6.301   -5.520  1.00 30.00 ? 529 THR A CA  1 
ATOM 1557 C C   . THR A 1 207 ? 1.293   5.577   -5.357  1.00 30.00 ? 529 THR A C   1 
ATOM 1558 O O   . THR A 1 207 ? 1.245   4.392   -5.056  1.00 30.00 ? 529 THR A O   1 
ATOM 1559 C CB  . THR A 1 207 ? 3.446   5.736   -6.633  1.00 30.00 ? 529 THR A CB  1 
ATOM 1560 O OG1 . THR A 1 207 ? 2.552   5.952   -7.688  1.00 30.00 ? 529 THR A OG1 1 
ATOM 1561 C CG2 . THR A 1 207 ? 3.859   4.270   -6.498  1.00 30.00 ? 529 THR A CG2 1 
ATOM 1562 N N   . LEU A 1 208 ? 0.250   6.302   -5.717  1.00 30.00 ? 530 LEU A N   1 
ATOM 1563 C CA  . LEU A 1 208 ? -1.115  5.854   -5.445  1.00 30.00 ? 530 LEU A CA  1 
ATOM 1564 C C   . LEU A 1 208 ? -1.971  6.023   -6.705  1.00 30.00 ? 530 LEU A C   1 
ATOM 1565 O O   . LEU A 1 208 ? -2.188  7.146   -7.169  1.00 30.00 ? 530 LEU A O   1 
ATOM 1566 C CB  . LEU A 1 208 ? -1.623  6.691   -4.254  1.00 30.00 ? 530 LEU A CB  1 
ATOM 1567 C CG  . LEU A 1 208 ? -3.088  6.443   -3.870  1.00 30.00 ? 530 LEU A CG  1 
ATOM 1568 C CD1 . LEU A 1 208 ? -3.427  7.064   -2.526  1.00 30.00 ? 530 LEU A CD1 1 
ATOM 1569 C CD2 . LEU A 1 208 ? -4.094  7.055   -4.821  1.00 30.00 ? 530 LEU A CD2 1 
ATOM 1570 N N   . SER A 1 209 ? -2.463  4.899   -7.206  1.00 30.00 ? 531 SER A N   1 
ATOM 1571 C CA  . SER A 1 209 ? -3.518  4.870   -8.243  1.00 30.00 ? 531 SER A CA  1 
ATOM 1572 C C   . SER A 1 209 ? -4.859  5.272   -7.648  1.00 30.00 ? 531 SER A C   1 
ATOM 1573 O O   . SER A 1 209 ? -5.094  5.015   -6.476  1.00 30.00 ? 531 SER A O   1 
ATOM 1574 C CB  . SER A 1 209 ? -3.786  3.448   -8.716  1.00 30.00 ? 531 SER A CB  1 
ATOM 1575 O OG  . SER A 1 209 ? -4.497  3.516   -9.962  1.00 30.00 ? 531 SER A OG  1 
ATOM 1576 N N   . CYS A 1 210 ? -5.816  5.609   -8.502  1.00 30.00 ? 532 CYS A N   1 
ATOM 1577 C CA  . CYS A 1 210 ? -7.149  6.026   -8.022  1.00 30.00 ? 532 CYS A CA  1 
ATOM 1578 C C   . CYS A 1 210 ? -8.175  6.173   -9.139  1.00 30.00 ? 532 CYS A C   1 
ATOM 1579 O O   . CYS A 1 210 ? -7.844  6.673   -10.222 1.00 30.00 ? 532 CYS A O   1 
ATOM 1580 C CB  . CYS A 1 210 ? -7.042  7.393   -7.355  1.00 30.00 ? 532 CYS A CB  1 
ATOM 1581 S SG  . CYS A 1 210 ? -6.341  8.659   -8.477  1.00 30.00 ? 532 CYS A SG  1 
ATOM 1582 N N   . ASP A 1 211 ? -9.354  5.610   -8.855  1.00 30.00 ? 533 ASP A N   1 
ATOM 1583 C CA  . ASP A 1 211 ? -10.457 5.567   -9.818  1.00 30.00 ? 533 ASP A CA  1 
ATOM 1584 C C   . ASP A 1 211 ? -10.961 6.934   -10.170 1.00 30.00 ? 533 ASP A C   1 
ATOM 1585 O O   . ASP A 1 211 ? -10.872 7.802   -9.312  1.00 30.00 ? 533 ASP A O   1 
ATOM 1586 C CB  . ASP A 1 211 ? -11.532 4.490   -9.563  1.00 30.00 ? 533 ASP A CB  1 
ATOM 1587 C CG  . ASP A 1 211 ? -11.186 3.019   -9.289  1.00 30.00 ? 533 ASP A CG  1 
ATOM 1588 O OD1 . ASP A 1 211 ? -10.703 2.312   -10.171 1.00 30.00 ? 533 ASP A OD1 1 
ATOM 1589 O OD2 . ASP A 1 211 ? -11.741 2.471   -8.327  1.00 30.00 ? 533 ASP A OD2 1 
ATOM 1590 N N   . HIS A 1 212 ? -11.440 7.105   -11.397 1.00 30.00 ? 534 HIS A N   1 
ATOM 1591 C CA  . HIS A 1 212 ? -12.090 8.379   -11.743 1.00 30.00 ? 534 HIS A CA  1 
ATOM 1592 C C   . HIS A 1 212 ? -13.201 8.658   -10.716 1.00 30.00 ? 534 HIS A C   1 
ATOM 1593 O O   . HIS A 1 212 ? -14.051 7.819   -10.425 1.00 30.00 ? 534 HIS A O   1 
ATOM 1594 C CB  . HIS A 1 212 ? -12.695 8.306   -13.145 1.00 30.00 ? 534 HIS A CB  1 
ATOM 1595 C CG  . HIS A 1 212 ? -13.849 7.298   -13.209 1.00 30.00 ? 534 HIS A CG  1 
ATOM 1596 N ND1 . HIS A 1 212 ? -15.129 7.506   -12.947 1.00 30.00 ? 534 HIS A ND1 1 
ATOM 1597 C CD2 . HIS A 1 212 ? -13.771 6.029   -13.538 1.00 30.00 ? 534 HIS A CD2 1 
ATOM 1598 C CE1 . HIS A 1 212 ? -15.801 6.378   -13.168 1.00 30.00 ? 534 HIS A CE1 1 
ATOM 1599 N NE2 . HIS A 1 212 ? -14.951 5.450   -13.578 1.00 30.00 ? 534 HIS A NE2 1 
ATOM 1600 N N   . ARG A 1 213 ? -13.133 9.843   -10.149 1.00 30.00 ? 535 ARG A N   1 
ATOM 1601 C CA  . ARG A 1 213 ? -14.118 10.294  -9.159  1.00 30.00 ? 535 ARG A CA  1 
ATOM 1602 C C   . ARG A 1 213 ? -14.839 11.511  -9.716  1.00 30.00 ? 535 ARG A C   1 
ATOM 1603 O O   . ARG A 1 213 ? -14.343 12.166  -10.633 1.00 30.00 ? 535 ARG A O   1 
ATOM 1604 C CB  . ARG A 1 213 ? -13.402 10.646  -7.855  1.00 30.00 ? 535 ARG A CB  1 
ATOM 1605 C CG  . ARG A 1 213 ? -12.805 9.418   -7.168  1.00 30.00 ? 535 ARG A CG  1 
ATOM 1606 C CD  . ARG A 1 213 ? -13.913 8.477   -6.689  1.00 30.00 ? 535 ARG A CD  1 
ATOM 1607 N NE  . ARG A 1 213 ? -13.297 7.282   -6.090  1.00 30.00 ? 535 ARG A NE  1 
ATOM 1608 C CZ  . ARG A 1 213 ? -12.838 6.237   -6.763  1.00 30.00 ? 535 ARG A CZ  1 
ATOM 1609 N NH1 . ARG A 1 213 ? -12.991 6.213   -8.068  1.00 30.00 ? 535 ARG A NH1 1 
ATOM 1610 N NH2 . ARG A 1 213 ? -12.240 5.222   -6.146  1.00 30.00 ? 535 ARG A NH2 1 
ATOM 1611 N N   . VAL A 1 214 ? -15.990 11.812  -9.121  1.00 30.00 ? 536 VAL A N   1 
ATOM 1612 C CA  . VAL A 1 214 ? -16.707 13.067  -9.435  1.00 30.00 ? 536 VAL A CA  1 
ATOM 1613 C C   . VAL A 1 214 ? -15.756 14.266  -9.311  1.00 30.00 ? 536 VAL A C   1 
ATOM 1614 O O   . VAL A 1 214 ? -15.913 15.290  -9.966  1.00 30.00 ? 536 VAL A O   1 
ATOM 1615 C CB  . VAL A 1 214 ? -17.899 13.252  -8.475  1.00 30.00 ? 536 VAL A CB  1 
ATOM 1616 C CG1 . VAL A 1 214 ? -17.474 13.392  -7.005  1.00 30.00 ? 536 VAL A CG1 1 
ATOM 1617 C CG2 . VAL A 1 214 ? -18.763 14.444  -8.905  1.00 30.00 ? 536 VAL A CG2 1 
ATOM 1618 N N   . VAL A 1 215 ? -14.811 14.084  -8.401  1.00 30.00 ? 537 VAL A N   1 
ATOM 1619 C CA  . VAL A 1 215 ? -13.980 15.162  -7.969  1.00 30.00 ? 537 VAL A CA  1 
ATOM 1620 C C   . VAL A 1 215 ? -12.983 15.584  -8.975  1.00 30.00 ? 537 VAL A C   1 
ATOM 1621 O O   . VAL A 1 215 ? -13.301 16.735  -9.243  1.00 30.00 ? 537 VAL A O   1 
ATOM 1622 C CB  . VAL A 1 215 ? -13.516 15.105  -6.537  1.00 30.00 ? 537 VAL A CB  1 
ATOM 1623 C CG1 . VAL A 1 215 ? -14.640 15.647  -5.653  1.00 30.00 ? 537 VAL A CG1 1 
ATOM 1624 C CG2 . VAL A 1 215 ? -13.080 13.704  -6.128  1.00 30.00 ? 537 VAL A CG2 1 
ATOM 1625 N N   . ASP A 1 216 ? -12.001 14.794  -9.507  1.00 30.00 ? 538 ASP A N   1 
ATOM 1626 C CA  . ASP A 1 216 ? -10.979 15.302  -10.493 1.00 30.00 ? 538 ASP A CA  1 
ATOM 1627 C C   . ASP A 1 216 ? -9.472  15.137  -10.127 1.00 30.00 ? 538 ASP A C   1 
ATOM 1628 O O   . ASP A 1 216 ? -9.089  14.441  -9.190  1.00 30.00 ? 538 ASP A O   1 
ATOM 1629 C CB  . ASP A 1 216 ? -11.140 16.827  -10.730 1.00 30.00 ? 538 ASP A CB  1 
ATOM 1630 C CG  . ASP A 1 216 ? -10.940 17.531  -9.348  1.00 30.00 ? 538 ASP A CG  1 
ATOM 1631 O OD1 . ASP A 1 216 ? -10.689 16.857  -8.317  1.00 30.00 ? 538 ASP A OD1 1 
ATOM 1632 O OD2 . ASP A 1 216 ? -11.243 18.724  -9.273  1.00 30.00 ? 538 ASP A OD2 1 
ATOM 1633 N N   . GLY A 1 217 ? -8.693  16.054  -10.739 1.00 30.00 ? 539 GLY A N   1 
ATOM 1634 C CA  . GLY A 1 217 ? -7.260  16.276  -10.518 1.00 30.00 ? 539 GLY A CA  1 
ATOM 1635 C C   . GLY A 1 217 ? -6.980  17.186  -9.318  1.00 30.00 ? 539 GLY A C   1 
ATOM 1636 O O   . GLY A 1 217 ? -5.980  16.986  -8.638  1.00 30.00 ? 539 GLY A O   1 
ATOM 1637 N N   . ALA A 1 218 ? -7.856  18.158  -9.051  1.00 30.00 ? 540 ALA A N   1 
ATOM 1638 C CA  . ALA A 1 218 ? -7.671  19.085  -7.917  1.00 30.00 ? 540 ALA A CA  1 
ATOM 1639 C C   . ALA A 1 218 ? -7.725  18.337  -6.579  1.00 30.00 ? 540 ALA A C   1 
ATOM 1640 O O   . ALA A 1 218 ? -6.818  18.440  -5.753  1.00 30.00 ? 540 ALA A O   1 
ATOM 1641 C CB  . ALA A 1 218 ? -8.749  20.171  -7.930  1.00 30.00 ? 540 ALA A CB  1 
ATOM 1642 N N   . VAL A 1 219 ? -8.721  17.464  -6.468  1.00 30.00 ? 541 VAL A N   1 
ATOM 1643 C CA  . VAL A 1 219 ? -8.917  16.625  -5.270  1.00 30.00 ? 541 VAL A CA  1 
ATOM 1644 C C   . VAL A 1 219 ? -7.784  15.604  -5.131  1.00 30.00 ? 541 VAL A C   1 
ATOM 1645 O O   . VAL A 1 219 ? -7.349  15.297  -4.023  1.00 30.00 ? 541 VAL A O   1 
ATOM 1646 C CB  . VAL A 1 219 ? -10.275 15.923  -5.341  1.00 30.00 ? 541 VAL A CB  1 
ATOM 1647 C CG1 . VAL A 1 219 ? -10.494 14.979  -4.149  1.00 30.00 ? 541 VAL A CG1 1 
ATOM 1648 C CG2 . VAL A 1 219 ? -11.348 17.012  -5.333  1.00 30.00 ? 541 VAL A CG2 1 
ATOM 1649 N N   . GLY A 1 220 ? -7.325  15.116  -6.288  1.00 30.00 ? 542 GLY A N   1 
ATOM 1650 C CA  . GLY A 1 220 ? -6.245  14.117  -6.341  1.00 30.00 ? 542 GLY A CA  1 
ATOM 1651 C C   . GLY A 1 220 ? -4.919  14.711  -5.846  1.00 30.00 ? 542 GLY A C   1 
ATOM 1652 O O   . GLY A 1 220 ? -4.197  14.101  -5.056  1.00 30.00 ? 542 GLY A O   1 
ATOM 1653 N N   . ALA A 1 221 ? -4.657  15.944  -6.275  1.00 30.00 ? 543 ALA A N   1 
ATOM 1654 C CA  . ALA A 1 221 ? -3.428  16.672  -5.914  1.00 30.00 ? 543 ALA A CA  1 
ATOM 1655 C C   . ALA A 1 221 ? -3.418  17.048  -4.430  1.00 30.00 ? 543 ALA A C   1 
ATOM 1656 O O   . ALA A 1 221 ? -2.400  16.909  -3.755  1.00 30.00 ? 543 ALA A O   1 
ATOM 1657 C CB  . ALA A 1 221 ? -3.309  17.940  -6.757  1.00 30.00 ? 543 ALA A CB  1 
ATOM 1658 N N   . GLN A 1 222 ? -4.590  17.441  -3.932  1.00 30.00 ? 544 GLN A N   1 
ATOM 1659 C CA  . GLN A 1 222 ? -4.759  17.828  -2.522  1.00 30.00 ? 544 GLN A CA  1 
ATOM 1660 C C   . GLN A 1 222 ? -4.505  16.625  -1.606  1.00 30.00 ? 544 GLN A C   1 
ATOM 1661 O O   . GLN A 1 222 ? -3.869  16.761  -0.566  1.00 30.00 ? 544 GLN A O   1 
ATOM 1662 C CB  . GLN A 1 222 ? -6.181  18.347  -2.308  1.00 30.00 ? 544 GLN A CB  1 
ATOM 1663 C CG  . GLN A 1 222 ? -6.360  18.898  -0.892  1.00 30.00 ? 544 GLN A CG  1 
ATOM 1664 C CD  . GLN A 1 222 ? -7.780  19.409  -0.677  1.00 30.00 ? 544 GLN A CD  1 
ATOM 1665 O OE1 . GLN A 1 222 ? -8.766  18.724  -0.911  1.00 30.00 ? 544 GLN A OE1 1 
ATOM 1666 N NE2 . GLN A 1 222 ? -7.868  20.643  -0.224  1.00 30.00 ? 544 GLN A NE2 1 
ATOM 1667 N N   . TRP A 1 223 ? -4.920  15.454  -2.077  1.00 30.00 ? 545 TRP A N   1 
ATOM 1668 C CA  . TRP A 1 223 ? -4.756  14.194  -1.341  1.00 30.00 ? 545 TRP A CA  1 
ATOM 1669 C C   . TRP A 1 223 ? -3.274  13.861  -1.142  1.00 30.00 ? 545 TRP A C   1 
ATOM 1670 O O   . TRP A 1 223 ? -2.816  13.610  -0.028  1.00 30.00 ? 545 TRP A O   1 
ATOM 1671 C CB  . TRP A 1 223 ? -5.458  13.075  -2.115  1.00 30.00 ? 545 TRP A CB  1 
ATOM 1672 C CG  . TRP A 1 223 ? -5.284  11.728  -1.419  1.00 30.00 ? 545 TRP A CG  1 
ATOM 1673 C CD1 . TRP A 1 223 ? -4.407  10.777  -1.713  1.00 30.00 ? 545 TRP A CD1 1 
ATOM 1674 C CD2 . TRP A 1 223 ? -5.995  11.286  -0.330  1.00 30.00 ? 545 TRP A CD2 1 
ATOM 1675 N NE1 . TRP A 1 223 ? -4.540  9.763   -0.858  1.00 30.00 ? 545 TRP A NE1 1 
ATOM 1676 C CE2 . TRP A 1 223 ? -5.498  10.038  0.015   1.00 30.00 ? 545 TRP A CE2 1 
ATOM 1677 C CE3 . TRP A 1 223 ? -6.935  11.893  0.460   1.00 30.00 ? 545 TRP A CE3 1 
ATOM 1678 C CZ2 . TRP A 1 223 ? -5.927  9.362   1.151   1.00 30.00 ? 545 TRP A CZ2 1 
ATOM 1679 C CZ3 . TRP A 1 223 ? -7.279  11.203  1.595   1.00 30.00 ? 545 TRP A CZ3 1 
ATOM 1680 C CH2 . TRP A 1 223 ? -6.841  9.965   1.979   1.00 30.00 ? 545 TRP A CH2 1 
ATOM 1681 N N   . LEU A 1 224 ? -2.527  13.970  -2.230  1.00 30.00 ? 546 LEU A N   1 
ATOM 1682 C CA  . LEU A 1 224 ? -1.084  13.735  -2.188  1.00 30.00 ? 546 LEU A CA  1 
ATOM 1683 C C   . LEU A 1 224 ? -0.320  14.811  -1.428  1.00 30.00 ? 546 LEU A C   1 
ATOM 1684 O O   . LEU A 1 224 ? 0.635   14.513  -0.718  1.00 30.00 ? 546 LEU A O   1 
ATOM 1685 C CB  . LEU A 1 224 ? -0.599  13.736  -3.607  1.00 30.00 ? 546 LEU A CB  1 
ATOM 1686 C CG  . LEU A 1 224 ? -1.123  12.571  -4.407  1.00 30.00 ? 546 LEU A CG  1 
ATOM 1687 C CD1 . LEU A 1 224 ? -0.382  12.878  -5.686  1.00 30.00 ? 546 LEU A CD1 1 
ATOM 1688 C CD2 . LEU A 1 224 ? -0.834  11.176  -3.833  1.00 30.00 ? 546 LEU A CD2 1 
ATOM 1689 N N   . ALA A 1 225 ? -0.804  16.042  -1.550  1.00 30.00 ? 547 ALA A N   1 
ATOM 1690 C CA  . ALA A 1 225 ? -0.203  17.197  -0.863  1.00 30.00 ? 547 ALA A CA  1 
ATOM 1691 C C   . ALA A 1 225 ? -0.323  17.039  0.657   1.00 30.00 ? 547 ALA A C   1 
ATOM 1692 O O   . ALA A 1 225 ? 0.638   17.245  1.397   1.00 30.00 ? 547 ALA A O   1 
ATOM 1693 C CB  . ALA A 1 225 ? -0.906  18.482  -1.297  1.00 30.00 ? 547 ALA A CB  1 
ATOM 1694 N N   . GLU A 1 226 ? -1.488  16.565  1.086   1.00 30.00 ? 548 GLU A N   1 
ATOM 1695 C CA  . GLU A 1 226 ? -1.759  16.316  2.510   1.00 30.00 ? 548 GLU A CA  1 
ATOM 1696 C C   . GLU A 1 226 ? -0.992  15.085  2.992   1.00 30.00 ? 548 GLU A C   1 
ATOM 1697 O O   . GLU A 1 226 ? -0.436  15.086  4.085   1.00 30.00 ? 548 GLU A O   1 
ATOM 1698 C CB  . GLU A 1 226 ? -3.244  16.076  2.739   1.00 30.00 ? 548 GLU A CB  1 
ATOM 1699 C CG  . GLU A 1 226 ? -4.084  17.288  2.334   1.00 30.00 ? 548 GLU A CG  1 
ATOM 1700 C CD  . GLU A 1 226 ? -5.572  17.063  2.590   1.00 30.00 ? 548 GLU A CD  1 
ATOM 1701 O OE1 . GLU A 1 226 ? -6.002  15.886  2.608   1.00 30.00 ? 548 GLU A OE1 1 
ATOM 1702 O OE2 . GLU A 1 226 ? -6.249  18.091  2.798   1.00 30.00 ? 548 GLU A OE2 1 
ATOM 1703 N N   . PHE A 1 227 ? -0.897  14.090  2.114   1.00 30.00 ? 549 PHE A N   1 
ATOM 1704 C CA  . PHE A 1 227 ? -0.130  12.868  2.397   1.00 30.00 ? 549 PHE A CA  1 
ATOM 1705 C C   . PHE A 1 227 ? 1.358   13.198  2.559   1.00 30.00 ? 549 PHE A C   1 
ATOM 1706 O O   . PHE A 1 227 ? 2.051   12.603  3.385   1.00 30.00 ? 549 PHE A O   1 
ATOM 1707 C CB  . PHE A 1 227 ? -0.319  11.865  1.264   1.00 30.00 ? 549 PHE A CB  1 
ATOM 1708 C CG  . PHE A 1 227 ? 0.375   10.556  1.620   1.00 30.00 ? 549 PHE A CG  1 
ATOM 1709 C CD1 . PHE A 1 227 ? -0.254  9.595   2.387   1.00 30.00 ? 549 PHE A CD1 1 
ATOM 1710 C CD2 . PHE A 1 227 ? 1.645   10.306  1.167   1.00 30.00 ? 549 PHE A CD2 1 
ATOM 1711 C CE1 . PHE A 1 227 ? 0.357   8.375   2.642   1.00 30.00 ? 549 PHE A CE1 1 
ATOM 1712 C CE2 . PHE A 1 227 ? 2.233   9.106   1.425   1.00 30.00 ? 549 PHE A CE2 1 
ATOM 1713 C CZ  . PHE A 1 227 ? 1.612   8.103   2.133   1.00 30.00 ? 549 PHE A CZ  1 
ATOM 1714 N N   . ARG A 1 228 ? 1.799   14.188  1.787   1.00 30.00 ? 550 ARG A N   1 
ATOM 1715 C CA  . ARG A 1 228 ? 3.166   14.705  1.860   1.00 30.00 ? 550 ARG A CA  1 
ATOM 1716 C C   . ARG A 1 228 ? 3.347   15.240  3.275   1.00 30.00 ? 550 ARG A C   1 
ATOM 1717 O O   . ARG A 1 228 ? 4.014   14.543  4.039   1.00 30.00 ? 550 ARG A O   1 
ATOM 1718 C CB  . ARG A 1 228 ? 3.377   15.795  0.810   1.00 30.00 ? 550 ARG A CB  1 
ATOM 1719 C CG  . ARG A 1 228 ? 4.819   16.287  0.782   1.00 30.00 ? 550 ARG A CG  1 
ATOM 1720 C CD  . ARG A 1 228 ? 5.030   17.332  -0.305  1.00 30.00 ? 550 ARG A CD  1 
ATOM 1721 N NE  . ARG A 1 228 ? 6.434   17.778  -0.296  1.00 30.00 ? 550 ARG A NE  1 
ATOM 1722 C CZ  . ARG A 1 228 ? 6.930   18.775  0.445   1.00 30.00 ? 550 ARG A CZ  1 
ATOM 1723 N NH1 . ARG A 1 228 ? 6.149   19.452  1.283   1.00 30.00 ? 550 ARG A NH1 1 
ATOM 1724 N NH2 . ARG A 1 228 ? 8.207   19.122  0.330   1.00 30.00 ? 550 ARG A NH2 1 
ATOM 1725 N N   . LYS A 1 229 ? 2.457   16.167  3.657   1.00 30.00 ? 551 LYS A N   1 
ATOM 1726 C CA  . LYS A 1 229 ? 2.481   16.859  4.960   1.00 30.00 ? 551 LYS A CA  1 
ATOM 1727 C C   . LYS A 1 229 ? 2.413   15.892  6.145   1.00 30.00 ? 551 LYS A C   1 
ATOM 1728 O O   . LYS A 1 229 ? 3.100   16.054  7.154   1.00 30.00 ? 551 LYS A O   1 
ATOM 1729 C CB  . LYS A 1 229 ? 1.356   17.884  5.029   1.00 30.00 ? 551 LYS A CB  1 
ATOM 1730 C CG  . LYS A 1 229 ? 1.373   18.649  6.360   1.00 30.00 ? 551 LYS A CG  1 
ATOM 1731 C CD  . LYS A 1 229 ? 0.218   19.641  6.450   1.00 30.00 ? 551 LYS A CD  1 
ATOM 1732 C CE  . LYS A 1 229 ? -1.139  18.937  6.385   1.00 30.00 ? 551 LYS A CE  1 
ATOM 1733 N NZ  . LYS A 1 229 ? -2.229  19.914  6.455   1.00 30.00 ? 551 LYS A NZ  1 
ATOM 1734 N N   . TYR A 1 230 ? 1.613   14.855  5.961   1.00 30.00 ? 552 TYR A N   1 
ATOM 1735 C CA  . TYR A 1 230 ? 1.394   13.853  7.001   1.00 30.00 ? 552 TYR A CA  1 
ATOM 1736 C C   . TYR A 1 230 ? 2.616   13.026  7.332   1.00 30.00 ? 552 TYR A C   1 
ATOM 1737 O O   . TYR A 1 230 ? 2.834   12.639  8.476   1.00 30.00 ? 552 TYR A O   1 
ATOM 1738 C CB  . TYR A 1 230 ? 0.258   12.956  6.550   1.00 30.00 ? 552 TYR A CB  1 
ATOM 1739 C CG  . TYR A 1 230 ? -1.109  13.631  6.678   1.00 30.00 ? 552 TYR A CG  1 
ATOM 1740 C CD1 . TYR A 1 230 ? -1.290  14.693  7.556   1.00 30.00 ? 552 TYR A CD1 1 
ATOM 1741 C CD2 . TYR A 1 230 ? -2.171  13.195  5.895   1.00 30.00 ? 552 TYR A CD2 1 
ATOM 1742 C CE1 . TYR A 1 230 ? -2.508  15.338  7.639   1.00 30.00 ? 552 TYR A CE1 1 
ATOM 1743 C CE2 . TYR A 1 230 ? -3.396  13.841  5.975   1.00 30.00 ? 552 TYR A CE2 1 
ATOM 1744 C CZ  . TYR A 1 230 ? -3.558  14.916  6.841   1.00 30.00 ? 552 TYR A CZ  1 
ATOM 1745 O OH  . TYR A 1 230 ? -4.729  15.598  6.870   1.00 30.00 ? 552 TYR A OH  1 
ATOM 1746 N N   . LEU A 1 231 ? 3.432   12.823  6.315   1.00 30.00 ? 553 LEU A N   1 
ATOM 1747 C CA  . LEU A 1 231 ? 4.575   11.955  6.553   1.00 30.00 ? 553 LEU A CA  1 
ATOM 1748 C C   . LEU A 1 231 ? 5.866   12.743  6.841   1.00 30.00 ? 553 LEU A C   1 
ATOM 1749 O O   . LEU A 1 231 ? 6.740   12.230  7.526   1.00 30.00 ? 553 LEU A O   1 
ATOM 1750 C CB  . LEU A 1 231 ? 4.496   10.818  5.530   1.00 30.00 ? 553 LEU A CB  1 
ATOM 1751 C CG  . LEU A 1 231 ? 5.555   9.707   5.665   1.00 30.00 ? 553 LEU A CG  1 
ATOM 1752 C CD1 . LEU A 1 231 ? 5.192   8.663   4.612   1.00 30.00 ? 553 LEU A CD1 1 
ATOM 1753 C CD2 . LEU A 1 231 ? 7.066   9.969   5.901   1.00 30.00 ? 553 LEU A CD2 1 
ATOM 1754 N N   . GLU A 1 232 ? 5.930   14.037  6.518   1.00 30.00 ? 554 GLU A N   1 
ATOM 1755 C CA  . GLU A 1 232 ? 7.046   14.862  7.037   1.00 30.00 ? 554 GLU A CA  1 
ATOM 1756 C C   . GLU A 1 232 ? 6.942   14.947  8.565   1.00 30.00 ? 554 GLU A C   1 
ATOM 1757 O O   . GLU A 1 232 ? 7.942   14.870  9.277   1.00 30.00 ? 554 GLU A O   1 
ATOM 1758 C CB  . GLU A 1 232 ? 7.089   16.294  6.506   1.00 30.00 ? 554 GLU A CB  1 
ATOM 1759 C CG  . GLU A 1 232 ? 7.417   16.371  5.011   1.00 30.00 ? 554 GLU A CG  1 
ATOM 1760 C CD  . GLU A 1 232 ? 6.181   16.139  4.172   1.00 30.00 ? 554 GLU A CD  1 
ATOM 1761 O OE1 . GLU A 1 232 ? 5.155   16.616  4.684   1.00 30.00 ? 554 GLU A OE1 1 
ATOM 1762 O OE2 . GLU A 1 232 ? 6.321   15.512  3.100   1.00 30.00 ? 554 GLU A OE2 1 
ATOM 1763 N N   . LYS A 1 233 ? 5.703   15.116  9.018   1.00 30.00 ? 555 LYS A N   1 
ATOM 1764 C CA  . LYS A 1 233 ? 5.376   15.193  10.443  1.00 30.00 ? 555 LYS A CA  1 
ATOM 1765 C C   . LYS A 1 233 ? 4.244   14.207  10.739  1.00 30.00 ? 555 LYS A C   1 
ATOM 1766 O O   . LYS A 1 233 ? 3.076   14.582  10.702  1.00 30.00 ? 555 LYS A O   1 
ATOM 1767 C CB  . LYS A 1 233 ? 4.993   16.621  10.839  1.00 30.00 ? 555 LYS A CB  1 
ATOM 1768 C CG  . LYS A 1 233 ? 6.157   17.584  10.623  1.00 30.00 ? 555 LYS A CG  1 
ATOM 1769 C CD  . LYS A 1 233 ? 5.761   18.990  11.055  1.00 30.00 ? 555 LYS A CD  1 
ATOM 1770 C CE  . LYS A 1 233 ? 6.927   19.956  10.868  1.00 30.00 ? 555 LYS A CE  1 
ATOM 1771 N NZ  . LYS A 1 233 ? 6.557   21.304  11.316  1.00 30.00 ? 555 LYS A NZ  1 
ATOM 1772 N N   . PRO A 1 234 ? 4.610   12.973  11.102  1.00 30.00 ? 556 PRO A N   1 
ATOM 1773 C CA  . PRO A 1 234 ? 3.649   11.905  11.444  1.00 30.00 ? 556 PRO A CA  1 
ATOM 1774 C C   . PRO A 1 234 ? 2.815   12.267  12.678  1.00 30.00 ? 556 PRO A C   1 
ATOM 1775 O O   . PRO A 1 234 ? 1.728   11.739  12.891  1.00 30.00 ? 556 PRO A O   1 
ATOM 1776 C CB  . PRO A 1 234 ? 4.528   10.685  11.708  1.00 30.00 ? 556 PRO A CB  1 
ATOM 1777 C CG  . PRO A 1 234 ? 5.830   11.286  12.231  1.00 30.00 ? 556 PRO A CG  1 
ATOM 1778 C CD  . PRO A 1 234 ? 5.993   12.549  11.390  1.00 30.00 ? 556 PRO A CD  1 
ATOM 1779 N N   . ILE A 1 235 ? 3.341   13.185  13.487  1.00 30.00 ? 557 ILE A N   1 
ATOM 1780 C CA  . ILE A 1 235 ? 2.663   13.686  14.699  1.00 30.00 ? 557 ILE A CA  1 
ATOM 1781 C C   . ILE A 1 235 ? 1.305   14.311  14.346  1.00 30.00 ? 557 ILE A C   1 
ATOM 1782 O O   . ILE A 1 235 ? 0.405   14.373  15.183  1.00 30.00 ? 557 ILE A O   1 
ATOM 1783 C CB  . ILE A 1 235 ? 3.550   14.704  15.435  1.00 30.00 ? 557 ILE A CB  1 
ATOM 1784 C CG1 . ILE A 1 235 ? 4.879   14.052  15.844  1.00 30.00 ? 557 ILE A CG1 1 
ATOM 1785 C CG2 . ILE A 1 235 ? 2.819   15.290  16.662  1.00 30.00 ? 557 ILE A CG2 1 
ATOM 1786 C CD1 . ILE A 1 235 ? 5.841   15.014  16.557  1.00 30.00 ? 557 ILE A CD1 1 
ATOM 1787 N N   . THR A 1 236 ? 1.185   14.794  13.116  1.00 30.00 ? 558 THR A N   1 
ATOM 1788 C CA  . THR A 1 236 ? -0.075  15.377  12.623  1.00 30.00 ? 558 THR A CA  1 
ATOM 1789 C C   . THR A 1 236 ? -1.212  14.346  12.640  1.00 30.00 ? 558 THR A C   1 
ATOM 1790 O O   . THR A 1 236 ? -2.375  14.706  12.770  1.00 30.00 ? 558 THR A O   1 
ATOM 1791 C CB  . THR A 1 236 ? 0.089   15.921  11.203  1.00 30.00 ? 558 THR A CB  1 
ATOM 1792 O OG1 . THR A 1 236 ? 0.453   14.850  10.333  1.00 30.00 ? 558 THR A OG1 1 
ATOM 1793 C CG2 . THR A 1 236 ? 1.112   17.061  11.164  1.00 30.00 ? 558 THR A CG2 1 
ATOM 1794 N N   . MET A 1 237 ? -0.837  13.073  12.561  1.00 30.00 ? 559 MET A N   1 
ATOM 1795 C CA  . MET A 1 237 ? -1.785  11.949  12.661  1.00 30.00 ? 559 MET A CA  1 
ATOM 1796 C C   . MET A 1 237 ? -2.396  11.866  14.063  1.00 30.00 ? 559 MET A C   1 
ATOM 1797 O O   . MET A 1 237 ? -3.572  11.569  14.239  1.00 30.00 ? 559 MET A O   1 
ATOM 1798 C CB  . MET A 1 237 ? -1.070  10.637  12.336  1.00 30.00 ? 559 MET A CB  1 
ATOM 1799 C CG  . MET A 1 237 ? -0.581  10.600  10.888  1.00 30.00 ? 559 MET A CG  1 
ATOM 1800 S SD  . MET A 1 237 ? -1.951  10.782  9.693   1.00 30.00 ? 559 MET A SD  1 
ATOM 1801 C CE  . MET A 1 237 ? -1.035  10.519  8.201   1.00 30.00 ? 559 MET A CE  1 
ATOM 1802 N N   . LEU A 1 238 ? -1.580  12.191  15.060  1.00 30.00 ? 560 LEU A N   1 
ATOM 1803 C CA  . LEU A 1 238 ? -2.020  12.217  16.465  1.00 30.00 ? 560 LEU A CA  1 
ATOM 1804 C C   . LEU A 1 238 ? -3.107  13.263  16.719  1.00 30.00 ? 560 LEU A C   1 
ATOM 1805 O O   . LEU A 1 238 ? -3.948  13.095  17.597  1.00 30.00 ? 560 LEU A O   1 
ATOM 1806 C CB  . LEU A 1 238 ? -0.825  12.495  17.381  1.00 30.00 ? 560 LEU A CB  1 
ATOM 1807 C CG  . LEU A 1 238 ? 0.238   11.395  17.288  1.00 30.00 ? 560 LEU A CG  1 
ATOM 1808 C CD1 . LEU A 1 238 ? 1.434   11.753  18.169  1.00 30.00 ? 560 LEU A CD1 1 
ATOM 1809 C CD2 . LEU A 1 238 ? -0.336  10.037  17.702  1.00 30.00 ? 560 LEU A CD2 1 
ATOM 1810 N N   . LEU A 1 239 ? -3.059  14.320  15.917  1.00 30.00 ? 561 LEU A N   1 
ATOM 1811 C CA  . LEU A 1 239 ? -3.987  15.444  16.052  1.00 30.00 ? 561 LEU A CA  1 
ATOM 1812 C C   . LEU A 1 239 ? -4.997  15.383  14.892  1.00 30.00 ? 561 LEU A C   1 
ATOM 1813 O O   . LEU A 1 239 ? -6.180  15.135  15.204  1.00 30.00 ? 561 LEU A O   1 
ATOM 1814 C CB  . LEU A 1 239 ? -3.169  16.744  16.074  1.00 30.00 ? 561 LEU A CB  1 
ATOM 1815 C CG  . LEU A 1 239 ? -4.001  17.979  16.456  1.00 30.00 ? 561 LEU A CG  1 
ATOM 1816 C CD1 . LEU A 1 239 ? -3.088  19.198  16.560  1.00 30.00 ? 561 LEU A CD1 1 
ATOM 1817 C CD2 . LEU A 1 239 ? -5.114  18.334  15.462  1.00 30.00 ? 561 LEU A CD2 1 
ATOM 1818 O OXT . LEU A 1 239 ? -4.615  15.830  13.786  1.00 30.00 ? 561 LEU A OXT 1 
# 
